data_5K50
#
_entry.id   5K50
#
_cell.length_a   133.030
_cell.length_b   273.060
_cell.length_c   55.800
_cell.angle_alpha   90.000
_cell.angle_beta   90.000
_cell.angle_gamma   90.000
#
_symmetry.space_group_name_H-M   'P 21 21 2'
#
loop_
_entity.id
_entity.type
_entity.pdbx_description
1 polymer 'L-threonine 3-dehydrogenase'
2 non-polymer NICOTINAMIDE-ADENINE-DINUCLEOTIDE
3 non-polymer GLYCEROL
4 non-polymer 'ACETATE ION'
5 non-polymer ALLO-THREONINE
6 water water
#
_entity_poly.entity_id   1
_entity_poly.type   'polypeptide(L)'
_entity_poly.pdbx_seq_one_letter_code
;PRVLVTGALGQIGTDLSLALRDKFGADSVLVSDVVEPGAKHPLAGLKGVEKLDCLDSNGFEKLVKEFKPTWMYHLPAIMS
VRGEAEPDLAMDINVNTTRYALELARKYNIRIFIPSTIAAFGDKCGKTMTKDDTIMNPSTVYGVTKVYTELLGTWYRQKY
GVDFRSVRLPGIISAATLPGGGATDYAIHMYHSALLQKKCVCPVLPYESLPMMYMPDTLNSLVKIMEAPLEKLTRTVYNI
TGFSFSPSELRFSIERCTDRTIEVEYVEGPAQKIANSWPDSLDDSNARNDWGHQVKYDIDMMSEDMLRQIPILHGLPSL
;
_entity_poly.pdbx_strand_id   A,C,E,G,I,J
#
# COMPACT_ATOMS: atom_id res chain seq x y z
N PRO A 1 -0.41 -4.97 -4.08
CA PRO A 1 -0.40 -4.59 -2.63
C PRO A 1 -1.19 -3.32 -2.35
N ARG A 2 -2.27 -3.44 -1.58
CA ARG A 2 -2.94 -2.26 -1.05
C ARG A 2 -2.71 -2.16 0.47
N VAL A 3 -2.16 -1.01 0.90
CA VAL A 3 -1.55 -0.88 2.23
C VAL A 3 -2.27 0.13 3.08
N LEU A 4 -2.80 -0.30 4.22
CA LEU A 4 -3.36 0.61 5.23
C LEU A 4 -2.38 0.74 6.37
N VAL A 5 -1.96 2.00 6.63
CA VAL A 5 -1.25 2.43 7.84
C VAL A 5 -2.21 3.10 8.83
N THR A 6 -2.14 2.71 10.09
CA THR A 6 -2.85 3.38 11.17
C THR A 6 -1.87 4.09 12.12
N GLY A 7 -2.35 5.07 12.88
CA GLY A 7 -1.46 5.90 13.69
C GLY A 7 -0.36 6.45 12.78
N ALA A 8 -0.76 6.78 11.56
CA ALA A 8 0.21 7.07 10.51
C ALA A 8 0.82 8.46 10.58
N LEU A 9 0.27 9.35 11.43
CA LEU A 9 0.79 10.72 11.47
C LEU A 9 1.97 10.92 12.42
N GLY A 10 2.45 9.84 13.03
CA GLY A 10 3.46 9.93 14.10
C GLY A 10 4.88 9.86 13.60
N GLN A 11 5.80 9.57 14.51
CA GLN A 11 7.23 9.54 14.15
C GLN A 11 7.46 8.59 12.97
N ILE A 12 7.28 7.30 13.20
CA ILE A 12 7.49 6.26 12.21
C ILE A 12 6.55 6.43 11.03
N GLY A 13 5.27 6.66 11.38
CA GLY A 13 4.16 6.62 10.44
C GLY A 13 4.30 7.60 9.31
N THR A 14 4.81 8.80 9.63
CA THR A 14 5.08 9.88 8.67
C THR A 14 6.07 9.51 7.57
N ASP A 15 7.27 9.04 7.93
CA ASP A 15 8.27 8.61 6.92
C ASP A 15 7.88 7.34 6.17
N LEU A 16 7.37 6.34 6.87
CA LEU A 16 6.85 5.11 6.25
C LEU A 16 5.73 5.37 5.26
N SER A 17 4.81 6.28 5.60
CA SER A 17 3.71 6.68 4.72
C SER A 17 4.20 7.30 3.40
N LEU A 18 5.23 8.14 3.47
CA LEU A 18 5.80 8.67 2.25
C LEU A 18 6.46 7.54 1.48
N ALA A 19 7.33 6.77 2.13
CA ALA A 19 8.05 5.68 1.44
C ALA A 19 7.09 4.73 0.76
N LEU A 20 6.09 4.24 1.51
CA LEU A 20 5.01 3.43 0.92
C LEU A 20 4.30 4.04 -0.28
N ARG A 21 3.93 5.33 -0.19
CA ARG A 21 3.23 6.01 -1.29
C ARG A 21 4.09 6.13 -2.55
N ASP A 22 5.33 6.57 -2.37
CA ASP A 22 6.36 6.62 -3.41
C ASP A 22 6.57 5.32 -4.15
N LYS A 23 6.39 4.21 -3.45
CA LYS A 23 6.83 2.92 -3.97
C LYS A 23 5.66 2.06 -4.52
N PHE A 24 4.48 2.25 -3.97
CA PHE A 24 3.32 1.47 -4.38
C PHE A 24 2.24 2.33 -5.05
N GLY A 25 2.37 3.64 -4.97
CA GLY A 25 1.44 4.59 -5.58
C GLY A 25 0.43 5.13 -4.58
N ALA A 26 0.24 6.44 -4.60
CA ALA A 26 -0.78 7.08 -3.79
C ALA A 26 -2.03 6.23 -3.64
N ASP A 27 -2.56 5.74 -4.75
CA ASP A 27 -3.92 5.14 -4.76
C ASP A 27 -3.97 3.76 -4.10
N SER A 28 -2.81 3.13 -4.02
CA SER A 28 -2.70 1.85 -3.37
C SER A 28 -2.44 1.99 -1.84
N VAL A 29 -2.31 3.23 -1.33
CA VAL A 29 -1.96 3.49 0.08
C VAL A 29 -2.92 4.42 0.86
N LEU A 30 -3.40 3.94 2.01
CA LEU A 30 -4.31 4.71 2.88
C LEU A 30 -3.79 4.87 4.34
N VAL A 31 -3.63 6.12 4.77
CA VAL A 31 -2.95 6.36 6.03
C VAL A 31 -3.92 7.03 6.98
N SER A 32 -4.04 6.46 8.17
CA SER A 32 -5.01 6.98 9.13
C SER A 32 -4.41 7.20 10.50
N ASP A 33 -5.14 7.99 11.28
CA ASP A 33 -4.69 8.42 12.59
C ASP A 33 -5.88 9.11 13.21
N VAL A 34 -5.94 9.10 14.53
CA VAL A 34 -6.99 9.79 15.24
C VAL A 34 -6.84 11.32 15.07
N VAL A 35 -5.64 11.79 14.71
CA VAL A 35 -5.42 13.22 14.50
C VAL A 35 -5.31 13.53 13.00
N GLU A 36 -5.53 14.80 12.64
CA GLU A 36 -5.32 15.31 11.29
C GLU A 36 -3.91 15.95 11.23
N PRO A 37 -3.30 16.01 10.02
CA PRO A 37 -1.97 16.61 9.94
C PRO A 37 -1.94 18.10 10.29
N GLY A 38 -0.89 18.53 11.00
CA GLY A 38 -0.58 19.95 11.15
C GLY A 38 -0.31 20.62 9.79
N ALA A 39 -0.60 21.92 9.68
CA ALA A 39 -0.47 22.63 8.40
C ALA A 39 0.95 22.56 7.82
N LYS A 40 1.95 22.44 8.69
CA LYS A 40 3.31 22.16 8.24
C LYS A 40 3.75 20.70 8.48
N HIS A 41 2.81 19.76 8.37
CA HIS A 41 3.09 18.32 8.45
C HIS A 41 3.30 17.84 7.01
N PRO A 42 4.17 16.85 6.77
CA PRO A 42 4.39 16.33 5.39
C PRO A 42 3.17 15.77 4.64
N LEU A 43 2.17 15.27 5.35
CA LEU A 43 1.04 14.65 4.69
C LEU A 43 -0.15 15.61 4.61
N ALA A 44 0.02 16.82 5.15
CA ALA A 44 -0.99 17.88 5.06
C ALA A 44 -1.43 18.15 3.62
N GLY A 45 -2.74 18.33 3.45
CA GLY A 45 -3.35 18.54 2.14
C GLY A 45 -3.04 17.48 1.10
N LEU A 46 -2.90 16.23 1.52
CA LEU A 46 -2.78 15.13 0.56
C LEU A 46 -4.09 14.37 0.49
N LYS A 47 -4.15 13.43 -0.44
CA LYS A 47 -5.27 12.54 -0.61
C LYS A 47 -4.86 11.17 -0.07
N GLY A 48 -5.84 10.36 0.31
CA GLY A 48 -5.56 9.10 1.02
C GLY A 48 -5.01 9.29 2.44
N VAL A 49 -5.48 10.36 3.10
CA VAL A 49 -5.13 10.64 4.50
C VAL A 49 -6.44 10.68 5.22
N GLU A 50 -6.67 9.71 6.08
CA GLU A 50 -7.96 9.59 6.77
C GLU A 50 -7.82 9.82 8.27
N LYS A 51 -8.94 10.16 8.87
CA LYS A 51 -9.02 10.33 10.29
C LYS A 51 -9.81 9.15 10.83
N LEU A 52 -9.15 8.34 11.64
CA LEU A 52 -9.81 7.19 12.30
C LEU A 52 -9.28 6.98 13.73
N ASP A 53 -10.18 6.76 14.68
CA ASP A 53 -9.77 6.33 16.05
C ASP A 53 -9.86 4.80 16.12
N CYS A 54 -8.74 4.13 16.33
CA CYS A 54 -8.72 2.67 16.25
C CYS A 54 -9.44 2.00 17.43
N LEU A 55 -9.76 2.75 18.47
CA LEU A 55 -10.59 2.16 19.52
C LEU A 55 -12.04 2.04 19.04
N ASP A 56 -12.39 2.73 17.95
CA ASP A 56 -13.75 2.60 17.37
C ASP A 56 -13.77 1.40 16.38
N SER A 57 -14.10 0.24 16.93
CA SER A 57 -14.29 -1.01 16.23
C SER A 57 -15.08 -0.96 14.93
N ASN A 58 -16.30 -0.45 14.96
CA ASN A 58 -17.12 -0.27 13.75
C ASN A 58 -16.33 0.48 12.71
N GLY A 59 -15.94 1.70 13.07
CA GLY A 59 -15.28 2.65 12.15
C GLY A 59 -14.01 2.13 11.51
N PHE A 60 -13.26 1.36 12.27
CA PHE A 60 -12.11 0.64 11.80
C PHE A 60 -12.56 -0.30 10.66
N GLU A 61 -13.56 -1.12 10.92
CA GLU A 61 -14.08 -2.10 9.96
C GLU A 61 -14.64 -1.44 8.71
N LYS A 62 -15.54 -0.47 8.89
CA LYS A 62 -15.95 0.48 7.84
C LYS A 62 -14.83 0.90 6.87
N LEU A 63 -13.74 1.44 7.41
CA LEU A 63 -12.64 1.93 6.57
C LEU A 63 -11.92 0.79 5.85
N VAL A 64 -11.87 -0.39 6.48
CA VAL A 64 -11.27 -1.59 5.87
C VAL A 64 -12.14 -2.15 4.72
N LYS A 65 -13.44 -2.22 4.93
CA LYS A 65 -14.36 -2.59 3.84
C LYS A 65 -14.34 -1.57 2.67
N GLU A 66 -14.32 -0.27 2.97
CA GLU A 66 -14.22 0.75 1.91
C GLU A 66 -12.90 0.62 1.09
N PHE A 67 -11.79 0.34 1.78
CA PHE A 67 -10.43 0.29 1.16
C PHE A 67 -10.00 -1.13 0.71
N LYS A 68 -10.60 -2.16 1.29
CA LYS A 68 -10.25 -3.55 0.97
C LYS A 68 -8.74 -3.80 0.90
N PRO A 69 -8.00 -3.62 2.01
CA PRO A 69 -6.54 -3.73 1.92
C PRO A 69 -6.03 -5.17 1.98
N THR A 70 -4.81 -5.33 1.54
CA THR A 70 -4.09 -6.60 1.58
C THR A 70 -2.98 -6.56 2.65
N TRP A 71 -2.49 -5.36 2.96
CA TRP A 71 -1.43 -5.10 3.92
C TRP A 71 -1.94 -4.08 4.95
N MET A 72 -1.41 -4.17 6.17
CA MET A 72 -1.67 -3.18 7.23
C MET A 72 -0.40 -3.02 8.08
N TYR A 73 0.03 -1.79 8.29
CA TYR A 73 0.99 -1.54 9.35
C TYR A 73 0.17 -0.88 10.43
N HIS A 74 0.16 -1.49 11.60
CA HIS A 74 -0.62 -0.98 12.70
C HIS A 74 0.33 -0.33 13.74
N LEU A 75 0.39 1.00 13.72
CA LEU A 75 1.38 1.71 14.51
C LEU A 75 0.95 2.35 15.83
N PRO A 76 -0.34 2.50 16.11
CA PRO A 76 -0.61 3.32 17.29
C PRO A 76 -0.21 2.61 18.58
N ALA A 77 0.46 3.36 19.47
CA ALA A 77 0.86 2.86 20.77
C ALA A 77 1.19 4.02 21.70
N ILE A 78 1.00 3.79 23.00
CA ILE A 78 1.43 4.74 24.02
C ILE A 78 2.77 4.20 24.50
N MET A 79 3.82 5.00 24.43
CA MET A 79 5.17 4.54 24.66
C MET A 79 5.64 4.74 26.13
N SER A 80 6.93 4.56 26.39
CA SER A 80 7.37 4.21 27.76
C SER A 80 7.11 5.28 28.83
N VAL A 81 7.68 6.45 28.63
CA VAL A 81 7.59 7.51 29.59
C VAL A 81 6.15 7.91 29.76
N ARG A 82 5.48 8.22 28.67
CA ARG A 82 4.07 8.55 28.71
C ARG A 82 3.22 7.46 29.31
N GLY A 83 3.54 6.21 29.04
CA GLY A 83 2.80 5.05 29.60
C GLY A 83 2.83 4.90 31.13
N GLU A 84 3.95 5.21 31.76
CA GLU A 84 4.08 5.09 33.18
C GLU A 84 3.22 6.16 33.87
N ALA A 85 3.08 7.30 33.22
CA ALA A 85 2.26 8.38 33.74
C ALA A 85 0.77 8.19 33.46
N GLU A 86 0.45 7.47 32.39
CA GLU A 86 -0.94 7.38 31.90
C GLU A 86 -1.19 5.94 31.48
N PRO A 87 -1.07 5.02 32.44
CA PRO A 87 -1.09 3.57 32.15
C PRO A 87 -2.45 3.03 31.71
N ASP A 88 -3.51 3.75 32.02
CA ASP A 88 -4.83 3.33 31.61
C ASP A 88 -5.01 3.59 30.11
N LEU A 89 -4.42 4.67 29.59
CA LEU A 89 -4.43 4.96 28.17
C LEU A 89 -3.51 4.00 27.45
N ALA A 90 -2.36 3.72 28.04
CA ALA A 90 -1.48 2.68 27.52
C ALA A 90 -2.16 1.34 27.33
N MET A 91 -2.79 0.85 28.39
CA MET A 91 -3.47 -0.44 28.34
C MET A 91 -4.67 -0.40 27.39
N ASP A 92 -5.43 0.69 27.38
CA ASP A 92 -6.51 0.84 26.36
C ASP A 92 -5.96 0.81 24.93
N ILE A 93 -5.00 1.68 24.64
CA ILE A 93 -4.55 1.85 23.26
C ILE A 93 -3.79 0.63 22.80
N ASN A 94 -2.82 0.19 23.61
CA ASN A 94 -1.91 -0.86 23.17
C ASN A 94 -2.55 -2.26 23.19
N VAL A 95 -3.58 -2.48 24.01
CA VAL A 95 -4.17 -3.82 24.10
C VAL A 95 -5.35 -3.94 23.16
N ASN A 96 -6.27 -3.01 23.24
CA ASN A 96 -7.48 -3.12 22.48
C ASN A 96 -7.32 -2.89 20.95
N THR A 97 -6.76 -1.75 20.53
CA THR A 97 -6.63 -1.49 19.08
C THR A 97 -5.81 -2.57 18.36
N THR A 98 -4.88 -3.19 19.08
CA THR A 98 -4.19 -4.41 18.63
C THR A 98 -5.16 -5.58 18.38
N ARG A 99 -6.01 -5.86 19.35
CA ARG A 99 -7.08 -6.86 19.22
C ARG A 99 -7.98 -6.60 18.00
N TYR A 100 -8.48 -5.39 17.88
CA TYR A 100 -9.36 -5.06 16.77
C TYR A 100 -8.55 -5.14 15.46
N ALA A 101 -7.31 -4.67 15.45
CA ALA A 101 -6.48 -4.77 14.25
C ALA A 101 -6.29 -6.21 13.80
N LEU A 102 -6.13 -7.14 14.74
CA LEU A 102 -5.91 -8.56 14.41
C LEU A 102 -7.19 -9.29 14.00
N GLU A 103 -8.31 -8.96 14.62
CA GLU A 103 -9.56 -9.60 14.27
C GLU A 103 -9.90 -9.27 12.80
N LEU A 104 -9.62 -8.02 12.44
CA LEU A 104 -9.84 -7.51 11.10
C LEU A 104 -8.91 -8.11 10.07
N ALA A 105 -7.67 -8.39 10.47
CA ALA A 105 -6.75 -9.10 9.59
C ALA A 105 -7.16 -10.60 9.45
N ARG A 106 -7.84 -11.15 10.43
CA ARG A 106 -8.37 -12.48 10.29
C ARG A 106 -9.60 -12.47 9.38
N LYS A 107 -10.55 -11.59 9.70
CA LYS A 107 -11.75 -11.49 8.92
C LYS A 107 -11.43 -11.20 7.44
N TYR A 108 -10.60 -10.20 7.16
CA TYR A 108 -10.44 -9.64 5.79
C TYR A 108 -9.14 -10.02 5.16
N ASN A 109 -8.52 -11.07 5.66
CA ASN A 109 -7.25 -11.55 5.11
C ASN A 109 -6.19 -10.50 4.80
N ILE A 110 -5.80 -9.76 5.82
CA ILE A 110 -4.76 -8.76 5.63
C ILE A 110 -3.47 -9.42 6.13
N ARG A 111 -2.34 -9.01 5.55
CA ARG A 111 -1.03 -9.38 6.08
C ARG A 111 -0.76 -8.22 7.03
N ILE A 112 -0.59 -8.52 8.33
CA ILE A 112 -0.50 -7.46 9.35
C ILE A 112 0.89 -7.37 10.08
N PHE A 113 1.46 -6.19 10.06
CA PHE A 113 2.66 -5.92 10.79
C PHE A 113 2.27 -5.08 12.00
N ILE A 114 2.63 -5.58 13.18
CA ILE A 114 2.67 -4.78 14.40
C ILE A 114 4.08 -4.73 15.00
N PRO A 115 4.60 -3.52 15.21
CA PRO A 115 5.93 -3.40 15.67
C PRO A 115 6.00 -3.65 17.16
N SER A 116 6.98 -4.44 17.57
CA SER A 116 7.31 -4.52 18.98
C SER A 116 8.49 -3.59 19.23
N THR A 117 9.17 -3.80 20.35
CA THR A 117 10.20 -2.86 20.79
C THR A 117 11.18 -3.58 21.72
N ILE A 118 12.39 -3.04 21.82
CA ILE A 118 13.33 -3.45 22.84
C ILE A 118 12.72 -3.34 24.26
N ALA A 119 11.79 -2.38 24.43
CA ALA A 119 11.04 -2.18 25.67
C ALA A 119 10.29 -3.42 26.23
N ALA A 120 10.06 -4.42 25.38
CA ALA A 120 9.49 -5.72 25.75
C ALA A 120 10.43 -6.52 26.63
N PHE A 121 11.70 -6.16 26.58
CA PHE A 121 12.72 -6.79 27.39
C PHE A 121 12.88 -6.07 28.73
N GLY A 122 13.42 -6.78 29.70
CA GLY A 122 13.72 -6.26 31.02
C GLY A 122 15.01 -6.85 31.54
N ASP A 123 15.28 -6.73 32.86
CA ASP A 123 16.64 -6.97 33.40
C ASP A 123 17.18 -8.38 33.31
N LYS A 124 16.34 -9.36 32.97
CA LYS A 124 16.79 -10.77 32.81
C LYS A 124 16.99 -11.25 31.36
N CYS A 125 16.96 -10.36 30.38
CA CYS A 125 16.99 -10.83 29.00
C CYS A 125 18.31 -11.34 28.46
N GLY A 126 19.41 -11.07 29.17
CA GLY A 126 20.75 -11.13 28.54
C GLY A 126 20.86 -9.77 27.87
N LYS A 127 21.66 -8.87 28.45
CA LYS A 127 21.65 -7.49 27.97
C LYS A 127 22.63 -7.33 26.77
N THR A 128 23.46 -8.34 26.56
CA THR A 128 24.46 -8.30 25.48
C THR A 128 24.08 -9.19 24.31
N MET A 129 23.94 -8.58 23.13
CA MET A 129 23.61 -9.35 21.93
C MET A 129 22.33 -10.15 22.15
N THR A 130 21.27 -9.48 22.63
CA THR A 130 20.13 -10.24 23.17
C THR A 130 19.58 -11.16 22.09
N LYS A 131 19.16 -12.34 22.50
CA LYS A 131 18.60 -13.32 21.56
C LYS A 131 17.16 -12.99 21.23
N ASP A 132 16.68 -13.54 20.10
CA ASP A 132 15.26 -13.44 19.72
C ASP A 132 14.34 -14.14 20.75
N ASP A 133 14.76 -15.33 21.19
CA ASP A 133 14.07 -16.12 22.21
C ASP A 133 14.86 -16.07 23.52
N THR A 134 14.24 -15.54 24.61
CA THR A 134 14.86 -15.40 25.95
C THR A 134 13.78 -14.91 26.99
N ILE A 135 14.19 -14.64 28.24
CA ILE A 135 13.24 -14.21 29.29
C ILE A 135 12.67 -12.78 29.08
N MET A 136 11.34 -12.59 29.15
CA MET A 136 10.74 -11.24 29.00
C MET A 136 10.09 -10.69 30.29
N ASN A 137 10.77 -9.76 30.95
CA ASN A 137 10.29 -9.24 32.23
C ASN A 137 10.29 -7.73 32.14
N PRO A 138 9.48 -7.17 31.25
CA PRO A 138 9.46 -5.69 31.06
C PRO A 138 9.15 -4.96 32.35
N SER A 139 9.84 -3.84 32.60
CA SER A 139 9.60 -3.01 33.77
C SER A 139 8.65 -1.85 33.44
N THR A 140 8.07 -1.83 32.25
CA THR A 140 7.09 -0.79 31.93
C THR A 140 5.78 -1.39 31.47
N VAL A 141 4.71 -0.63 31.56
CA VAL A 141 3.38 -1.14 31.15
C VAL A 141 3.36 -1.22 29.61
N TYR A 142 3.86 -0.18 28.96
CA TYR A 142 4.14 -0.24 27.51
C TYR A 142 4.80 -1.59 27.17
N GLY A 143 5.90 -1.90 27.85
CA GLY A 143 6.63 -3.10 27.51
C GLY A 143 5.81 -4.34 27.75
N VAL A 144 5.06 -4.36 28.86
CA VAL A 144 4.13 -5.46 29.14
C VAL A 144 3.07 -5.69 28.04
N THR A 145 2.40 -4.59 27.61
CA THR A 145 1.37 -4.63 26.54
C THR A 145 1.97 -5.09 25.17
N LYS A 146 3.21 -4.69 24.91
CA LYS A 146 3.96 -5.17 23.75
C LYS A 146 4.34 -6.68 23.81
N VAL A 147 4.53 -7.25 24.99
CA VAL A 147 4.69 -8.70 25.04
C VAL A 147 3.33 -9.35 24.66
N TYR A 148 2.24 -8.77 25.16
CA TYR A 148 0.92 -9.27 24.82
C TYR A 148 0.75 -9.28 23.31
N THR A 149 1.05 -8.15 22.70
CA THR A 149 1.02 -7.94 21.30
C THR A 149 1.71 -9.07 20.57
N GLU A 150 2.95 -9.37 20.96
CA GLU A 150 3.71 -10.44 20.38
C GLU A 150 3.00 -11.78 20.55
N LEU A 151 2.57 -12.11 21.75
CA LEU A 151 2.05 -13.46 21.91
C LEU A 151 0.65 -13.56 21.30
N LEU A 152 -0.09 -12.45 21.29
CA LEU A 152 -1.39 -12.45 20.66
C LEU A 152 -1.28 -12.58 19.14
N GLY A 153 -0.41 -11.77 18.52
CA GLY A 153 -0.20 -11.85 17.09
C GLY A 153 0.10 -13.27 16.62
N THR A 154 0.93 -13.97 17.38
CA THR A 154 1.42 -15.33 17.06
C THR A 154 0.35 -16.38 17.29
N TRP A 155 -0.46 -16.18 18.31
CA TRP A 155 -1.61 -16.99 18.46
C TRP A 155 -2.56 -16.85 17.25
N TYR A 156 -2.90 -15.62 16.83
CA TYR A 156 -3.76 -15.45 15.63
C TYR A 156 -3.12 -16.21 14.44
N ARG A 157 -1.80 -16.13 14.33
CA ARG A 157 -1.06 -16.84 13.27
C ARG A 157 -1.24 -18.36 13.37
N GLN A 158 -0.82 -18.92 14.49
CA GLN A 158 -0.96 -20.36 14.72
C GLN A 158 -2.41 -20.85 14.55
N LYS A 159 -3.37 -20.11 15.09
CA LYS A 159 -4.79 -20.54 15.12
C LYS A 159 -5.52 -20.34 13.79
N TYR A 160 -5.38 -19.17 13.17
CA TYR A 160 -6.15 -18.83 11.98
C TYR A 160 -5.35 -18.61 10.69
N GLY A 161 -4.04 -18.74 10.73
CA GLY A 161 -3.23 -18.47 9.54
C GLY A 161 -3.05 -16.97 9.30
N VAL A 162 -3.55 -16.11 10.19
CA VAL A 162 -3.36 -14.69 9.94
C VAL A 162 -1.86 -14.60 9.69
N ASP A 163 -1.47 -13.81 8.70
CA ASP A 163 -0.09 -13.63 8.42
C ASP A 163 0.35 -12.43 9.22
N PHE A 164 0.83 -12.74 10.44
CA PHE A 164 1.24 -11.75 11.46
C PHE A 164 2.73 -11.60 11.40
N ARG A 165 3.18 -10.36 11.33
CA ARG A 165 4.61 -10.10 11.24
C ARG A 165 5.08 -8.94 12.16
N SER A 166 6.24 -9.13 12.80
CA SER A 166 6.75 -8.14 13.75
C SER A 166 8.26 -8.06 13.85
N VAL A 167 8.76 -6.86 14.12
CA VAL A 167 10.13 -6.71 14.57
C VAL A 167 10.19 -5.92 15.86
N ARG A 168 11.23 -6.20 16.63
CA ARG A 168 11.51 -5.48 17.84
C ARG A 168 12.40 -4.29 17.46
N LEU A 169 11.80 -3.12 17.34
CA LEU A 169 12.49 -1.92 16.96
C LEU A 169 13.35 -1.33 18.10
N PRO A 170 14.61 -0.99 17.81
CA PRO A 170 15.45 -0.22 18.71
C PRO A 170 14.96 1.26 18.78
N GLY A 171 15.78 2.16 19.35
CA GLY A 171 15.44 3.58 19.35
C GLY A 171 15.58 4.13 17.93
N ILE A 172 14.56 4.84 17.45
CA ILE A 172 14.48 5.26 16.02
C ILE A 172 14.74 6.75 15.94
N ILE A 173 15.75 7.12 15.16
CA ILE A 173 16.20 8.51 15.06
C ILE A 173 15.74 9.07 13.73
N SER A 174 15.09 10.23 13.76
CA SER A 174 14.68 10.92 12.54
C SER A 174 14.66 12.44 12.77
N ALA A 175 15.04 13.20 11.74
CA ALA A 175 15.02 14.67 11.82
C ALA A 175 13.61 15.25 11.96
N ALA A 176 12.66 14.65 11.23
CA ALA A 176 11.30 15.17 11.07
C ALA A 176 10.56 15.48 12.37
N THR A 177 10.93 14.84 13.48
CA THR A 177 10.22 15.02 14.75
C THR A 177 10.93 16.00 15.66
N LEU A 178 10.13 16.74 16.44
CA LEU A 178 10.64 17.65 17.48
C LEU A 178 10.70 16.89 18.79
N PRO A 179 11.82 16.98 19.51
CA PRO A 179 11.99 16.33 20.81
C PRO A 179 11.04 16.80 21.92
N GLY A 180 10.50 15.82 22.65
CA GLY A 180 9.80 16.04 23.91
C GLY A 180 10.46 15.24 25.03
N GLY A 181 9.73 14.29 25.61
CA GLY A 181 10.23 13.53 26.74
C GLY A 181 10.32 12.01 26.57
N GLY A 182 10.33 11.52 25.34
CA GLY A 182 10.42 10.06 25.12
C GLY A 182 11.77 9.52 25.59
N ALA A 183 11.95 8.21 25.51
CA ALA A 183 13.07 7.54 26.16
C ALA A 183 14.33 7.75 25.36
N THR A 184 14.22 7.48 24.07
CA THR A 184 15.27 7.75 23.08
C THR A 184 15.23 9.18 22.48
N ASP A 185 14.36 10.03 22.99
CA ASP A 185 14.22 11.40 22.50
C ASP A 185 15.47 12.21 22.72
N TYR A 186 16.21 11.88 23.77
CA TYR A 186 17.40 12.67 24.14
C TYR A 186 18.32 12.87 22.93
N ALA A 187 18.41 11.84 22.08
CA ALA A 187 19.33 11.81 20.94
C ALA A 187 19.00 12.98 20.07
N ILE A 188 17.73 13.00 19.65
CA ILE A 188 17.20 14.03 18.78
C ILE A 188 17.33 15.42 19.45
N HIS A 189 17.06 15.50 20.76
CA HIS A 189 17.27 16.71 21.60
C HIS A 189 18.69 17.26 21.43
N MET A 190 19.66 16.35 21.46
CA MET A 190 21.06 16.69 21.41
C MET A 190 21.47 17.31 20.05
N TYR A 191 20.82 16.86 18.96
CA TYR A 191 21.06 17.40 17.61
C TYR A 191 20.55 18.86 17.46
N HIS A 192 19.35 19.12 17.96
CA HIS A 192 18.76 20.48 17.89
C HIS A 192 19.57 21.41 18.75
N SER A 193 19.94 20.92 19.94
CA SER A 193 20.79 21.65 20.88
C SER A 193 22.04 22.14 20.18
N ALA A 194 22.72 21.20 19.52
CA ALA A 194 24.02 21.46 18.89
C ALA A 194 23.97 22.57 17.85
N LEU A 195 22.95 22.51 16.99
CA LEU A 195 22.74 23.53 15.98
C LEU A 195 22.39 24.90 16.59
N LEU A 196 21.61 24.92 17.68
CA LEU A 196 21.28 26.16 18.39
C LEU A 196 22.43 26.60 19.31
N GLN A 197 23.33 25.67 19.61
CA GLN A 197 24.43 25.86 20.58
C GLN A 197 23.94 26.08 22.01
N LYS A 198 22.79 25.49 22.33
CA LYS A 198 22.26 25.46 23.72
C LYS A 198 22.83 24.21 24.37
N LYS A 199 22.82 24.15 25.70
CA LYS A 199 23.22 22.91 26.35
C LYS A 199 22.07 21.89 26.31
N CYS A 200 22.44 20.63 26.08
CA CYS A 200 21.49 19.53 26.09
C CYS A 200 21.48 18.94 27.51
N VAL A 201 20.40 19.23 28.24
CA VAL A 201 20.14 18.56 29.51
C VAL A 201 19.72 17.15 29.16
N CYS A 202 20.64 16.20 29.31
CA CYS A 202 20.36 14.83 28.91
C CYS A 202 19.91 13.98 30.12
N PRO A 203 18.66 13.49 30.07
CA PRO A 203 18.10 12.67 31.16
C PRO A 203 18.65 11.25 31.24
N VAL A 204 19.36 10.81 30.21
CA VAL A 204 19.90 9.46 30.19
C VAL A 204 21.37 9.49 30.57
N LEU A 205 21.80 8.51 31.34
CA LEU A 205 23.17 8.50 31.81
C LEU A 205 24.19 8.39 30.67
N PRO A 206 25.30 9.13 30.79
CA PRO A 206 26.31 9.30 29.73
C PRO A 206 26.83 8.01 29.04
N TYR A 207 26.82 6.90 29.76
CA TYR A 207 27.35 5.64 29.20
C TYR A 207 26.28 4.60 29.19
N GLU A 208 25.01 5.02 29.14
CA GLU A 208 23.93 4.06 28.94
C GLU A 208 23.79 3.68 27.44
N SER A 209 24.32 2.51 27.10
CA SER A 209 24.31 2.03 25.72
C SER A 209 22.92 1.53 25.36
N LEU A 210 22.45 1.92 24.18
CA LEU A 210 21.15 1.48 23.68
C LEU A 210 21.20 1.10 22.22
N PRO A 211 20.46 0.04 21.86
CA PRO A 211 20.25 -0.30 20.46
C PRO A 211 19.44 0.81 19.78
N MET A 212 19.91 1.24 18.61
CA MET A 212 19.33 2.37 17.90
C MET A 212 19.34 2.09 16.39
N MET A 213 18.50 2.81 15.65
CA MET A 213 18.55 2.73 14.18
C MET A 213 18.12 4.05 13.53
N TYR A 214 18.68 4.35 12.35
CA TYR A 214 18.35 5.60 11.67
C TYR A 214 17.24 5.30 10.68
N MET A 215 16.22 6.14 10.65
CA MET A 215 15.01 5.83 9.94
C MET A 215 15.22 5.19 8.54
N PRO A 216 16.13 5.74 7.72
CA PRO A 216 16.09 5.14 6.39
C PRO A 216 16.36 3.65 6.43
N ASP A 217 17.21 3.22 7.37
CA ASP A 217 17.43 1.78 7.59
C ASP A 217 16.14 1.12 8.05
N THR A 218 15.47 1.74 9.02
CA THR A 218 14.14 1.30 9.48
C THR A 218 13.14 1.09 8.34
N LEU A 219 13.06 2.08 7.46
CA LEU A 219 12.03 2.10 6.41
C LEU A 219 12.28 0.98 5.42
N ASN A 220 13.54 0.82 5.01
CA ASN A 220 13.91 -0.28 4.16
C ASN A 220 13.50 -1.58 4.79
N SER A 221 13.92 -1.80 6.02
CA SER A 221 13.57 -3.06 6.72
C SER A 221 12.05 -3.25 6.94
N LEU A 222 11.33 -2.17 7.19
CA LEU A 222 9.89 -2.33 7.43
C LEU A 222 9.15 -2.88 6.18
N VAL A 223 9.63 -2.44 4.99
CA VAL A 223 9.06 -2.84 3.72
C VAL A 223 9.51 -4.25 3.41
N LYS A 224 10.83 -4.43 3.51
CA LYS A 224 11.46 -5.67 3.15
C LYS A 224 10.74 -6.84 3.77
N ILE A 225 10.39 -6.72 5.04
CA ILE A 225 9.85 -7.88 5.78
C ILE A 225 8.40 -8.19 5.37
N MET A 226 7.65 -7.14 5.01
CA MET A 226 6.28 -7.30 4.53
C MET A 226 6.22 -7.75 3.07
N GLU A 227 7.29 -7.51 2.31
CA GLU A 227 7.43 -8.09 0.97
C GLU A 227 7.78 -9.53 0.97
N ALA A 228 8.36 -10.03 2.06
CA ALA A 228 9.02 -11.32 1.98
C ALA A 228 7.99 -12.42 1.77
N PRO A 229 8.37 -13.48 1.04
CA PRO A 229 7.46 -14.61 0.91
C PRO A 229 7.26 -15.31 2.28
N LEU A 230 6.05 -15.78 2.55
CA LEU A 230 5.73 -16.38 3.85
C LEU A 230 6.66 -17.53 4.28
N GLU A 231 7.00 -18.41 3.36
CA GLU A 231 7.78 -19.63 3.72
C GLU A 231 9.20 -19.31 4.18
N LYS A 232 9.73 -18.16 3.77
CA LYS A 232 11.08 -17.73 4.19
C LYS A 232 11.19 -17.22 5.65
N LEU A 233 10.05 -17.00 6.31
CA LEU A 233 10.01 -16.56 7.71
C LEU A 233 9.98 -17.77 8.64
N THR A 234 10.98 -17.88 9.49
CA THR A 234 11.08 -18.96 10.43
C THR A 234 10.40 -18.58 11.73
N ARG A 235 10.10 -17.29 11.88
CA ARG A 235 9.47 -16.79 13.06
C ARG A 235 8.57 -15.62 12.70
N THR A 236 7.74 -15.21 13.66
CA THR A 236 6.77 -14.13 13.49
C THR A 236 7.31 -12.80 14.05
N VAL A 237 8.13 -12.91 15.11
CA VAL A 237 8.71 -11.73 15.79
C VAL A 237 10.23 -11.73 15.66
N TYR A 238 10.80 -10.62 15.18
CA TYR A 238 12.25 -10.52 14.90
C TYR A 238 12.93 -9.32 15.62
N ASN A 239 14.07 -9.58 16.27
CA ASN A 239 14.97 -8.49 16.62
C ASN A 239 15.53 -7.84 15.35
N ILE A 240 15.57 -6.51 15.29
CA ILE A 240 16.44 -5.83 14.32
C ILE A 240 17.14 -4.66 15.01
N THR A 241 18.38 -4.42 14.60
CA THR A 241 19.13 -3.24 15.07
C THR A 241 20.02 -2.61 14.02
N GLY A 242 20.39 -1.37 14.29
CA GLY A 242 21.41 -0.67 13.54
C GLY A 242 22.77 -0.78 14.20
N PHE A 243 22.96 0.05 15.22
CA PHE A 243 24.19 0.08 15.96
C PHE A 243 23.82 0.58 17.35
N SER A 244 24.63 0.25 18.36
CA SER A 244 24.35 0.69 19.72
C SER A 244 25.15 1.91 20.02
N PHE A 245 24.51 2.90 20.66
CA PHE A 245 25.23 4.01 21.26
C PHE A 245 24.65 4.53 22.58
N SER A 246 25.55 5.13 23.34
CA SER A 246 25.27 5.85 24.56
C SER A 246 25.37 7.34 24.26
N PRO A 247 24.85 8.16 25.14
CA PRO A 247 24.87 9.59 24.94
C PRO A 247 26.24 10.21 24.78
N SER A 248 27.26 9.78 25.52
CA SER A 248 28.59 10.29 25.27
C SER A 248 29.09 9.97 23.86
N GLU A 249 28.91 8.73 23.40
CA GLU A 249 29.23 8.35 22.03
C GLU A 249 28.57 9.25 21.00
N LEU A 250 27.35 9.65 21.24
CA LEU A 250 26.66 10.56 20.35
C LEU A 250 27.27 11.97 20.39
N ARG A 251 27.47 12.52 21.60
CA ARG A 251 28.15 13.81 21.76
C ARG A 251 29.40 13.79 20.87
N PHE A 252 30.24 12.76 21.07
CA PHE A 252 31.49 12.59 20.33
C PHE A 252 31.28 12.60 18.83
N SER A 253 30.23 11.93 18.33
CA SER A 253 29.95 11.89 16.88
C SER A 253 29.61 13.25 16.26
N ILE A 254 28.76 14.00 16.96
CA ILE A 254 28.33 15.36 16.57
C ILE A 254 29.49 16.36 16.54
N GLU A 255 30.29 16.40 17.61
CA GLU A 255 31.51 17.23 17.63
C GLU A 255 32.49 16.88 16.47
N ARG A 256 32.56 15.60 16.07
CA ARG A 256 33.33 15.25 14.88
C ARG A 256 32.77 16.00 13.68
N CYS A 257 31.46 15.95 13.50
CA CYS A 257 30.83 16.56 12.34
C CYS A 257 30.69 18.09 12.36
N THR A 258 30.51 18.72 13.53
CA THR A 258 30.32 20.18 13.55
C THR A 258 31.63 20.96 13.83
N ASP A 259 32.65 20.19 14.21
CA ASP A 259 33.93 20.72 14.69
C ASP A 259 33.78 21.92 15.63
N ARG A 260 33.03 21.68 16.69
CA ARG A 260 32.90 22.56 17.84
C ARG A 260 32.80 21.61 19.01
N THR A 261 32.68 22.20 20.19
CA THR A 261 32.32 21.45 21.37
C THR A 261 30.82 21.73 21.62
N ILE A 262 30.13 20.68 22.02
CA ILE A 262 28.74 20.75 22.36
C ILE A 262 28.66 20.60 23.86
N GLU A 263 27.87 21.42 24.48
CA GLU A 263 27.86 21.53 25.90
C GLU A 263 26.66 20.80 26.44
N VAL A 264 26.91 19.78 27.26
CA VAL A 264 25.92 18.76 27.66
C VAL A 264 25.94 18.53 29.18
N GLU A 265 24.77 18.69 29.81
CA GLU A 265 24.56 18.41 31.25
C GLU A 265 23.76 17.12 31.43
N TYR A 266 24.41 16.08 31.98
CA TYR A 266 23.77 14.81 32.28
C TYR A 266 23.10 14.89 33.64
N VAL A 267 21.79 15.09 33.64
CA VAL A 267 20.96 14.91 34.86
C VAL A 267 20.37 13.52 34.75
N GLU A 268 19.58 13.14 35.73
CA GLU A 268 18.72 11.99 35.56
C GLU A 268 17.29 12.50 35.50
N GLY A 269 16.53 11.94 34.57
CA GLY A 269 15.08 12.10 34.50
C GLY A 269 14.48 10.71 34.32
N PRO A 270 13.14 10.63 34.24
CA PRO A 270 12.39 9.36 34.28
C PRO A 270 12.74 8.34 33.23
N ALA A 271 13.36 8.80 32.13
CA ALA A 271 13.84 7.92 31.08
C ALA A 271 15.16 7.21 31.43
N GLN A 272 15.86 7.66 32.47
CA GLN A 272 17.08 6.93 32.82
C GLN A 272 16.76 5.52 33.27
N LYS A 273 15.92 5.41 34.29
CA LYS A 273 15.54 4.09 34.84
C LYS A 273 14.98 3.14 33.78
N ILE A 274 14.12 3.64 32.93
CA ILE A 274 13.53 2.82 31.86
C ILE A 274 14.62 2.28 30.93
N ALA A 275 15.44 3.19 30.41
CA ALA A 275 16.57 2.84 29.54
C ALA A 275 17.54 1.82 30.13
N ASN A 276 17.75 1.90 31.43
CA ASN A 276 18.70 1.06 32.12
C ASN A 276 18.25 -0.39 32.18
N SER A 277 16.93 -0.58 32.13
CA SER A 277 16.32 -1.93 32.12
C SER A 277 16.29 -2.59 30.74
N TRP A 278 16.73 -1.85 29.72
CA TRP A 278 16.81 -2.33 28.35
C TRP A 278 18.19 -2.93 28.00
N PRO A 279 18.19 -3.80 26.96
CA PRO A 279 19.44 -4.32 26.39
C PRO A 279 20.40 -3.21 25.95
N ASP A 280 21.67 -3.56 25.94
CA ASP A 280 22.73 -2.70 25.41
C ASP A 280 22.79 -2.79 23.88
N SER A 281 22.52 -3.99 23.37
CA SER A 281 22.69 -4.36 21.97
C SER A 281 21.93 -5.65 21.73
N LEU A 282 21.53 -5.87 20.48
CA LEU A 282 20.62 -6.97 20.10
C LEU A 282 21.29 -7.83 19.10
N ASP A 283 21.06 -9.14 19.17
CA ASP A 283 21.44 -10.04 18.07
C ASP A 283 20.26 -10.20 17.10
N ASP A 284 20.48 -9.80 15.85
CA ASP A 284 19.42 -9.76 14.81
C ASP A 284 19.78 -10.63 13.59
N SER A 285 20.31 -11.81 13.85
CA SER A 285 20.87 -12.65 12.81
C SER A 285 19.78 -13.44 12.11
N ASN A 286 18.78 -13.86 12.87
CA ASN A 286 17.64 -14.54 12.25
C ASN A 286 16.98 -13.63 11.20
N ALA A 287 16.85 -12.33 11.47
CA ALA A 287 16.19 -11.43 10.48
C ALA A 287 17.08 -11.20 9.27
N ARG A 288 18.38 -10.97 9.50
CA ARG A 288 19.37 -10.91 8.41
C ARG A 288 19.32 -12.11 7.47
N ASN A 289 19.32 -13.31 8.04
CA ASN A 289 19.33 -14.51 7.25
C ASN A 289 18.01 -14.84 6.58
N ASP A 290 16.88 -14.50 7.19
CA ASP A 290 15.59 -14.97 6.67
C ASP A 290 14.99 -14.02 5.66
N TRP A 291 15.22 -12.74 5.84
CA TRP A 291 14.62 -11.76 4.94
C TRP A 291 15.54 -10.56 4.61
N GLY A 292 16.80 -10.61 5.03
CA GLY A 292 17.81 -9.69 4.56
C GLY A 292 17.87 -8.32 5.20
N HIS A 293 17.63 -8.25 6.51
CA HIS A 293 17.68 -6.96 7.24
C HIS A 293 19.14 -6.49 7.21
N GLN A 294 19.37 -5.23 6.86
CA GLN A 294 20.73 -4.72 6.69
C GLN A 294 20.78 -3.27 7.13
N VAL A 295 22.01 -2.77 7.33
CA VAL A 295 22.23 -1.44 7.90
C VAL A 295 23.28 -0.65 7.10
N LYS A 296 22.87 0.47 6.51
CA LYS A 296 23.76 1.26 5.66
C LYS A 296 24.38 2.41 6.43
N TYR A 297 23.96 2.59 7.68
CA TYR A 297 24.40 3.72 8.50
C TYR A 297 25.22 3.30 9.74
N ASP A 298 26.24 4.12 10.02
CA ASP A 298 26.93 4.19 11.29
C ASP A 298 26.53 5.51 11.94
N ILE A 299 26.99 5.74 13.17
CA ILE A 299 26.61 6.91 13.91
C ILE A 299 26.89 8.27 13.19
N ASP A 300 28.05 8.39 12.54
CA ASP A 300 28.49 9.65 11.90
C ASP A 300 27.72 10.00 10.63
N MET A 301 27.38 8.99 9.84
CA MET A 301 26.52 9.18 8.69
C MET A 301 25.16 9.67 9.14
N MET A 302 24.71 9.20 10.31
CA MET A 302 23.42 9.62 10.79
C MET A 302 23.54 11.09 11.24
N SER A 303 24.60 11.36 12.00
CA SER A 303 24.80 12.70 12.51
C SER A 303 24.91 13.69 11.36
N GLU A 304 25.82 13.43 10.42
CA GLU A 304 26.02 14.34 9.27
C GLU A 304 24.66 14.66 8.65
N ASP A 305 23.89 13.62 8.30
CA ASP A 305 22.56 13.76 7.71
C ASP A 305 21.60 14.49 8.66
N MET A 306 21.57 14.03 9.90
CA MET A 306 20.69 14.64 10.88
C MET A 306 20.93 16.14 10.97
N LEU A 307 22.20 16.53 11.06
CA LEU A 307 22.63 17.96 11.11
C LEU A 307 22.26 18.78 9.87
N ARG A 308 22.37 18.17 8.69
CA ARG A 308 21.90 18.83 7.47
C ARG A 308 20.38 19.01 7.44
N GLN A 309 19.65 17.96 7.82
CA GLN A 309 18.21 17.89 7.58
C GLN A 309 17.34 18.78 8.46
N ILE A 310 17.77 19.02 9.70
CA ILE A 310 16.93 19.68 10.70
C ILE A 310 16.78 21.20 10.46
N PRO A 311 17.87 21.89 10.09
CA PRO A 311 17.65 23.26 9.66
C PRO A 311 16.71 23.29 8.44
N ILE A 312 17.01 22.43 7.44
CA ILE A 312 16.15 22.27 6.26
C ILE A 312 14.70 22.12 6.73
N LEU A 313 14.41 21.03 7.44
CA LEU A 313 13.03 20.72 7.80
C LEU A 313 12.42 21.59 8.87
N HIS A 314 13.23 22.15 9.77
CA HIS A 314 12.69 22.88 10.93
C HIS A 314 13.23 24.30 11.18
N GLY A 315 14.01 24.83 10.26
CA GLY A 315 14.44 26.23 10.34
C GLY A 315 15.42 26.61 11.45
N LEU A 316 16.11 25.61 12.01
CA LEU A 316 17.12 25.88 13.03
C LEU A 316 18.26 26.66 12.41
N PRO A 317 18.94 27.50 13.21
CA PRO A 317 20.21 28.05 12.71
C PRO A 317 21.08 26.94 12.08
N SER A 318 21.76 27.26 10.99
CA SER A 318 22.37 26.24 10.13
C SER A 318 23.90 26.07 10.29
N LEU A 319 24.34 24.80 10.19
CA LEU A 319 25.76 24.33 10.09
C LEU A 319 26.12 23.37 11.23
N PRO B 1 53.30 -1.77 12.79
CA PRO B 1 52.64 -2.18 11.54
C PRO B 1 52.38 -3.68 11.55
N ARG B 2 51.11 -4.03 11.58
CA ARG B 2 50.72 -5.42 11.50
C ARG B 2 50.28 -5.66 10.04
N VAL B 3 50.96 -6.55 9.32
CA VAL B 3 50.83 -6.60 7.86
C VAL B 3 50.23 -7.91 7.36
N LEU B 4 48.99 -7.83 6.87
CA LEU B 4 48.39 -8.92 6.08
C LEU B 4 48.77 -8.85 4.59
N VAL B 5 49.13 -10.00 3.99
CA VAL B 5 49.27 -10.15 2.55
C VAL B 5 48.29 -11.21 2.06
N THR B 6 47.47 -10.90 1.04
CA THR B 6 46.54 -11.86 0.48
C THR B 6 46.96 -12.14 -0.94
N GLY B 7 46.58 -13.31 -1.46
CA GLY B 7 47.20 -13.87 -2.65
C GLY B 7 48.72 -13.88 -2.52
N ALA B 8 49.19 -14.42 -1.40
CA ALA B 8 50.58 -14.25 -0.97
C ALA B 8 51.59 -15.13 -1.65
N LEU B 9 51.17 -16.21 -2.28
CA LEU B 9 52.16 -17.22 -2.74
C LEU B 9 52.65 -17.02 -4.18
N GLY B 10 52.16 -15.98 -4.85
CA GLY B 10 52.39 -15.83 -6.28
C GLY B 10 53.75 -15.22 -6.47
N GLN B 11 53.97 -14.69 -7.67
CA GLN B 11 55.23 -14.08 -8.03
C GLN B 11 55.66 -12.91 -7.11
N ILE B 12 54.78 -11.95 -6.85
CA ILE B 12 55.11 -10.74 -6.08
C ILE B 12 55.03 -11.06 -4.62
N GLY B 13 53.96 -11.76 -4.24
CA GLY B 13 53.72 -12.13 -2.83
C GLY B 13 54.85 -12.88 -2.13
N THR B 14 55.41 -13.87 -2.81
CA THR B 14 56.45 -14.71 -2.24
C THR B 14 57.59 -13.85 -1.74
N ASP B 15 58.18 -13.06 -2.64
CA ASP B 15 59.31 -12.17 -2.26
C ASP B 15 58.90 -11.06 -1.30
N LEU B 16 57.70 -10.50 -1.45
CA LEU B 16 57.22 -9.44 -0.58
C LEU B 16 57.04 -9.97 0.82
N SER B 17 56.50 -11.17 0.90
CA SER B 17 56.19 -11.73 2.20
C SER B 17 57.47 -11.88 3.00
N LEU B 18 58.50 -12.37 2.32
CA LEU B 18 59.82 -12.57 2.95
C LEU B 18 60.57 -11.30 3.33
N ALA B 19 60.43 -10.25 2.52
CA ALA B 19 60.95 -8.95 2.93
C ALA B 19 60.16 -8.49 4.15
N LEU B 20 58.82 -8.53 4.08
CA LEU B 20 58.05 -8.03 5.21
C LEU B 20 58.43 -8.72 6.52
N ARG B 21 58.54 -10.03 6.52
CA ARG B 21 58.88 -10.78 7.71
C ARG B 21 60.29 -10.44 8.25
N ASP B 22 61.24 -10.19 7.35
CA ASP B 22 62.61 -9.85 7.70
C ASP B 22 62.70 -8.44 8.31
N LYS B 23 61.96 -7.52 7.70
CA LYS B 23 61.91 -6.16 8.15
C LYS B 23 61.16 -5.92 9.48
N PHE B 24 59.95 -6.45 9.61
CA PHE B 24 59.11 -6.15 10.78
C PHE B 24 58.97 -7.29 11.79
N GLY B 25 59.47 -8.49 11.44
CA GLY B 25 59.38 -9.68 12.32
C GLY B 25 58.25 -10.63 11.96
N ALA B 26 58.55 -11.93 11.92
CA ALA B 26 57.62 -12.97 11.40
C ALA B 26 56.19 -12.87 11.89
N ASP B 27 55.99 -12.44 13.13
CA ASP B 27 54.63 -12.37 13.72
C ASP B 27 53.98 -10.98 13.72
N SER B 28 54.62 -10.01 13.07
CA SER B 28 53.94 -8.83 12.64
C SER B 28 53.52 -8.97 11.17
N VAL B 29 53.49 -10.21 10.65
CA VAL B 29 53.18 -10.47 9.25
C VAL B 29 52.38 -11.76 9.10
N LEU B 30 51.16 -11.65 8.54
CA LEU B 30 50.40 -12.83 8.19
C LEU B 30 50.27 -12.89 6.67
N VAL B 31 50.66 -14.01 6.09
CA VAL B 31 50.49 -14.23 4.67
C VAL B 31 49.36 -15.24 4.47
N SER B 32 48.61 -15.09 3.39
CA SER B 32 47.52 -15.97 3.05
C SER B 32 47.32 -16.07 1.55
N ASP B 33 46.74 -17.19 1.14
CA ASP B 33 46.49 -17.47 -0.26
C ASP B 33 45.44 -18.56 -0.28
N VAL B 34 44.80 -18.72 -1.43
CA VAL B 34 43.77 -19.71 -1.59
C VAL B 34 44.37 -21.09 -1.74
N VAL B 35 45.60 -21.19 -2.26
CA VAL B 35 46.34 -22.46 -2.24
C VAL B 35 47.34 -22.46 -1.09
N GLU B 36 48.00 -23.62 -0.92
CA GLU B 36 49.04 -23.92 0.06
C GLU B 36 50.40 -24.02 -0.63
N PRO B 37 51.48 -23.70 0.06
CA PRO B 37 52.80 -23.88 -0.52
C PRO B 37 53.19 -25.36 -0.73
N GLY B 38 53.69 -25.70 -1.91
CA GLY B 38 54.32 -27.02 -2.08
C GLY B 38 55.47 -27.28 -1.10
N ALA B 39 56.22 -28.34 -1.36
CA ALA B 39 57.45 -28.60 -0.60
C ALA B 39 58.59 -27.69 -1.07
N LYS B 40 58.59 -27.39 -2.36
CA LYS B 40 59.52 -26.43 -2.93
C LYS B 40 59.36 -24.97 -2.50
N HIS B 41 58.14 -24.53 -2.18
CA HIS B 41 57.83 -23.10 -2.01
C HIS B 41 58.57 -22.41 -0.83
N PRO B 42 59.23 -21.24 -1.08
CA PRO B 42 60.03 -20.56 -0.05
C PRO B 42 59.32 -20.28 1.26
N LEU B 43 58.01 -20.54 1.31
CA LEU B 43 57.23 -20.29 2.51
C LEU B 43 56.65 -21.58 3.14
N ALA B 44 56.99 -22.74 2.61
CA ALA B 44 56.78 -23.97 3.36
C ALA B 44 57.47 -23.88 4.74
N GLY B 45 56.94 -24.60 5.73
CA GLY B 45 57.62 -24.76 7.01
C GLY B 45 57.42 -23.65 8.03
N LEU B 46 56.61 -22.65 7.67
CA LEU B 46 56.51 -21.43 8.44
C LEU B 46 55.15 -21.28 9.06
N LYS B 47 55.14 -20.56 10.15
CA LYS B 47 53.94 -20.09 10.75
C LYS B 47 53.74 -18.74 10.11
N GLY B 48 52.62 -18.11 10.34
CA GLY B 48 52.26 -16.92 9.60
C GLY B 48 51.81 -17.20 8.18
N VAL B 49 51.42 -18.45 7.88
CA VAL B 49 50.92 -18.82 6.54
C VAL B 49 49.57 -19.50 6.68
N GLU B 50 48.51 -18.87 6.15
CA GLU B 50 47.13 -19.34 6.26
C GLU B 50 46.47 -19.60 4.90
N LYS B 51 45.54 -20.54 4.86
CA LYS B 51 44.73 -20.78 3.68
C LYS B 51 43.45 -19.90 3.70
N LEU B 52 43.26 -19.08 2.67
CA LEU B 52 42.07 -18.24 2.63
C LEU B 52 41.72 -17.98 1.18
N ASP B 53 40.45 -18.23 0.84
CA ASP B 53 39.90 -17.90 -0.47
C ASP B 53 39.29 -16.54 -0.33
N CYS B 54 39.82 -15.56 -1.04
CA CYS B 54 39.29 -14.21 -0.86
C CYS B 54 37.81 -14.01 -1.33
N LEU B 55 37.30 -14.85 -2.24
CA LEU B 55 35.84 -14.85 -2.55
C LEU B 55 34.91 -15.16 -1.37
N ASP B 56 35.47 -15.63 -0.25
CA ASP B 56 34.67 -15.97 0.95
C ASP B 56 34.70 -14.77 1.86
N SER B 57 33.79 -13.84 1.64
CA SER B 57 33.63 -12.63 2.45
C SER B 57 33.74 -12.80 3.97
N ASN B 58 32.80 -13.48 4.57
CA ASN B 58 32.94 -13.91 5.98
C ASN B 58 34.30 -14.52 6.40
N GLY B 59 34.78 -15.52 5.66
CA GLY B 59 36.12 -16.09 5.89
C GLY B 59 37.20 -15.00 5.91
N PHE B 60 37.07 -14.07 5.00
CA PHE B 60 37.92 -12.90 4.91
C PHE B 60 37.86 -12.09 6.21
N GLU B 61 36.67 -11.74 6.66
CA GLU B 61 36.50 -11.00 7.90
C GLU B 61 36.99 -11.74 9.11
N LYS B 62 36.76 -13.04 9.14
CA LYS B 62 37.27 -13.88 10.21
C LYS B 62 38.75 -13.64 10.43
N LEU B 63 39.50 -13.63 9.33
CA LEU B 63 40.94 -13.51 9.42
C LEU B 63 41.36 -12.12 9.88
N VAL B 64 40.72 -11.09 9.34
CA VAL B 64 41.07 -9.71 9.67
C VAL B 64 40.69 -9.38 11.13
N LYS B 65 39.65 -10.04 11.62
CA LYS B 65 39.19 -9.89 13.01
C LYS B 65 40.20 -10.49 14.03
N GLU B 66 40.80 -11.62 13.70
CA GLU B 66 41.77 -12.25 14.59
C GLU B 66 43.01 -11.39 14.60
N PHE B 67 43.63 -11.27 13.42
CA PHE B 67 44.96 -10.67 13.23
C PHE B 67 45.04 -9.16 13.56
N LYS B 68 43.96 -8.43 13.31
CA LYS B 68 43.92 -6.95 13.45
C LYS B 68 45.04 -6.22 12.71
N PRO B 69 45.07 -6.35 11.38
CA PRO B 69 46.14 -5.67 10.64
C PRO B 69 45.97 -4.20 10.64
N THR B 70 47.07 -3.48 10.47
CA THR B 70 47.05 -2.05 10.17
C THR B 70 47.48 -1.75 8.70
N TRP B 71 48.25 -2.66 8.09
CA TRP B 71 48.49 -2.60 6.66
C TRP B 71 47.93 -3.86 6.03
N MET B 72 47.30 -3.71 4.87
CA MET B 72 46.99 -4.85 3.99
C MET B 72 47.52 -4.67 2.58
N TYR B 73 48.25 -5.66 2.03
CA TYR B 73 48.55 -5.75 0.59
C TYR B 73 47.66 -6.78 -0.11
N HIS B 74 46.79 -6.35 -0.99
CA HIS B 74 45.85 -7.24 -1.64
C HIS B 74 46.32 -7.57 -3.03
N LEU B 75 46.88 -8.78 -3.20
CA LEU B 75 47.53 -9.21 -4.44
C LEU B 75 46.78 -10.11 -5.45
N PRO B 76 45.67 -10.78 -5.08
CA PRO B 76 45.18 -11.77 -6.05
C PRO B 76 44.45 -11.18 -7.23
N ALA B 77 44.91 -11.53 -8.43
CA ALA B 77 44.24 -11.10 -9.66
C ALA B 77 44.53 -12.09 -10.77
N ILE B 78 43.54 -12.36 -11.61
CA ILE B 78 43.79 -13.09 -12.86
C ILE B 78 44.34 -12.09 -13.87
N MET B 79 45.45 -12.39 -14.51
CA MET B 79 46.15 -11.38 -15.29
C MET B 79 45.75 -11.38 -16.81
N SER B 80 46.45 -10.64 -17.65
CA SER B 80 45.97 -10.29 -19.01
C SER B 80 45.69 -11.47 -19.94
N VAL B 81 46.68 -12.34 -20.16
CA VAL B 81 46.51 -13.46 -21.08
C VAL B 81 45.44 -14.46 -20.60
N ARG B 82 45.52 -14.88 -19.35
CA ARG B 82 44.56 -15.83 -18.85
C ARG B 82 43.17 -15.21 -18.61
N GLY B 83 43.13 -13.92 -18.30
CA GLY B 83 41.87 -13.22 -18.27
C GLY B 83 41.12 -13.38 -19.59
N GLU B 84 41.82 -13.31 -20.71
CA GLU B 84 41.18 -13.39 -22.03
C GLU B 84 40.64 -14.79 -22.30
N ALA B 85 41.25 -15.82 -21.73
CA ALA B 85 40.71 -17.18 -21.90
C ALA B 85 39.61 -17.39 -20.91
N GLU B 86 39.75 -16.84 -19.71
CA GLU B 86 38.83 -17.10 -18.60
C GLU B 86 38.20 -15.81 -18.02
N PRO B 87 37.47 -15.09 -18.84
CA PRO B 87 37.03 -13.76 -18.42
C PRO B 87 36.13 -13.81 -17.20
N ASP B 88 35.32 -14.86 -17.12
CA ASP B 88 34.47 -15.08 -15.96
C ASP B 88 35.25 -15.09 -14.66
N LEU B 89 36.29 -15.94 -14.61
CA LEU B 89 37.13 -16.08 -13.43
C LEU B 89 37.77 -14.73 -13.08
N ALA B 90 38.28 -14.04 -14.10
CA ALA B 90 38.90 -12.71 -13.91
C ALA B 90 37.90 -11.67 -13.44
N MET B 91 36.73 -11.61 -14.07
CA MET B 91 35.73 -10.71 -13.55
C MET B 91 35.41 -11.02 -12.10
N ASP B 92 35.37 -12.30 -11.69
CA ASP B 92 35.00 -12.62 -10.31
C ASP B 92 36.07 -12.21 -9.31
N ILE B 93 37.29 -12.63 -9.59
CA ILE B 93 38.39 -12.43 -8.66
C ILE B 93 38.78 -10.97 -8.58
N ASN B 94 39.00 -10.38 -9.74
CA ASN B 94 39.50 -9.00 -9.82
C ASN B 94 38.52 -7.99 -9.27
N VAL B 95 37.23 -8.15 -9.55
CA VAL B 95 36.21 -7.22 -9.08
C VAL B 95 35.77 -7.48 -7.62
N ASN B 96 35.58 -8.74 -7.24
CA ASN B 96 34.89 -9.01 -5.97
C ASN B 96 35.75 -9.19 -4.77
N THR B 97 36.95 -9.70 -4.96
CA THR B 97 37.92 -9.72 -3.86
C THR B 97 38.34 -8.30 -3.50
N THR B 98 38.53 -7.48 -4.52
CA THR B 98 38.87 -6.08 -4.27
C THR B 98 37.78 -5.40 -3.46
N ARG B 99 36.53 -5.56 -3.90
CA ARG B 99 35.33 -5.05 -3.21
C ARG B 99 35.34 -5.45 -1.73
N TYR B 100 35.71 -6.70 -1.44
CA TYR B 100 35.67 -7.14 -0.06
C TYR B 100 36.85 -6.58 0.70
N ALA B 101 38.03 -6.64 0.08
CA ALA B 101 39.23 -6.07 0.71
C ALA B 101 38.99 -4.61 1.16
N LEU B 102 38.41 -3.79 0.29
CA LEU B 102 38.16 -2.37 0.62
C LEU B 102 37.10 -2.22 1.73
N GLU B 103 36.11 -3.11 1.73
CA GLU B 103 35.06 -3.03 2.71
C GLU B 103 35.65 -3.36 4.09
N LEU B 104 36.67 -4.20 4.10
CA LEU B 104 37.33 -4.55 5.36
C LEU B 104 38.33 -3.48 5.75
N ALA B 105 38.97 -2.84 4.75
CA ALA B 105 39.80 -1.70 5.01
C ALA B 105 39.05 -0.64 5.78
N ARG B 106 37.89 -0.29 5.24
CA ARG B 106 36.99 0.66 5.84
C ARG B 106 36.60 0.24 7.27
N LYS B 107 36.07 -0.96 7.37
CA LYS B 107 35.48 -1.46 8.61
C LYS B 107 36.51 -1.52 9.75
N TYR B 108 37.69 -2.10 9.48
CA TYR B 108 38.74 -2.28 10.49
C TYR B 108 39.91 -1.29 10.47
N ASN B 109 39.77 -0.20 9.73
CA ASN B 109 40.77 0.88 9.66
C ASN B 109 42.15 0.45 9.17
N ILE B 110 42.18 -0.23 8.03
CA ILE B 110 43.41 -0.77 7.49
C ILE B 110 43.91 0.10 6.37
N ARG B 111 45.22 0.33 6.32
CA ARG B 111 45.81 1.03 5.21
C ARG B 111 46.01 0.03 4.09
N ILE B 112 45.24 0.15 3.02
CA ILE B 112 45.19 -0.92 2.04
C ILE B 112 45.85 -0.57 0.72
N PHE B 113 46.84 -1.37 0.35
CA PHE B 113 47.51 -1.31 -0.91
C PHE B 113 46.92 -2.30 -1.87
N ILE B 114 46.41 -1.85 -3.01
CA ILE B 114 46.06 -2.76 -4.16
C ILE B 114 46.78 -2.30 -5.43
N PRO B 115 47.55 -3.19 -6.06
CA PRO B 115 48.24 -2.83 -7.25
C PRO B 115 47.33 -2.79 -8.47
N SER B 116 47.55 -1.77 -9.28
CA SER B 116 47.09 -1.69 -10.62
C SER B 116 48.25 -2.06 -11.55
N THR B 117 48.19 -1.66 -12.81
CA THR B 117 49.16 -2.16 -13.78
C THR B 117 49.10 -1.37 -15.03
N ILE B 118 50.17 -1.40 -15.80
CA ILE B 118 50.18 -0.75 -17.11
C ILE B 118 49.12 -1.30 -18.11
N ALA B 119 48.50 -2.44 -17.79
CA ALA B 119 47.45 -3.06 -18.60
C ALA B 119 46.14 -2.32 -18.44
N ALA B 120 46.10 -1.43 -17.45
CA ALA B 120 44.98 -0.54 -17.30
C ALA B 120 44.98 0.50 -18.43
N PHE B 121 46.12 0.71 -19.10
CA PHE B 121 46.18 1.59 -20.28
C PHE B 121 45.89 0.89 -21.61
N GLY B 122 45.46 1.66 -22.59
CA GLY B 122 45.24 1.17 -23.94
C GLY B 122 45.91 2.11 -24.91
N ASP B 123 45.65 1.95 -26.20
CA ASP B 123 46.45 2.67 -27.23
C ASP B 123 46.18 4.20 -27.35
N LYS B 124 45.15 4.69 -26.65
CA LYS B 124 44.90 6.12 -26.56
C LYS B 124 45.62 6.81 -25.40
N CYS B 125 46.49 6.10 -24.67
CA CYS B 125 46.99 6.64 -23.41
C CYS B 125 48.08 7.69 -23.57
N GLY B 126 48.70 7.75 -24.74
CA GLY B 126 49.94 8.52 -24.95
C GLY B 126 51.07 7.58 -24.54
N LYS B 127 51.70 6.92 -25.52
CA LYS B 127 52.56 5.78 -25.21
C LYS B 127 53.97 6.07 -24.80
N THR B 128 54.39 7.29 -25.04
CA THR B 128 55.70 7.77 -24.62
C THR B 128 55.60 8.46 -23.30
N MET B 129 56.34 7.99 -22.29
CA MET B 129 56.30 8.65 -20.97
C MET B 129 54.88 8.93 -20.59
N THR B 130 54.10 7.86 -20.43
CA THR B 130 52.70 7.99 -20.18
C THR B 130 52.49 8.69 -18.85
N LYS B 131 51.54 9.64 -18.83
CA LYS B 131 51.23 10.41 -17.62
C LYS B 131 50.37 9.63 -16.66
N ASP B 132 50.28 10.14 -15.43
CA ASP B 132 49.57 9.45 -14.36
C ASP B 132 48.06 9.57 -14.66
N ASP B 133 47.63 10.76 -15.12
CA ASP B 133 46.22 11.01 -15.52
C ASP B 133 46.09 11.12 -17.03
N THR B 134 45.35 10.24 -17.66
CA THR B 134 45.21 10.28 -19.13
C THR B 134 44.02 9.43 -19.54
N ILE B 135 43.75 9.29 -20.83
CA ILE B 135 42.65 8.43 -21.32
C ILE B 135 42.96 6.91 -21.04
N MET B 136 42.01 6.22 -20.41
CA MET B 136 42.17 4.81 -20.03
C MET B 136 41.27 3.96 -20.91
N ASN B 137 41.86 3.30 -21.91
CA ASN B 137 41.04 2.46 -22.80
C ASN B 137 41.58 1.04 -22.92
N PRO B 138 41.63 0.31 -21.79
CA PRO B 138 42.22 -1.02 -21.79
C PRO B 138 41.58 -1.91 -22.82
N SER B 139 42.42 -2.70 -23.47
CA SER B 139 41.99 -3.66 -24.49
C SER B 139 41.77 -5.08 -23.87
N THR B 140 42.17 -5.31 -22.62
CA THR B 140 41.96 -6.66 -22.01
C THR B 140 41.02 -6.55 -20.86
N VAL B 141 40.27 -7.62 -20.60
CA VAL B 141 39.35 -7.57 -19.45
C VAL B 141 40.12 -7.34 -18.12
N TYR B 142 41.28 -7.93 -18.01
CA TYR B 142 42.16 -7.67 -16.86
C TYR B 142 42.30 -6.17 -16.58
N GLY B 143 42.59 -5.43 -17.66
CA GLY B 143 42.80 -4.01 -17.59
C GLY B 143 41.54 -3.33 -17.17
N VAL B 144 40.45 -3.72 -17.83
CA VAL B 144 39.16 -3.14 -17.46
C VAL B 144 39.01 -3.25 -15.96
N THR B 145 39.20 -4.46 -15.39
CA THR B 145 38.97 -4.68 -13.98
C THR B 145 39.90 -3.88 -13.11
N LYS B 146 41.13 -3.68 -13.59
CA LYS B 146 42.11 -2.87 -12.86
C LYS B 146 41.76 -1.37 -12.95
N VAL B 147 41.14 -0.93 -14.04
CA VAL B 147 40.69 0.48 -14.02
C VAL B 147 39.59 0.65 -12.95
N TYR B 148 38.66 -0.32 -12.87
CA TYR B 148 37.66 -0.34 -11.82
C TYR B 148 38.27 -0.43 -10.40
N THR B 149 39.35 -1.18 -10.25
CA THR B 149 40.04 -1.19 -8.98
C THR B 149 40.58 0.16 -8.54
N GLU B 150 41.21 0.91 -9.47
CA GLU B 150 41.82 2.20 -9.17
C GLU B 150 40.75 3.17 -8.74
N LEU B 151 39.70 3.23 -9.56
CA LEU B 151 38.62 4.14 -9.34
C LEU B 151 37.84 3.84 -8.07
N LEU B 152 37.57 2.57 -7.79
CA LEU B 152 36.73 2.23 -6.64
C LEU B 152 37.48 2.49 -5.37
N GLY B 153 38.74 2.05 -5.31
CA GLY B 153 39.62 2.29 -4.16
C GLY B 153 39.77 3.76 -3.86
N THR B 154 39.94 4.54 -4.93
CA THR B 154 39.98 5.99 -4.85
C THR B 154 38.63 6.55 -4.34
N TRP B 155 37.51 5.96 -4.76
CA TRP B 155 36.24 6.41 -4.20
C TRP B 155 36.14 6.14 -2.68
N TYR B 156 36.62 4.98 -2.22
CA TYR B 156 36.54 4.67 -0.79
C TYR B 156 37.32 5.69 0.05
N ARG B 157 38.52 6.03 -0.42
CA ARG B 157 39.33 7.11 0.19
C ARG B 157 38.58 8.46 0.29
N GLN B 158 37.96 8.89 -0.80
CA GLN B 158 37.16 10.14 -0.81
C GLN B 158 35.94 10.06 0.07
N LYS B 159 35.17 8.99 -0.10
CA LYS B 159 33.91 8.85 0.62
C LYS B 159 34.11 8.54 2.11
N TYR B 160 35.00 7.59 2.42
CA TYR B 160 35.11 7.01 3.78
C TYR B 160 36.43 7.26 4.46
N GLY B 161 37.36 7.93 3.81
CA GLY B 161 38.69 8.09 4.37
C GLY B 161 39.52 6.81 4.52
N VAL B 162 39.15 5.72 3.85
CA VAL B 162 40.05 4.58 3.68
C VAL B 162 41.36 5.06 3.12
N ASP B 163 42.47 4.71 3.77
CA ASP B 163 43.78 5.06 3.26
C ASP B 163 44.22 4.13 2.13
N PHE B 164 43.69 4.36 0.92
CA PHE B 164 43.94 3.49 -0.26
C PHE B 164 45.14 4.00 -1.04
N ARG B 165 46.12 3.16 -1.29
CA ARG B 165 47.35 3.51 -2.04
C ARG B 165 47.62 2.44 -3.09
N SER B 166 48.11 2.84 -4.27
CA SER B 166 48.25 1.91 -5.42
C SER B 166 49.33 2.41 -6.34
N VAL B 167 50.10 1.50 -6.92
CA VAL B 167 50.95 1.87 -8.03
C VAL B 167 50.54 1.08 -9.25
N ARG B 168 50.73 1.69 -10.42
CA ARG B 168 50.63 0.96 -11.67
C ARG B 168 51.97 0.27 -11.91
N LEU B 169 52.04 -1.04 -11.66
CA LEU B 169 53.29 -1.76 -11.85
C LEU B 169 53.53 -2.04 -13.34
N PRO B 170 54.80 -2.00 -13.77
CA PRO B 170 55.25 -2.47 -15.06
C PRO B 170 55.35 -4.00 -15.05
N GLY B 171 55.93 -4.62 -16.07
CA GLY B 171 56.28 -6.06 -15.98
C GLY B 171 57.31 -6.20 -14.88
N ILE B 172 57.15 -7.18 -13.98
CA ILE B 172 58.09 -7.44 -12.90
C ILE B 172 58.88 -8.71 -13.14
N ILE B 173 60.20 -8.59 -13.14
CA ILE B 173 61.08 -9.70 -13.40
C ILE B 173 61.67 -10.17 -12.08
N SER B 174 61.58 -11.47 -11.82
CA SER B 174 62.19 -12.13 -10.65
C SER B 174 62.74 -13.52 -10.98
N ALA B 175 63.64 -13.98 -10.11
CA ALA B 175 64.40 -15.21 -10.34
C ALA B 175 63.59 -16.49 -10.37
N ALA B 176 62.92 -16.72 -11.50
CA ALA B 176 62.33 -18.02 -11.81
C ALA B 176 60.93 -18.32 -11.28
N THR B 177 59.92 -17.86 -12.02
CA THR B 177 58.62 -18.42 -11.98
C THR B 177 58.57 -19.39 -13.09
N LEU B 178 58.98 -18.97 -14.23
CA LEU B 178 59.19 -19.97 -15.17
C LEU B 178 58.35 -19.86 -16.38
N PRO B 179 59.14 -20.23 -17.50
CA PRO B 179 58.72 -19.80 -18.83
C PRO B 179 57.32 -19.37 -18.99
N GLY B 180 56.40 -20.25 -18.68
CA GLY B 180 55.01 -20.13 -19.04
C GLY B 180 54.30 -18.81 -19.26
N GLY B 181 53.95 -18.54 -20.51
CA GLY B 181 52.72 -17.86 -20.94
C GLY B 181 52.12 -16.52 -20.55
N GLY B 182 52.46 -15.95 -19.39
CA GLY B 182 51.99 -14.62 -19.05
C GLY B 182 52.55 -13.55 -19.95
N ALA B 183 52.00 -12.35 -20.00
CA ALA B 183 52.34 -11.41 -21.07
C ALA B 183 53.82 -10.98 -21.08
N THR B 184 54.37 -10.66 -19.93
CA THR B 184 55.78 -10.29 -19.88
C THR B 184 56.61 -11.48 -19.41
N ASP B 185 56.24 -12.70 -19.78
CA ASP B 185 56.95 -13.85 -19.26
C ASP B 185 58.01 -14.34 -20.23
N TYR B 186 57.96 -13.83 -21.45
CA TYR B 186 58.99 -14.11 -22.42
C TYR B 186 60.39 -13.80 -21.86
N ALA B 187 60.46 -12.81 -20.98
CA ALA B 187 61.74 -12.29 -20.50
C ALA B 187 62.35 -13.34 -19.62
N ILE B 188 61.59 -13.75 -18.61
CA ILE B 188 61.95 -14.83 -17.65
C ILE B 188 62.21 -16.12 -18.42
N HIS B 189 61.35 -16.40 -19.38
CA HIS B 189 61.53 -17.54 -20.27
C HIS B 189 62.89 -17.48 -20.95
N MET B 190 63.29 -16.32 -21.47
CA MET B 190 64.55 -16.16 -22.19
C MET B 190 65.81 -16.37 -21.33
N TYR B 191 65.76 -15.99 -20.05
CA TYR B 191 66.91 -16.27 -19.18
C TYR B 191 67.15 -17.79 -19.05
N HIS B 192 66.10 -18.56 -18.77
CA HIS B 192 66.22 -20.05 -18.69
C HIS B 192 66.72 -20.72 -19.95
N SER B 193 66.18 -20.34 -21.10
CA SER B 193 66.67 -20.89 -22.36
C SER B 193 68.17 -20.58 -22.59
N ALA B 194 68.66 -19.47 -22.06
CA ALA B 194 70.08 -19.11 -22.26
C ALA B 194 71.02 -20.02 -21.45
N LEU B 195 70.51 -20.50 -20.31
CA LEU B 195 71.23 -21.39 -19.39
C LEU B 195 71.17 -22.83 -19.87
N LEU B 196 69.99 -23.23 -20.35
CA LEU B 196 69.77 -24.58 -20.89
C LEU B 196 70.32 -24.68 -22.31
N GLN B 197 70.79 -23.57 -22.86
CA GLN B 197 71.21 -23.48 -24.26
C GLN B 197 70.18 -24.04 -25.27
N LYS B 198 68.91 -23.73 -25.00
CA LYS B 198 67.84 -23.95 -25.97
C LYS B 198 67.71 -22.66 -26.78
N LYS B 199 67.03 -22.75 -27.93
CA LYS B 199 66.50 -21.54 -28.57
C LYS B 199 65.30 -21.11 -27.75
N CYS B 200 64.93 -19.84 -27.89
CA CYS B 200 63.83 -19.25 -27.14
C CYS B 200 62.68 -18.95 -28.10
N VAL B 201 61.48 -19.41 -27.77
CA VAL B 201 60.28 -19.05 -28.53
C VAL B 201 59.60 -17.87 -27.83
N CYS B 202 59.73 -16.69 -28.45
CA CYS B 202 59.22 -15.45 -27.87
C CYS B 202 58.03 -14.87 -28.66
N PRO B 203 56.82 -14.93 -28.07
CA PRO B 203 55.59 -14.46 -28.72
C PRO B 203 55.40 -12.94 -28.82
N VAL B 204 56.23 -12.16 -28.12
CA VAL B 204 56.23 -10.70 -28.25
C VAL B 204 57.16 -10.26 -29.36
N LEU B 205 56.76 -9.28 -30.13
CA LEU B 205 57.58 -8.80 -31.26
C LEU B 205 58.98 -8.31 -30.79
N PRO B 206 60.01 -8.44 -31.65
CA PRO B 206 61.39 -8.25 -31.16
C PRO B 206 61.74 -6.80 -30.71
N TYR B 207 60.98 -5.81 -31.18
CA TYR B 207 61.18 -4.40 -30.79
C TYR B 207 59.97 -3.76 -30.07
N GLU B 208 59.19 -4.59 -29.36
CA GLU B 208 58.08 -4.17 -28.52
C GLU B 208 58.53 -3.75 -27.14
N SER B 209 58.71 -2.46 -26.98
CA SER B 209 59.19 -1.84 -25.74
C SER B 209 58.12 -1.83 -24.67
N LEU B 210 58.50 -2.24 -23.46
CA LEU B 210 57.62 -2.16 -22.33
C LEU B 210 58.33 -1.68 -21.09
N PRO B 211 57.60 -0.98 -20.24
CA PRO B 211 58.00 -0.68 -18.86
C PRO B 211 58.15 -1.98 -18.06
N MET B 212 59.30 -2.10 -17.38
CA MET B 212 59.66 -3.30 -16.67
C MET B 212 60.37 -2.94 -15.35
N MET B 213 60.54 -3.91 -14.44
CA MET B 213 61.24 -3.64 -13.15
C MET B 213 61.78 -4.88 -12.53
N TYR B 214 63.02 -4.87 -12.00
CA TYR B 214 63.59 -6.02 -11.26
C TYR B 214 63.04 -6.02 -9.84
N MET B 215 62.79 -7.23 -9.32
CA MET B 215 62.05 -7.42 -8.07
C MET B 215 62.56 -6.60 -6.87
N PRO B 216 63.88 -6.56 -6.66
CA PRO B 216 64.37 -5.79 -5.50
C PRO B 216 63.99 -4.30 -5.51
N ASP B 217 63.97 -3.63 -6.66
CA ASP B 217 63.42 -2.27 -6.70
C ASP B 217 61.93 -2.29 -6.44
N THR B 218 61.23 -3.34 -6.86
CA THR B 218 59.78 -3.32 -6.68
C THR B 218 59.43 -3.58 -5.22
N LEU B 219 60.21 -4.42 -4.55
CA LEU B 219 60.07 -4.60 -3.12
C LEU B 219 60.27 -3.29 -2.35
N ASN B 220 61.30 -2.54 -2.76
CA ASN B 220 61.67 -1.29 -2.11
C ASN B 220 60.56 -0.26 -2.27
N SER B 221 59.99 -0.12 -3.46
CA SER B 221 58.88 0.85 -3.67
C SER B 221 57.55 0.46 -2.98
N LEU B 222 57.21 -0.82 -3.01
CA LEU B 222 56.02 -1.32 -2.31
C LEU B 222 56.01 -1.01 -0.82
N VAL B 223 57.17 -1.11 -0.18
CA VAL B 223 57.26 -0.77 1.24
C VAL B 223 57.20 0.74 1.41
N LYS B 224 57.99 1.47 0.63
CA LYS B 224 58.14 2.92 0.76
C LYS B 224 56.82 3.65 0.67
N ILE B 225 55.99 3.24 -0.30
CA ILE B 225 54.73 3.93 -0.49
C ILE B 225 53.82 3.67 0.70
N MET B 226 54.05 2.56 1.42
CA MET B 226 53.21 2.23 2.58
C MET B 226 53.71 2.89 3.88
N GLU B 227 54.93 3.39 3.85
CA GLU B 227 55.48 4.11 5.00
C GLU B 227 55.23 5.58 4.85
N ALA B 228 55.39 6.11 3.65
CA ALA B 228 55.09 7.52 3.38
C ALA B 228 53.96 8.06 4.23
N PRO B 229 54.12 9.23 4.82
CA PRO B 229 52.95 9.72 5.56
C PRO B 229 51.83 10.12 4.63
N LEU B 230 50.58 9.86 5.03
CA LEU B 230 49.44 10.12 4.15
C LEU B 230 49.47 11.50 3.49
N GLU B 231 49.80 12.52 4.26
CA GLU B 231 49.69 13.90 3.78
C GLU B 231 50.73 14.29 2.70
N LYS B 232 51.73 13.42 2.48
CA LYS B 232 52.75 13.62 1.42
C LYS B 232 52.27 13.22 0.03
N LEU B 233 51.40 12.22 -0.01
CA LEU B 233 50.83 11.72 -1.25
C LEU B 233 49.82 12.75 -1.75
N THR B 234 49.89 13.07 -3.02
CA THR B 234 48.91 13.95 -3.62
C THR B 234 47.90 13.16 -4.41
N ARG B 235 48.11 11.85 -4.56
CA ARG B 235 47.18 10.98 -5.29
C ARG B 235 47.07 9.58 -4.66
N THR B 236 46.05 8.84 -5.03
CA THR B 236 45.95 7.46 -4.56
C THR B 236 46.67 6.52 -5.48
N VAL B 237 46.74 6.84 -6.78
CA VAL B 237 47.31 5.90 -7.75
C VAL B 237 48.47 6.49 -8.49
N TYR B 238 49.60 5.80 -8.46
CA TYR B 238 50.82 6.32 -9.05
C TYR B 238 51.44 5.33 -10.03
N ASN B 239 51.85 5.82 -11.23
CA ASN B 239 52.79 5.09 -12.08
C ASN B 239 54.15 4.90 -11.41
N ILE B 240 54.75 3.72 -11.51
CA ILE B 240 56.17 3.62 -11.25
C ILE B 240 56.78 2.79 -12.35
N THR B 241 57.98 3.17 -12.80
CA THR B 241 58.75 2.26 -13.68
C THR B 241 60.17 2.00 -13.23
N GLY B 242 60.78 1.01 -13.88
CA GLY B 242 62.18 0.64 -13.63
C GLY B 242 62.96 1.11 -14.84
N PHE B 243 62.73 0.46 -15.96
CA PHE B 243 63.30 0.85 -17.20
C PHE B 243 62.50 0.10 -18.28
N SER B 244 62.49 0.64 -19.49
CA SER B 244 61.85 0.02 -20.65
C SER B 244 62.83 -0.84 -21.43
N PHE B 245 62.37 -1.99 -21.89
CA PHE B 245 63.10 -2.75 -22.88
C PHE B 245 62.16 -3.60 -23.71
N SER B 246 62.77 -4.15 -24.75
CA SER B 246 62.13 -4.96 -25.77
C SER B 246 62.87 -6.28 -25.79
N PRO B 247 62.30 -7.28 -26.45
CA PRO B 247 62.95 -8.56 -26.48
C PRO B 247 64.37 -8.49 -27.04
N SER B 248 64.59 -7.74 -28.13
CA SER B 248 65.95 -7.64 -28.68
C SER B 248 66.95 -7.02 -27.70
N GLU B 249 66.59 -5.93 -27.02
CA GLU B 249 67.47 -5.36 -25.99
C GLU B 249 67.81 -6.39 -24.93
N LEU B 250 66.83 -7.22 -24.57
CA LEU B 250 67.07 -8.24 -23.57
C LEU B 250 68.03 -9.28 -24.13
N ARG B 251 67.84 -9.60 -25.40
CA ARG B 251 68.69 -10.57 -26.07
C ARG B 251 70.14 -10.09 -25.96
N PHE B 252 70.41 -8.87 -26.44
CA PHE B 252 71.74 -8.28 -26.36
C PHE B 252 72.26 -8.29 -24.90
N SER B 253 71.47 -7.79 -23.95
CA SER B 253 71.93 -7.75 -22.56
C SER B 253 72.35 -9.15 -22.05
N ILE B 254 71.53 -10.18 -22.30
CA ILE B 254 71.94 -11.55 -21.94
C ILE B 254 73.24 -11.99 -22.65
N GLU B 255 73.42 -11.59 -23.91
CA GLU B 255 74.64 -11.89 -24.68
C GLU B 255 75.88 -11.17 -24.13
N ARG B 256 75.69 -10.00 -23.52
CA ARG B 256 76.81 -9.33 -22.85
C ARG B 256 77.27 -10.09 -21.60
N CYS B 257 76.35 -10.78 -20.93
CA CYS B 257 76.67 -11.47 -19.68
C CYS B 257 77.19 -12.90 -19.93
N THR B 258 76.62 -13.57 -20.91
CA THR B 258 77.04 -14.92 -21.30
C THR B 258 78.26 -14.93 -22.24
N ASP B 259 78.50 -13.82 -22.92
CA ASP B 259 79.59 -13.68 -23.83
C ASP B 259 79.53 -14.66 -25.00
N ARG B 260 78.34 -14.91 -25.48
CA ARG B 260 77.97 -16.13 -26.18
C ARG B 260 76.64 -15.87 -26.85
N THR B 261 76.45 -16.31 -28.09
CA THR B 261 75.18 -16.09 -28.79
C THR B 261 74.12 -16.93 -28.13
N ILE B 262 72.89 -16.41 -28.18
CA ILE B 262 71.68 -17.20 -27.85
C ILE B 262 70.68 -17.04 -28.98
N GLU B 263 70.00 -18.14 -29.30
CA GLU B 263 69.11 -18.20 -30.46
C GLU B 263 67.67 -17.94 -30.03
N VAL B 264 66.97 -17.06 -30.75
CA VAL B 264 65.62 -16.61 -30.39
C VAL B 264 64.65 -16.65 -31.60
N GLU B 265 63.43 -17.17 -31.41
CA GLU B 265 62.45 -17.26 -32.51
C GLU B 265 61.23 -16.41 -32.18
N TYR B 266 61.08 -15.33 -32.94
CA TYR B 266 59.97 -14.39 -32.79
C TYR B 266 58.75 -14.88 -33.53
N VAL B 267 57.87 -15.51 -32.77
CA VAL B 267 56.62 -16.09 -33.23
C VAL B 267 55.51 -15.15 -32.72
N GLU B 268 54.26 -15.38 -33.11
CA GLU B 268 53.15 -14.67 -32.50
C GLU B 268 52.31 -15.57 -31.57
N GLY B 269 52.16 -15.15 -30.31
CA GLY B 269 51.13 -15.70 -29.41
C GLY B 269 50.18 -14.57 -29.00
N PRO B 270 49.18 -14.88 -28.16
CA PRO B 270 48.26 -13.85 -27.68
C PRO B 270 48.96 -12.67 -26.95
N ALA B 271 50.12 -12.89 -26.32
CA ALA B 271 50.86 -11.84 -25.60
C ALA B 271 51.24 -10.63 -26.48
N GLN B 272 51.38 -10.88 -27.78
CA GLN B 272 51.84 -9.87 -28.74
C GLN B 272 50.95 -8.63 -28.86
N LYS B 273 49.68 -8.84 -29.19
CA LYS B 273 48.65 -7.81 -29.26
C LYS B 273 48.32 -7.03 -27.97
N ILE B 274 48.13 -7.76 -26.89
CA ILE B 274 47.97 -7.15 -25.61
C ILE B 274 49.12 -6.13 -25.33
N ALA B 275 50.35 -6.64 -25.40
CA ALA B 275 51.58 -5.91 -25.12
C ALA B 275 51.75 -4.73 -26.03
N ASN B 276 51.36 -4.90 -27.29
CA ASN B 276 51.33 -3.81 -28.25
C ASN B 276 50.38 -2.68 -27.87
N SER B 277 49.31 -3.00 -27.15
CA SER B 277 48.34 -1.96 -26.70
C SER B 277 48.77 -1.21 -25.42
N TRP B 278 49.93 -1.57 -24.88
CA TRP B 278 50.43 -1.07 -23.60
C TRP B 278 51.48 0.00 -23.87
N PRO B 279 51.77 0.86 -22.90
CA PRO B 279 52.79 1.88 -23.22
C PRO B 279 54.23 1.35 -23.53
N ASP B 280 55.07 2.19 -24.16
CA ASP B 280 56.51 1.91 -24.26
C ASP B 280 57.26 2.32 -22.95
N SER B 281 56.75 3.35 -22.28
CA SER B 281 57.44 3.95 -21.19
C SER B 281 56.51 4.85 -20.40
N LEU B 282 56.80 4.91 -19.11
CA LEU B 282 55.95 5.57 -18.12
C LEU B 282 56.66 6.73 -17.52
N ASP B 283 55.89 7.77 -17.25
CA ASP B 283 56.38 8.94 -16.55
C ASP B 283 55.99 8.72 -15.08
N ASP B 284 56.98 8.42 -14.21
CA ASP B 284 56.72 8.28 -12.76
C ASP B 284 57.22 9.44 -11.83
N SER B 285 57.41 10.65 -12.37
CA SER B 285 57.80 11.81 -11.54
C SER B 285 56.89 12.06 -10.31
N ASN B 286 55.58 12.02 -10.45
CA ASN B 286 54.76 12.25 -9.25
C ASN B 286 55.19 11.32 -8.08
N ALA B 287 55.50 10.06 -8.39
CA ALA B 287 55.88 9.10 -7.36
C ALA B 287 57.32 9.32 -6.86
N ARG B 288 58.24 9.66 -7.76
CA ARG B 288 59.59 10.06 -7.32
C ARG B 288 59.48 11.26 -6.38
N ASN B 289 58.66 12.24 -6.78
CA ASN B 289 58.50 13.49 -6.04
C ASN B 289 57.78 13.33 -4.69
N ASP B 290 56.61 12.71 -4.74
CA ASP B 290 55.83 12.55 -3.53
C ASP B 290 56.50 11.66 -2.52
N TRP B 291 56.91 10.45 -2.92
CA TRP B 291 57.35 9.49 -1.91
C TRP B 291 58.67 8.77 -2.18
N GLY B 292 59.44 9.30 -3.11
CA GLY B 292 60.79 8.83 -3.28
C GLY B 292 60.94 7.51 -4.00
N HIS B 293 60.00 7.16 -4.89
CA HIS B 293 60.21 6.00 -5.77
C HIS B 293 61.66 6.06 -6.32
N GLN B 294 62.34 4.93 -6.29
CA GLN B 294 63.70 4.85 -6.80
C GLN B 294 64.00 3.54 -7.54
N VAL B 295 65.05 3.55 -8.36
CA VAL B 295 65.45 2.37 -9.12
C VAL B 295 66.95 2.24 -9.11
N LYS B 296 67.48 1.10 -8.68
CA LYS B 296 68.93 0.89 -8.65
C LYS B 296 69.41 -0.02 -9.79
N TYR B 297 68.55 -0.90 -10.28
CA TYR B 297 68.98 -1.78 -11.36
C TYR B 297 68.84 -1.12 -12.72
N ASP B 298 69.79 -1.45 -13.59
CA ASP B 298 69.56 -1.35 -15.04
C ASP B 298 69.53 -2.80 -15.66
N ILE B 299 69.50 -2.91 -16.98
CA ILE B 299 69.21 -4.19 -17.59
C ILE B 299 70.38 -5.17 -17.41
N ASP B 300 71.59 -4.68 -17.58
CA ASP B 300 72.76 -5.52 -17.43
C ASP B 300 72.99 -6.00 -16.02
N MET B 301 72.62 -5.21 -14.98
CA MET B 301 72.77 -5.69 -13.59
C MET B 301 71.68 -6.73 -13.34
N MET B 302 70.47 -6.47 -13.81
CA MET B 302 69.40 -7.46 -13.72
C MET B 302 69.80 -8.77 -14.38
N SER B 303 70.29 -8.72 -15.60
CA SER B 303 70.68 -9.94 -16.28
C SER B 303 71.80 -10.72 -15.55
N GLU B 304 72.83 -10.03 -15.05
CA GLU B 304 73.86 -10.73 -14.24
C GLU B 304 73.22 -11.45 -13.08
N ASP B 305 72.30 -10.76 -12.40
CA ASP B 305 71.69 -11.31 -11.22
C ASP B 305 70.76 -12.45 -11.54
N MET B 306 70.00 -12.31 -12.62
CA MET B 306 69.11 -13.39 -13.05
C MET B 306 69.94 -14.62 -13.46
N LEU B 307 70.97 -14.41 -14.26
CA LEU B 307 71.82 -15.51 -14.66
C LEU B 307 72.54 -16.20 -13.49
N ARG B 308 72.89 -15.44 -12.46
CA ARG B 308 73.48 -16.05 -11.28
C ARG B 308 72.44 -16.75 -10.44
N GLN B 309 71.32 -16.06 -10.21
CA GLN B 309 70.33 -16.52 -9.23
C GLN B 309 69.51 -17.76 -9.60
N ILE B 310 69.23 -17.97 -10.88
CA ILE B 310 68.34 -19.08 -11.31
C ILE B 310 68.94 -20.48 -11.02
N PRO B 311 70.19 -20.72 -11.40
CA PRO B 311 70.79 -22.00 -11.01
C PRO B 311 70.70 -22.23 -9.48
N ILE B 312 71.07 -21.21 -8.73
CA ILE B 312 71.04 -21.14 -7.27
C ILE B 312 69.61 -21.11 -6.67
N LEU B 313 68.58 -21.17 -7.50
CA LEU B 313 67.24 -21.52 -6.99
C LEU B 313 66.39 -22.49 -7.78
N HIS B 314 66.63 -22.63 -9.07
CA HIS B 314 65.97 -23.67 -9.83
C HIS B 314 66.92 -24.87 -10.07
N GLY B 315 68.09 -24.87 -9.45
CA GLY B 315 69.04 -25.97 -9.67
C GLY B 315 69.48 -26.21 -11.12
N LEU B 316 69.39 -25.18 -11.96
CA LEU B 316 69.74 -25.27 -13.39
C LEU B 316 71.25 -25.32 -13.72
N PRO B 317 71.57 -25.29 -14.98
CA PRO B 317 72.96 -25.28 -15.40
C PRO B 317 73.53 -23.89 -15.31
N SER B 318 74.54 -23.68 -14.49
CA SER B 318 75.12 -22.36 -14.35
C SER B 318 75.97 -21.86 -15.51
N LEU B 319 76.51 -20.68 -15.36
CA LEU B 319 77.43 -20.04 -16.31
C LEU B 319 76.83 -19.48 -17.59
N PRO C 1 -7.29 -11.03 58.96
CA PRO C 1 -7.30 -10.99 57.48
C PRO C 1 -8.74 -10.95 57.01
N ARG C 2 -9.10 -9.94 56.22
CA ARG C 2 -10.40 -9.89 55.58
C ARG C 2 -10.23 -10.27 54.09
N VAL C 3 -10.67 -11.49 53.79
CA VAL C 3 -10.44 -12.15 52.53
C VAL C 3 -11.65 -12.05 51.60
N LEU C 4 -11.40 -11.64 50.37
CA LEU C 4 -12.43 -11.60 49.34
C LEU C 4 -12.04 -12.52 48.23
N VAL C 5 -13.00 -13.31 47.79
CA VAL C 5 -12.84 -14.11 46.65
C VAL C 5 -13.89 -13.71 45.62
N THR C 6 -13.38 -13.45 44.42
CA THR C 6 -14.17 -13.32 43.23
C THR C 6 -14.01 -14.64 42.45
N GLY C 7 -14.98 -14.96 41.60
CA GLY C 7 -15.02 -16.20 40.84
C GLY C 7 -15.12 -17.45 41.68
N ALA C 8 -15.55 -17.28 42.94
CA ALA C 8 -15.56 -18.30 43.98
C ALA C 8 -16.47 -19.52 43.82
N LEU C 9 -17.38 -19.55 42.85
CA LEU C 9 -18.28 -20.75 42.75
C LEU C 9 -17.75 -21.94 41.99
N GLY C 10 -16.71 -21.75 41.20
CA GLY C 10 -16.14 -22.84 40.43
C GLY C 10 -15.28 -23.80 41.23
N GLN C 11 -14.48 -24.56 40.49
CA GLN C 11 -13.69 -25.67 41.04
C GLN C 11 -12.84 -25.27 42.24
N ILE C 12 -11.93 -24.32 42.03
CA ILE C 12 -11.04 -23.79 43.08
C ILE C 12 -11.84 -22.99 44.15
N GLY C 13 -12.66 -22.04 43.68
CA GLY C 13 -13.35 -21.10 44.56
C GLY C 13 -14.19 -21.76 45.64
N THR C 14 -14.88 -22.83 45.26
CA THR C 14 -15.72 -23.60 46.19
C THR C 14 -15.00 -24.20 47.41
N ASP C 15 -13.86 -24.84 47.19
CA ASP C 15 -13.10 -25.37 48.31
C ASP C 15 -12.25 -24.31 49.01
N LEU C 16 -11.57 -23.46 48.24
CA LEU C 16 -10.88 -22.32 48.83
C LEU C 16 -11.77 -21.50 49.79
N SER C 17 -12.99 -21.20 49.37
CA SER C 17 -14.01 -20.52 50.16
C SER C 17 -14.29 -21.13 51.51
N LEU C 18 -14.53 -22.42 51.50
CA LEU C 18 -14.85 -23.12 52.76
C LEU C 18 -13.64 -23.22 53.65
N ALA C 19 -12.46 -23.34 53.03
CA ALA C 19 -11.22 -23.47 53.76
C ALA C 19 -10.90 -22.19 54.51
N LEU C 20 -11.14 -21.05 53.88
CA LEU C 20 -10.87 -19.72 54.47
C LEU C 20 -11.88 -19.39 55.58
N ARG C 21 -13.13 -19.79 55.36
CA ARG C 21 -14.19 -19.61 56.33
C ARG C 21 -13.86 -20.33 57.65
N ASP C 22 -13.43 -21.59 57.59
CA ASP C 22 -12.91 -22.26 58.79
C ASP C 22 -11.79 -21.48 59.42
N LYS C 23 -10.67 -21.35 58.69
CA LYS C 23 -9.43 -20.82 59.28
C LYS C 23 -9.54 -19.35 59.75
N PHE C 24 -10.29 -18.51 59.05
CA PHE C 24 -10.40 -17.11 59.51
C PHE C 24 -11.79 -16.70 60.00
N GLY C 25 -12.77 -17.59 59.96
CA GLY C 25 -14.16 -17.23 60.37
C GLY C 25 -15.04 -16.76 59.23
N ALA C 26 -16.27 -17.27 59.22
CA ALA C 26 -17.28 -16.90 58.19
C ALA C 26 -17.40 -15.40 58.06
N ASP C 27 -17.20 -14.70 59.17
CA ASP C 27 -17.25 -13.22 59.24
C ASP C 27 -16.13 -12.52 58.49
N SER C 28 -14.96 -13.12 58.46
CA SER C 28 -13.80 -12.50 57.85
C SER C 28 -13.71 -12.77 56.35
N VAL C 29 -14.73 -13.41 55.76
CA VAL C 29 -14.69 -13.80 54.37
C VAL C 29 -15.95 -13.45 53.58
N LEU C 30 -15.77 -12.76 52.45
CA LEU C 30 -16.83 -12.46 51.51
C LEU C 30 -16.50 -13.05 50.11
N VAL C 31 -17.35 -13.92 49.61
CA VAL C 31 -17.12 -14.47 48.30
C VAL C 31 -18.21 -14.07 47.34
N SER C 32 -17.84 -14.12 46.06
CA SER C 32 -18.64 -13.56 45.01
C SER C 32 -18.42 -14.29 43.69
N ASP C 33 -19.30 -14.00 42.74
CA ASP C 33 -19.33 -14.69 41.44
C ASP C 33 -20.46 -14.07 40.58
N VAL C 34 -20.29 -14.10 39.25
CA VAL C 34 -21.30 -13.53 38.36
C VAL C 34 -22.68 -14.21 38.51
N VAL C 35 -22.69 -15.50 38.84
CA VAL C 35 -23.93 -16.27 39.07
C VAL C 35 -24.16 -16.62 40.54
N GLU C 36 -25.40 -16.97 40.86
CA GLU C 36 -25.75 -17.37 42.21
C GLU C 36 -25.56 -18.87 42.37
N PRO C 37 -25.38 -19.31 43.62
CA PRO C 37 -25.23 -20.73 43.84
C PRO C 37 -26.55 -21.50 43.63
N GLY C 38 -26.52 -22.55 42.81
CA GLY C 38 -27.59 -23.57 42.81
C GLY C 38 -27.71 -24.14 44.22
N ALA C 39 -28.86 -24.73 44.53
CA ALA C 39 -29.18 -25.17 45.92
C ALA C 39 -28.38 -26.40 46.38
N LYS C 40 -27.97 -27.24 45.43
CA LYS C 40 -26.99 -28.30 45.67
C LYS C 40 -25.51 -27.81 45.76
N HIS C 41 -25.25 -26.52 45.57
CA HIS C 41 -23.88 -26.00 45.68
C HIS C 41 -23.50 -25.86 47.15
N PRO C 42 -22.29 -26.30 47.54
CA PRO C 42 -21.89 -26.25 48.97
C PRO C 42 -21.84 -24.85 49.58
N LEU C 43 -21.97 -23.81 48.77
CA LEU C 43 -21.98 -22.42 49.24
C LEU C 43 -23.38 -21.85 49.25
N ALA C 44 -24.35 -22.70 48.91
CA ALA C 44 -25.77 -22.36 49.05
C ALA C 44 -26.12 -22.01 50.49
N GLY C 45 -26.97 -20.99 50.63
CA GLY C 45 -27.57 -20.73 51.93
C GLY C 45 -26.60 -20.19 52.96
N LEU C 46 -25.41 -19.79 52.50
CA LEU C 46 -24.34 -19.24 53.34
C LEU C 46 -24.31 -17.72 53.19
N LYS C 47 -24.14 -16.99 54.29
CA LYS C 47 -24.01 -15.55 54.15
C LYS C 47 -22.59 -15.15 53.74
N GLY C 48 -22.47 -13.88 53.38
CA GLY C 48 -21.26 -13.39 52.77
C GLY C 48 -20.99 -14.07 51.45
N VAL C 49 -22.03 -14.30 50.64
CA VAL C 49 -21.90 -14.85 49.27
C VAL C 49 -22.73 -13.97 48.36
N GLU C 50 -22.07 -13.24 47.46
CA GLU C 50 -22.78 -12.25 46.66
C GLU C 50 -22.74 -12.57 45.18
N LYS C 51 -23.52 -11.82 44.42
CA LYS C 51 -23.50 -11.86 42.98
C LYS C 51 -22.76 -10.61 42.50
N LEU C 52 -21.74 -10.78 41.67
CA LEU C 52 -20.98 -9.64 41.18
C LEU C 52 -20.35 -10.02 39.88
N ASP C 53 -20.62 -9.26 38.81
CA ASP C 53 -19.88 -9.41 37.56
C ASP C 53 -18.65 -8.52 37.67
N CYS C 54 -17.45 -9.11 37.64
CA CYS C 54 -16.21 -8.35 37.74
C CYS C 54 -15.99 -7.38 36.58
N LEU C 55 -16.69 -7.58 35.47
CA LEU C 55 -16.68 -6.65 34.31
C LEU C 55 -17.36 -5.30 34.58
N ASP C 56 -18.27 -5.26 35.53
CA ASP C 56 -18.87 -3.99 35.96
C ASP C 56 -18.00 -3.42 37.06
N SER C 57 -17.12 -2.53 36.66
CA SER C 57 -16.07 -2.12 37.58
C SER C 57 -16.67 -1.36 38.76
N ASN C 58 -17.80 -0.68 38.53
CA ASN C 58 -18.56 0.00 39.59
C ASN C 58 -19.09 -0.87 40.71
N GLY C 59 -19.88 -1.90 40.40
CA GLY C 59 -20.18 -2.91 41.38
C GLY C 59 -18.93 -3.38 42.09
N PHE C 60 -17.90 -3.73 41.33
CA PHE C 60 -16.62 -4.27 41.88
C PHE C 60 -16.08 -3.27 42.91
N GLU C 61 -16.04 -1.99 42.57
CA GLU C 61 -15.49 -1.00 43.48
C GLU C 61 -16.33 -0.92 44.74
N LYS C 62 -17.66 -0.88 44.55
CA LYS C 62 -18.59 -0.70 45.66
C LYS C 62 -18.46 -1.84 46.64
N LEU C 63 -18.47 -3.05 46.11
CA LEU C 63 -18.33 -4.18 46.98
C LEU C 63 -17.09 -4.01 47.82
N VAL C 64 -15.96 -3.84 47.13
CA VAL C 64 -14.65 -3.66 47.74
C VAL C 64 -14.59 -2.49 48.73
N LYS C 65 -15.11 -1.32 48.33
CA LYS C 65 -15.20 -0.20 49.23
C LYS C 65 -15.86 -0.63 50.57
N GLU C 66 -16.97 -1.34 50.46
CA GLU C 66 -17.82 -1.65 51.61
C GLU C 66 -17.23 -2.73 52.55
N PHE C 67 -16.70 -3.80 51.97
CA PHE C 67 -16.14 -4.93 52.73
C PHE C 67 -14.74 -4.60 53.29
N LYS C 68 -14.00 -3.79 52.55
CA LYS C 68 -12.66 -3.33 53.01
C LYS C 68 -11.71 -4.52 53.20
N PRO C 69 -11.48 -5.25 52.12
CA PRO C 69 -10.67 -6.42 52.17
C PRO C 69 -9.24 -6.04 52.40
N THR C 70 -8.49 -6.95 53.02
CA THR C 70 -7.04 -6.88 53.06
C THR C 70 -6.36 -7.94 52.19
N TRP C 71 -6.97 -9.13 52.03
CA TRP C 71 -6.60 -10.06 50.96
C TRP C 71 -7.67 -10.18 49.89
N MET C 72 -7.24 -10.47 48.66
CA MET C 72 -8.16 -10.82 47.57
C MET C 72 -7.63 -11.94 46.72
N TYR C 73 -8.49 -12.93 46.44
CA TYR C 73 -8.17 -14.00 45.52
C TYR C 73 -9.03 -13.80 44.29
N HIS C 74 -8.41 -13.33 43.20
CA HIS C 74 -9.18 -13.00 42.04
C HIS C 74 -9.16 -14.11 41.08
N LEU C 75 -10.19 -14.96 41.13
CA LEU C 75 -10.18 -16.25 40.40
C LEU C 75 -10.79 -16.35 38.99
N PRO C 76 -11.74 -15.47 38.59
CA PRO C 76 -12.38 -15.77 37.27
C PRO C 76 -11.49 -15.68 35.98
N ALA C 77 -11.57 -16.74 35.18
CA ALA C 77 -10.86 -16.85 33.89
C ALA C 77 -11.51 -17.87 32.96
N ILE C 78 -11.52 -17.60 31.65
CA ILE C 78 -11.88 -18.62 30.65
C ILE C 78 -10.65 -19.45 30.35
N MET C 79 -10.74 -20.76 30.62
CA MET C 79 -9.56 -21.64 30.56
C MET C 79 -9.31 -22.16 29.15
N SER C 80 -8.37 -23.08 29.01
CA SER C 80 -7.71 -23.37 27.73
C SER C 80 -8.68 -23.74 26.55
N VAL C 81 -9.44 -24.83 26.68
CA VAL C 81 -10.29 -25.37 25.60
C VAL C 81 -11.48 -24.46 25.26
N ARG C 82 -12.21 -24.01 26.27
CA ARG C 82 -13.29 -23.06 26.07
C ARG C 82 -12.78 -21.74 25.46
N GLY C 83 -11.54 -21.34 25.83
CA GLY C 83 -10.98 -20.09 25.37
C GLY C 83 -10.61 -20.07 23.89
N GLU C 84 -10.17 -21.22 23.40
CA GLU C 84 -9.89 -21.38 22.00
C GLU C 84 -11.20 -21.21 21.19
N ALA C 85 -12.26 -21.79 21.72
CA ALA C 85 -13.57 -21.69 21.10
C ALA C 85 -14.23 -20.29 21.26
N GLU C 86 -13.94 -19.56 22.34
CA GLU C 86 -14.61 -18.24 22.60
C GLU C 86 -13.58 -17.17 22.95
N PRO C 87 -12.67 -16.94 22.02
CA PRO C 87 -11.55 -16.03 22.20
C PRO C 87 -11.97 -14.68 22.70
N ASP C 88 -13.09 -14.16 22.21
CA ASP C 88 -13.56 -12.87 22.68
C ASP C 88 -13.87 -12.84 24.20
N LEU C 89 -14.43 -13.92 24.72
CA LEU C 89 -14.85 -13.91 26.11
C LEU C 89 -13.62 -14.12 26.98
N ALA C 90 -12.67 -14.90 26.48
CA ALA C 90 -11.38 -15.07 27.12
C ALA C 90 -10.64 -13.72 27.26
N MET C 91 -10.43 -13.03 26.16
CA MET C 91 -9.64 -11.81 26.26
C MET C 91 -10.33 -10.76 27.13
N ASP C 92 -11.66 -10.77 27.15
CA ASP C 92 -12.43 -9.78 27.89
C ASP C 92 -12.40 -10.00 29.40
N ILE C 93 -12.54 -11.26 29.78
CA ILE C 93 -12.58 -11.69 31.18
C ILE C 93 -11.19 -11.67 31.74
N ASN C 94 -10.25 -12.25 31.00
CA ASN C 94 -8.94 -12.58 31.55
C ASN C 94 -8.04 -11.37 31.67
N VAL C 95 -8.42 -10.31 30.95
CA VAL C 95 -7.67 -9.08 30.88
C VAL C 95 -8.38 -8.01 31.67
N ASN C 96 -9.64 -7.69 31.29
CA ASN C 96 -10.36 -6.59 31.89
C ASN C 96 -10.74 -6.77 33.38
N THR C 97 -11.16 -7.97 33.81
CA THR C 97 -11.37 -8.22 35.25
C THR C 97 -10.04 -8.19 36.03
N THR C 98 -8.97 -8.60 35.34
CA THR C 98 -7.67 -8.58 35.95
C THR C 98 -7.23 -7.14 36.18
N ARG C 99 -7.32 -6.27 35.15
CA ARG C 99 -6.93 -4.84 35.33
C ARG C 99 -7.79 -4.07 36.37
N TYR C 100 -9.10 -4.34 36.41
CA TYR C 100 -10.01 -3.77 37.44
C TYR C 100 -9.55 -4.19 38.83
N ALA C 101 -9.29 -5.49 38.96
CA ALA C 101 -8.89 -6.16 40.20
C ALA C 101 -7.57 -5.62 40.70
N LEU C 102 -6.63 -5.46 39.78
CA LEU C 102 -5.33 -4.85 40.14
C LEU C 102 -5.46 -3.38 40.53
N GLU C 103 -6.33 -2.65 39.82
CA GLU C 103 -6.55 -1.24 40.14
C GLU C 103 -7.22 -1.06 41.51
N LEU C 104 -8.07 -2.00 41.89
CA LEU C 104 -8.74 -1.95 43.22
C LEU C 104 -7.79 -2.30 44.35
N ALA C 105 -7.01 -3.36 44.16
CA ALA C 105 -5.90 -3.66 45.04
C ALA C 105 -5.04 -2.40 45.27
N ARG C 106 -4.64 -1.74 44.18
CA ARG C 106 -3.86 -0.52 44.29
C ARG C 106 -4.54 0.55 45.12
N LYS C 107 -5.79 0.85 44.79
CA LYS C 107 -6.52 1.95 45.41
C LYS C 107 -6.99 1.65 46.88
N TYR C 108 -7.29 0.38 47.17
CA TYR C 108 -7.89 0.04 48.47
C TYR C 108 -6.93 -0.82 49.26
N ASN C 109 -5.65 -0.81 48.87
CA ASN C 109 -4.56 -1.39 49.65
C ASN C 109 -4.62 -2.89 49.88
N ILE C 110 -4.84 -3.70 48.84
CA ILE C 110 -5.11 -5.12 49.05
C ILE C 110 -3.91 -5.96 48.61
N ARG C 111 -3.64 -7.01 49.40
CA ARG C 111 -2.77 -8.06 48.97
C ARG C 111 -3.59 -8.91 48.03
N ILE C 112 -3.15 -9.03 46.79
CA ILE C 112 -3.95 -9.65 45.71
C ILE C 112 -3.23 -10.84 45.10
N PHE C 113 -3.88 -11.98 45.17
CA PHE C 113 -3.53 -13.18 44.52
C PHE C 113 -4.39 -13.40 43.24
N ILE C 114 -3.72 -13.68 42.13
CA ILE C 114 -4.35 -13.99 40.83
C ILE C 114 -3.63 -15.16 40.24
N PRO C 115 -4.28 -16.36 40.21
CA PRO C 115 -3.54 -17.51 39.77
C PRO C 115 -3.07 -17.41 38.35
N SER C 116 -1.85 -17.91 38.10
CA SER C 116 -1.42 -18.19 36.74
C SER C 116 -1.59 -19.67 36.50
N THR C 117 -0.85 -20.27 35.59
CA THR C 117 -1.08 -21.64 35.16
C THR C 117 0.09 -22.24 34.38
N ILE C 118 0.22 -23.55 34.35
CA ILE C 118 1.16 -24.21 33.42
C ILE C 118 0.84 -23.87 31.95
N ALA C 119 -0.37 -23.37 31.67
CA ALA C 119 -0.78 -22.98 30.28
C ALA C 119 -0.06 -21.76 29.79
N ALA C 120 0.57 -21.04 30.72
CA ALA C 120 1.33 -19.87 30.39
C ALA C 120 2.59 -20.27 29.63
N PHE C 121 2.98 -21.54 29.74
CA PHE C 121 4.11 -22.08 29.01
C PHE C 121 3.65 -22.59 27.67
N GLY C 122 4.55 -22.56 26.68
CA GLY C 122 4.43 -23.33 25.45
C GLY C 122 5.72 -24.13 25.19
N ASP C 123 5.89 -24.57 23.94
CA ASP C 123 6.85 -25.64 23.67
C ASP C 123 8.35 -25.23 23.67
N LYS C 124 8.67 -23.94 23.80
CA LYS C 124 10.06 -23.47 24.07
C LYS C 124 10.39 -23.26 25.56
N CYS C 125 9.43 -23.54 26.44
CA CYS C 125 9.62 -23.32 27.85
C CYS C 125 10.75 -24.19 28.42
N GLY C 126 10.97 -25.37 27.83
CA GLY C 126 11.79 -26.42 28.44
C GLY C 126 10.86 -27.32 29.21
N LYS C 127 10.55 -28.49 28.63
CA LYS C 127 9.45 -29.37 29.06
C LYS C 127 9.65 -30.01 30.43
N THR C 128 10.90 -30.37 30.67
CA THR C 128 11.33 -31.14 31.84
C THR C 128 11.77 -30.27 33.02
N MET C 129 11.12 -30.45 34.16
CA MET C 129 11.41 -29.65 35.35
C MET C 129 11.54 -28.15 35.00
N THR C 130 10.46 -27.59 34.45
CA THR C 130 10.46 -26.24 33.98
C THR C 130 10.72 -25.27 35.12
N LYS C 131 11.43 -24.20 34.82
CA LYS C 131 11.90 -23.25 35.82
C LYS C 131 11.06 -21.96 35.84
N ASP C 132 11.11 -21.24 36.95
CA ASP C 132 10.26 -20.07 37.11
C ASP C 132 10.50 -19.01 36.08
N ASP C 133 11.76 -18.88 35.66
CA ASP C 133 12.12 -17.92 34.63
C ASP C 133 12.63 -18.65 33.43
N THR C 134 11.86 -18.54 32.32
CA THR C 134 12.18 -19.15 31.03
C THR C 134 11.42 -18.43 29.88
N ILE C 135 11.59 -18.94 28.65
CA ILE C 135 10.86 -18.44 27.52
C ILE C 135 9.39 -18.80 27.62
N MET C 136 8.54 -17.80 27.35
CA MET C 136 7.10 -17.94 27.44
C MET C 136 6.49 -17.83 26.05
N ASN C 137 6.06 -18.96 25.48
CA ASN C 137 5.39 -18.99 24.15
C ASN C 137 4.15 -19.89 24.11
N PRO C 138 3.12 -19.56 24.95
CA PRO C 138 1.90 -20.34 25.00
C PRO C 138 1.15 -20.34 23.65
N SER C 139 0.57 -21.50 23.34
CA SER C 139 -0.11 -21.72 22.07
C SER C 139 -1.62 -21.60 22.22
N THR C 140 -2.09 -21.17 23.40
CA THR C 140 -3.51 -20.82 23.59
C THR C 140 -3.65 -19.38 23.99
N VAL C 141 -4.83 -18.81 23.69
CA VAL C 141 -5.18 -17.45 24.02
C VAL C 141 -5.34 -17.34 25.55
N TYR C 142 -5.65 -18.46 26.20
CA TYR C 142 -5.68 -18.52 27.66
C TYR C 142 -4.30 -18.20 28.23
N GLY C 143 -3.32 -19.00 27.80
CA GLY C 143 -1.93 -18.84 28.22
C GLY C 143 -1.37 -17.44 27.95
N VAL C 144 -1.69 -16.93 26.78
CA VAL C 144 -1.32 -15.55 26.39
C VAL C 144 -1.81 -14.50 27.38
N THR C 145 -3.10 -14.55 27.74
CA THR C 145 -3.67 -13.68 28.75
C THR C 145 -3.00 -13.86 30.12
N LYS C 146 -2.54 -15.06 30.42
CA LYS C 146 -1.99 -15.35 31.72
C LYS C 146 -0.60 -14.76 31.85
N VAL C 147 0.25 -14.96 30.83
CA VAL C 147 1.48 -14.20 30.74
C VAL C 147 1.22 -12.72 30.98
N TYR C 148 0.21 -12.19 30.34
CA TYR C 148 -0.12 -10.80 30.55
C TYR C 148 -0.50 -10.55 32.02
N THR C 149 -1.28 -11.45 32.60
CA THR C 149 -1.62 -11.34 34.00
C THR C 149 -0.31 -11.27 34.86
N GLU C 150 0.61 -12.20 34.62
CA GLU C 150 1.83 -12.31 35.38
C GLU C 150 2.59 -10.97 35.39
N LEU C 151 2.71 -10.42 34.20
CA LEU C 151 3.53 -9.28 33.88
C LEU C 151 2.94 -7.96 34.34
N LEU C 152 1.62 -7.85 34.21
CA LEU C 152 0.89 -6.65 34.62
C LEU C 152 0.91 -6.58 36.14
N GLY C 153 0.70 -7.72 36.81
CA GLY C 153 0.75 -7.72 38.28
C GLY C 153 2.13 -7.37 38.78
N THR C 154 3.12 -7.95 38.17
CA THR C 154 4.45 -7.73 38.61
C THR C 154 4.77 -6.23 38.43
N TRP C 155 4.47 -5.68 37.27
CA TRP C 155 4.56 -4.24 37.12
C TRP C 155 3.76 -3.50 38.23
N TYR C 156 2.52 -3.94 38.57
CA TYR C 156 1.81 -3.30 39.67
C TYR C 156 2.64 -3.40 40.97
N ARG C 157 3.30 -4.52 41.20
CA ARG C 157 4.21 -4.62 42.36
C ARG C 157 5.38 -3.61 42.30
N GLN C 158 6.04 -3.49 41.17
CA GLN C 158 7.21 -2.60 41.07
C GLN C 158 6.83 -1.15 41.06
N LYS C 159 5.77 -0.83 40.36
CA LYS C 159 5.49 0.54 40.08
C LYS C 159 4.82 1.14 41.28
N TYR C 160 3.84 0.41 41.84
CA TYR C 160 3.00 0.99 42.87
C TYR C 160 3.18 0.38 44.24
N GLY C 161 3.93 -0.71 44.37
CA GLY C 161 4.10 -1.35 45.70
C GLY C 161 2.97 -2.30 46.02
N VAL C 162 2.20 -2.69 45.00
CA VAL C 162 1.00 -3.49 45.25
C VAL C 162 1.53 -4.85 45.51
N ASP C 163 1.05 -5.46 46.57
CA ASP C 163 1.49 -6.79 46.95
C ASP C 163 0.72 -7.84 46.17
N PHE C 164 1.23 -8.16 44.97
CA PHE C 164 0.66 -9.10 44.01
C PHE C 164 1.38 -10.44 44.13
N ARG C 165 0.64 -11.52 44.33
CA ARG C 165 1.26 -12.88 44.33
C ARG C 165 0.46 -13.85 43.48
N SER C 166 1.14 -14.89 43.04
CA SER C 166 0.61 -15.79 42.05
C SER C 166 1.48 -17.03 42.04
N VAL C 167 0.83 -18.14 41.76
CA VAL C 167 1.57 -19.34 41.41
C VAL C 167 1.06 -19.78 40.05
N ARG C 168 1.86 -20.60 39.37
CA ARG C 168 1.46 -21.24 38.15
C ARG C 168 0.87 -22.56 38.58
N LEU C 169 -0.45 -22.58 38.70
CA LEU C 169 -1.07 -23.81 39.09
C LEU C 169 -0.86 -24.90 37.99
N PRO C 170 -0.69 -26.16 38.43
CA PRO C 170 -0.77 -27.32 37.58
C PRO C 170 -2.24 -27.74 37.35
N GLY C 171 -2.49 -28.87 36.70
CA GLY C 171 -3.86 -29.38 36.67
C GLY C 171 -4.37 -29.71 38.08
N ILE C 172 -5.54 -29.16 38.43
CA ILE C 172 -6.10 -29.28 39.79
C ILE C 172 -7.21 -30.33 39.90
N ILE C 173 -7.06 -31.29 40.81
CA ILE C 173 -8.06 -32.33 40.99
C ILE C 173 -8.86 -32.15 42.31
N SER C 174 -10.19 -32.11 42.20
CA SER C 174 -11.11 -32.10 43.37
C SER C 174 -12.40 -32.93 43.08
N ALA C 175 -13.10 -33.37 44.12
CA ALA C 175 -14.35 -34.10 43.98
C ALA C 175 -15.59 -33.20 44.00
N ALA C 176 -15.51 -32.08 44.72
CA ALA C 176 -16.68 -31.24 45.08
C ALA C 176 -17.33 -30.46 43.91
N THR C 177 -16.54 -30.06 42.94
CA THR C 177 -17.06 -29.29 41.82
C THR C 177 -16.34 -29.72 40.56
N LEU C 178 -17.14 -30.00 39.52
CA LEU C 178 -16.62 -30.37 38.21
C LEU C 178 -15.88 -29.17 37.56
N PRO C 179 -14.83 -29.42 36.72
CA PRO C 179 -14.05 -28.30 36.16
C PRO C 179 -14.74 -27.58 34.99
N GLY C 180 -14.32 -26.33 34.73
CA GLY C 180 -15.05 -25.42 33.83
C GLY C 180 -14.30 -24.88 32.63
N GLY C 181 -13.96 -25.75 31.69
CA GLY C 181 -13.53 -25.32 30.32
C GLY C 181 -12.10 -25.63 29.83
N GLY C 182 -11.35 -26.46 30.57
CA GLY C 182 -9.94 -26.79 30.25
C GLY C 182 -9.63 -28.26 29.88
N ALA C 183 -8.34 -28.53 29.71
CA ALA C 183 -7.79 -29.84 29.30
C ALA C 183 -7.67 -30.92 30.40
N THR C 184 -7.23 -30.48 31.58
CA THR C 184 -6.95 -31.37 32.72
C THR C 184 -8.19 -31.97 33.36
N ASP C 185 -9.35 -31.48 32.98
CA ASP C 185 -10.66 -32.08 33.29
C ASP C 185 -10.77 -33.59 33.00
N TYR C 186 -10.12 -34.10 31.96
CA TYR C 186 -10.20 -35.53 31.62
C TYR C 186 -10.03 -36.45 32.84
N ALA C 187 -9.18 -36.05 33.78
CA ALA C 187 -8.92 -36.86 34.97
C ALA C 187 -10.14 -36.97 35.90
N ILE C 188 -10.72 -35.83 36.24
CA ILE C 188 -11.90 -35.80 37.11
C ILE C 188 -12.99 -36.68 36.53
N HIS C 189 -13.21 -36.55 35.22
CA HIS C 189 -14.12 -37.39 34.44
C HIS C 189 -13.80 -38.90 34.47
N MET C 190 -12.51 -39.29 34.40
CA MET C 190 -12.14 -40.74 34.49
C MET C 190 -12.59 -41.41 35.78
N TYR C 191 -12.38 -40.73 36.91
CA TYR C 191 -13.01 -41.11 38.18
C TYR C 191 -14.56 -41.27 38.13
N HIS C 192 -15.28 -40.28 37.58
CA HIS C 192 -16.77 -40.41 37.44
C HIS C 192 -17.13 -41.66 36.62
N SER C 193 -16.50 -41.82 35.45
CA SER C 193 -16.68 -43.02 34.61
C SER C 193 -16.45 -44.33 35.37
N ALA C 194 -15.49 -44.37 36.31
CA ALA C 194 -15.16 -45.62 37.02
C ALA C 194 -16.26 -46.10 37.95
N LEU C 195 -16.71 -45.21 38.84
CA LEU C 195 -17.77 -45.49 39.81
C LEU C 195 -19.09 -45.88 39.13
N LEU C 196 -19.36 -45.26 37.99
CA LEU C 196 -20.55 -45.54 37.20
C LEU C 196 -20.34 -46.72 36.31
N GLN C 197 -19.08 -47.08 36.07
CA GLN C 197 -18.71 -48.13 35.12
C GLN C 197 -19.24 -47.86 33.71
N LYS C 198 -18.70 -46.83 33.09
CA LYS C 198 -19.01 -46.52 31.72
C LYS C 198 -17.68 -46.25 31.07
N LYS C 199 -17.66 -46.23 29.74
CA LYS C 199 -16.45 -45.85 29.03
C LYS C 199 -16.21 -44.32 29.10
N CYS C 200 -14.99 -43.94 29.46
CA CYS C 200 -14.55 -42.56 29.40
C CYS C 200 -13.98 -42.40 28.00
N VAL C 201 -14.40 -41.37 27.28
CA VAL C 201 -13.76 -41.04 26.02
C VAL C 201 -12.78 -39.89 26.31
N CYS C 202 -11.49 -40.22 26.31
CA CYS C 202 -10.46 -39.28 26.73
C CYS C 202 -9.79 -38.53 25.55
N PRO C 203 -9.96 -37.19 25.48
CA PRO C 203 -9.33 -36.41 24.39
C PRO C 203 -7.82 -36.17 24.50
N VAL C 204 -7.24 -36.45 25.66
CA VAL C 204 -5.82 -36.25 25.87
C VAL C 204 -5.19 -37.59 25.64
N LEU C 205 -4.07 -37.60 24.92
CA LEU C 205 -3.42 -38.84 24.58
C LEU C 205 -2.77 -39.54 25.80
N PRO C 206 -2.53 -40.88 25.67
CA PRO C 206 -2.44 -41.75 26.86
C PRO C 206 -1.17 -41.58 27.67
N TYR C 207 -0.13 -41.09 27.03
CA TYR C 207 1.20 -40.92 27.65
C TYR C 207 1.57 -39.47 27.73
N GLU C 208 0.59 -38.59 27.53
CA GLU C 208 0.80 -37.15 27.73
C GLU C 208 0.86 -36.85 29.24
N SER C 209 2.09 -36.71 29.74
CA SER C 209 2.35 -36.52 31.18
C SER C 209 2.12 -35.05 31.52
N LEU C 210 1.50 -34.81 32.66
CA LEU C 210 1.20 -33.41 33.05
C LEU C 210 1.34 -33.17 34.55
N PRO C 211 1.82 -31.98 34.91
CA PRO C 211 1.87 -31.57 36.32
C PRO C 211 0.46 -31.44 36.90
N MET C 212 0.20 -32.16 37.99
CA MET C 212 -1.12 -32.22 38.60
C MET C 212 -0.99 -32.08 40.12
N MET C 213 -2.08 -31.71 40.79
CA MET C 213 -2.08 -31.58 42.21
C MET C 213 -3.48 -31.75 42.73
N TYR C 214 -3.56 -32.38 43.91
CA TYR C 214 -4.80 -32.60 44.56
C TYR C 214 -5.18 -31.44 45.44
N MET C 215 -6.48 -31.25 45.58
CA MET C 215 -7.06 -30.03 46.14
C MET C 215 -6.58 -29.70 47.55
N PRO C 216 -6.38 -30.71 48.40
CA PRO C 216 -5.98 -30.42 49.78
C PRO C 216 -4.59 -29.82 49.87
N ASP C 217 -3.74 -30.13 48.91
CA ASP C 217 -2.39 -29.54 48.87
C ASP C 217 -2.46 -28.10 48.28
N THR C 218 -3.39 -27.94 47.33
CA THR C 218 -3.55 -26.69 46.65
C THR C 218 -3.96 -25.60 47.64
N LEU C 219 -4.97 -25.90 48.43
CA LEU C 219 -5.53 -25.01 49.45
C LEU C 219 -4.51 -24.64 50.48
N ASN C 220 -3.77 -25.65 50.94
CA ASN C 220 -2.66 -25.41 51.88
C ASN C 220 -1.69 -24.39 51.36
N SER C 221 -1.37 -24.50 50.08
CA SER C 221 -0.44 -23.62 49.40
C SER C 221 -1.03 -22.27 49.05
N LEU C 222 -2.32 -22.27 48.73
CA LEU C 222 -3.00 -21.02 48.38
C LEU C 222 -3.09 -20.06 49.58
N VAL C 223 -3.17 -20.64 50.77
CA VAL C 223 -3.24 -19.88 52.03
C VAL C 223 -1.82 -19.45 52.51
N LYS C 224 -0.90 -20.40 52.41
CA LYS C 224 0.47 -20.23 52.87
C LYS C 224 1.18 -19.09 52.14
N ILE C 225 1.13 -19.10 50.80
CA ILE C 225 1.77 -18.05 50.05
C ILE C 225 1.23 -16.67 50.42
N MET C 226 -0.05 -16.58 50.76
CA MET C 226 -0.62 -15.28 51.16
C MET C 226 -0.37 -14.96 52.64
N GLU C 227 -0.11 -15.99 53.43
CA GLU C 227 0.25 -15.82 54.82
C GLU C 227 1.69 -15.38 54.97
N ALA C 228 2.55 -15.69 54.01
CA ALA C 228 4.00 -15.41 54.15
C ALA C 228 4.31 -13.90 54.10
N PRO C 229 5.31 -13.45 54.88
CA PRO C 229 5.65 -12.05 54.93
C PRO C 229 6.35 -11.64 53.68
N LEU C 230 6.05 -10.43 53.21
CA LEU C 230 6.52 -9.99 51.93
C LEU C 230 8.01 -10.18 51.74
N GLU C 231 8.76 -10.01 52.82
CA GLU C 231 10.20 -10.11 52.78
C GLU C 231 10.73 -11.47 52.40
N LYS C 232 9.96 -12.51 52.68
CA LYS C 232 10.37 -13.84 52.27
C LYS C 232 10.18 -14.12 50.77
N LEU C 233 9.52 -13.24 50.06
CA LEU C 233 9.27 -13.46 48.65
C LEU C 233 10.33 -12.91 47.72
N THR C 234 11.12 -13.79 47.14
CA THR C 234 12.10 -13.39 46.14
C THR C 234 11.44 -13.15 44.78
N ARG C 235 10.15 -13.39 44.63
CA ARG C 235 9.49 -13.09 43.35
C ARG C 235 7.99 -13.04 43.46
N THR C 236 7.34 -12.56 42.41
CA THR C 236 5.87 -12.41 42.38
C THR C 236 5.13 -13.68 41.93
N VAL C 237 5.75 -14.46 41.06
CA VAL C 237 5.10 -15.61 40.45
C VAL C 237 5.95 -16.86 40.65
N TYR C 238 5.33 -17.91 41.19
CA TYR C 238 6.01 -19.18 41.42
C TYR C 238 5.31 -20.38 40.81
N ASN C 239 6.09 -21.23 40.17
CA ASN C 239 5.69 -22.61 39.89
C ASN C 239 5.35 -23.38 41.18
N ILE C 240 4.26 -24.14 41.22
CA ILE C 240 4.12 -25.24 42.20
C ILE C 240 3.56 -26.42 41.48
N THR C 241 4.03 -27.61 41.85
CA THR C 241 3.45 -28.84 41.34
C THR C 241 3.18 -29.74 42.53
N GLY C 242 2.33 -30.72 42.29
CA GLY C 242 2.10 -31.81 43.21
C GLY C 242 2.91 -32.97 42.68
N PHE C 243 2.51 -33.44 41.51
CA PHE C 243 3.16 -34.56 40.85
C PHE C 243 2.65 -34.67 39.40
N SER C 244 3.45 -35.31 38.57
CA SER C 244 3.11 -35.50 37.15
C SER C 244 2.47 -36.86 36.88
N PHE C 245 1.43 -36.87 36.03
CA PHE C 245 0.90 -38.11 35.47
C PHE C 245 0.26 -37.97 34.07
N SER C 246 0.28 -39.08 33.34
CA SER C 246 -0.37 -39.27 32.04
C SER C 246 -1.73 -39.93 32.25
N PRO C 247 -2.67 -39.81 31.29
CA PRO C 247 -3.95 -40.51 31.43
C PRO C 247 -3.83 -42.01 31.75
N SER C 248 -2.89 -42.72 31.14
CA SER C 248 -2.76 -44.15 31.41
C SER C 248 -2.14 -44.41 32.79
N GLU C 249 -1.42 -43.43 33.31
CA GLU C 249 -1.02 -43.49 34.72
C GLU C 249 -2.24 -43.32 35.63
N LEU C 250 -3.13 -42.40 35.27
CA LEU C 250 -4.31 -42.24 36.09
C LEU C 250 -5.20 -43.47 35.94
N ARG C 251 -5.27 -44.03 34.73
CA ARG C 251 -5.94 -45.32 34.53
C ARG C 251 -5.44 -46.39 35.53
N PHE C 252 -4.15 -46.68 35.50
CA PHE C 252 -3.55 -47.69 36.36
C PHE C 252 -3.74 -47.40 37.84
N SER C 253 -3.81 -46.11 38.22
CA SER C 253 -4.10 -45.72 39.60
C SER C 253 -5.52 -46.09 40.06
N ILE C 254 -6.51 -45.88 39.19
CA ILE C 254 -7.93 -46.08 39.56
C ILE C 254 -8.22 -47.59 39.60
N GLU C 255 -7.75 -48.28 38.58
CA GLU C 255 -7.75 -49.73 38.51
C GLU C 255 -7.13 -50.37 39.76
N ARG C 256 -6.14 -49.75 40.38
CA ARG C 256 -5.58 -50.30 41.62
C ARG C 256 -6.54 -50.19 42.82
N CYS C 257 -7.28 -49.11 42.89
CA CYS C 257 -8.27 -48.94 43.97
C CYS C 257 -9.54 -49.80 43.75
N THR C 258 -9.97 -49.97 42.50
CA THR C 258 -11.31 -50.50 42.23
C THR C 258 -11.38 -52.01 41.98
N ASP C 259 -10.24 -52.68 41.84
CA ASP C 259 -10.21 -54.13 41.56
C ASP C 259 -11.00 -54.44 40.29
N ARG C 260 -10.88 -53.56 39.30
CA ARG C 260 -11.72 -53.56 38.12
C ARG C 260 -11.08 -52.74 37.00
N THR C 261 -10.90 -53.36 35.84
CA THR C 261 -10.54 -52.65 34.61
C THR C 261 -11.52 -51.52 34.36
N ILE C 262 -11.05 -50.41 33.78
CA ILE C 262 -11.96 -49.35 33.35
C ILE C 262 -11.76 -49.01 31.87
N GLU C 263 -12.86 -48.71 31.21
CA GLU C 263 -12.88 -48.58 29.75
C GLU C 263 -12.52 -47.15 29.35
N VAL C 264 -11.39 -47.00 28.66
CA VAL C 264 -10.96 -45.69 28.22
C VAL C 264 -10.81 -45.73 26.72
N GLU C 265 -11.53 -44.87 26.01
CA GLU C 265 -11.30 -44.67 24.58
C GLU C 265 -10.59 -43.33 24.36
N TYR C 266 -9.40 -43.38 23.76
CA TYR C 266 -8.58 -42.17 23.49
C TYR C 266 -8.90 -41.57 22.13
N VAL C 267 -9.73 -40.54 22.13
CA VAL C 267 -10.18 -39.95 20.88
C VAL C 267 -9.74 -38.51 20.95
N GLU C 268 -8.66 -38.23 20.27
CA GLU C 268 -8.06 -36.90 20.26
C GLU C 268 -9.13 -35.80 20.10
N GLY C 269 -9.09 -34.80 20.99
CA GLY C 269 -9.84 -33.54 20.87
C GLY C 269 -8.88 -32.35 20.84
N PRO C 270 -9.44 -31.12 20.87
CA PRO C 270 -8.65 -29.86 20.88
C PRO C 270 -7.63 -29.83 22.05
N ALA C 271 -7.97 -30.50 23.14
CA ALA C 271 -7.14 -30.51 24.33
C ALA C 271 -5.86 -31.30 24.14
N GLN C 272 -5.75 -32.07 23.06
CA GLN C 272 -4.52 -32.80 22.83
C GLN C 272 -3.35 -31.91 22.40
N LYS C 273 -3.56 -31.06 21.40
CA LYS C 273 -2.48 -30.18 20.92
C LYS C 273 -2.09 -29.27 22.08
N ILE C 274 -3.09 -28.94 22.90
CA ILE C 274 -2.93 -28.05 24.04
C ILE C 274 -2.01 -28.66 25.13
N ALA C 275 -2.42 -29.79 25.68
CA ALA C 275 -1.64 -30.44 26.74
C ALA C 275 -0.23 -30.84 26.28
N ASN C 276 -0.10 -31.02 24.98
CA ASN C 276 1.15 -31.36 24.39
C ASN C 276 2.10 -30.19 24.34
N SER C 277 1.54 -28.97 24.28
CA SER C 277 2.38 -27.78 24.29
C SER C 277 2.82 -27.44 25.72
N TRP C 278 2.27 -28.13 26.72
CA TRP C 278 2.58 -27.84 28.11
C TRP C 278 3.76 -28.67 28.70
N PRO C 279 4.38 -28.14 29.80
CA PRO C 279 5.42 -28.88 30.53
C PRO C 279 4.98 -30.28 30.89
N ASP C 280 5.91 -31.23 30.97
CA ASP C 280 5.67 -32.58 31.52
C ASP C 280 5.78 -32.55 33.04
N SER C 281 6.59 -31.61 33.54
CA SER C 281 6.83 -31.39 34.96
C SER C 281 7.51 -30.03 35.20
N LEU C 282 7.24 -29.46 36.39
CA LEU C 282 7.72 -28.16 36.78
C LEU C 282 8.80 -28.24 37.91
N ASP C 283 9.76 -27.31 37.87
CA ASP C 283 10.63 -27.06 38.99
C ASP C 283 9.99 -26.00 39.88
N ASP C 284 9.65 -26.40 41.11
CA ASP C 284 9.06 -25.52 42.12
C ASP C 284 9.99 -25.30 43.35
N SER C 285 11.31 -25.45 43.16
CA SER C 285 12.25 -25.28 44.27
C SER C 285 12.15 -23.88 44.90
N ASN C 286 11.99 -22.82 44.10
CA ASN C 286 11.90 -21.46 44.67
C ASN C 286 10.74 -21.26 45.64
N ALA C 287 9.59 -21.88 45.35
CA ALA C 287 8.43 -21.88 46.26
C ALA C 287 8.70 -22.66 47.54
N ARG C 288 9.28 -23.84 47.40
CA ARG C 288 9.69 -24.67 48.54
C ARG C 288 10.59 -23.88 49.42
N ASN C 289 11.68 -23.35 48.86
CA ASN C 289 12.65 -22.58 49.65
C ASN C 289 12.18 -21.21 50.18
N ASP C 290 11.36 -20.48 49.42
CA ASP C 290 10.92 -19.17 49.87
C ASP C 290 9.85 -19.20 50.90
N TRP C 291 8.83 -20.04 50.68
CA TRP C 291 7.65 -19.97 51.57
C TRP C 291 7.07 -21.31 51.94
N GLY C 292 7.81 -22.39 51.79
CA GLY C 292 7.36 -23.68 52.32
C GLY C 292 6.25 -24.43 51.59
N HIS C 293 6.20 -24.31 50.25
CA HIS C 293 5.25 -25.12 49.44
C HIS C 293 5.56 -26.57 49.69
N GLN C 294 4.52 -27.37 49.83
CA GLN C 294 4.68 -28.71 50.38
C GLN C 294 3.49 -29.52 49.89
N VAL C 295 3.72 -30.83 49.71
CA VAL C 295 2.77 -31.72 49.08
C VAL C 295 2.66 -33.05 49.85
N LYS C 296 1.46 -33.41 50.30
CA LYS C 296 1.25 -34.69 51.01
C LYS C 296 0.74 -35.87 50.18
N TYR C 297 -0.17 -35.59 49.25
CA TYR C 297 -0.78 -36.64 48.45
C TYR C 297 0.13 -37.06 47.29
N ASP C 298 0.04 -38.35 46.95
CA ASP C 298 0.65 -38.90 45.73
C ASP C 298 -0.54 -39.56 45.06
N ILE C 299 -0.31 -40.22 43.92
CA ILE C 299 -1.40 -40.51 43.00
C ILE C 299 -2.45 -41.45 43.60
N ASP C 300 -1.97 -42.51 44.25
CA ASP C 300 -2.88 -43.47 44.88
C ASP C 300 -3.64 -42.87 46.04
N MET C 301 -3.01 -41.97 46.80
CA MET C 301 -3.73 -41.35 47.92
C MET C 301 -4.87 -40.44 47.40
N MET C 302 -4.62 -39.79 46.25
CA MET C 302 -5.64 -38.99 45.57
C MET C 302 -6.82 -39.85 45.04
N SER C 303 -6.48 -40.92 44.31
CA SER C 303 -7.50 -41.78 43.69
C SER C 303 -8.40 -42.42 44.77
N GLU C 304 -7.81 -42.77 45.91
CA GLU C 304 -8.54 -43.32 47.04
C GLU C 304 -9.56 -42.31 47.56
N ASP C 305 -9.09 -41.11 47.92
CA ASP C 305 -9.95 -40.07 48.46
C ASP C 305 -10.95 -39.67 47.39
N MET C 306 -10.49 -39.55 46.14
CA MET C 306 -11.40 -39.17 45.05
C MET C 306 -12.52 -40.19 44.88
N LEU C 307 -12.17 -41.47 44.97
CA LEU C 307 -13.17 -42.57 44.84
C LEU C 307 -14.09 -42.70 46.05
N ARG C 308 -13.62 -42.26 47.22
CA ARG C 308 -14.49 -42.25 48.38
C ARG C 308 -15.45 -41.04 48.37
N GLN C 309 -14.95 -39.88 47.96
CA GLN C 309 -15.65 -38.61 48.13
C GLN C 309 -16.75 -38.32 47.10
N ILE C 310 -16.53 -38.68 45.84
CA ILE C 310 -17.53 -38.42 44.77
C ILE C 310 -18.89 -39.06 45.10
N PRO C 311 -18.92 -40.39 45.36
CA PRO C 311 -20.21 -40.98 45.77
C PRO C 311 -20.82 -40.26 46.96
N ILE C 312 -20.06 -40.11 48.05
CA ILE C 312 -20.60 -39.36 49.17
C ILE C 312 -21.19 -38.05 48.63
N LEU C 313 -20.34 -37.20 48.06
CA LEU C 313 -20.72 -35.83 47.61
C LEU C 313 -21.59 -35.73 46.36
N HIS C 314 -21.58 -36.72 45.49
CA HIS C 314 -22.39 -36.62 44.27
C HIS C 314 -23.36 -37.81 44.11
N GLY C 315 -23.70 -38.42 45.22
CA GLY C 315 -24.71 -39.43 45.24
C GLY C 315 -24.31 -40.69 44.59
N LEU C 316 -23.94 -40.63 43.32
CA LEU C 316 -23.71 -41.84 42.57
C LEU C 316 -22.88 -42.90 43.26
N PRO C 317 -22.86 -44.10 42.73
CA PRO C 317 -22.57 -45.29 43.49
C PRO C 317 -21.13 -45.41 43.96
N SER C 318 -20.85 -46.40 44.80
CA SER C 318 -19.66 -46.47 45.60
C SER C 318 -18.95 -47.79 45.61
N LEU C 319 -18.23 -48.03 46.70
CA LEU C 319 -17.47 -49.30 46.86
C LEU C 319 -17.27 -50.11 45.56
N PRO D 1 12.81 -5.99 -36.27
CA PRO D 1 13.55 -5.52 -35.07
C PRO D 1 12.75 -5.84 -33.81
N ARG D 2 13.18 -6.86 -33.05
CA ARG D 2 12.52 -7.28 -31.82
C ARG D 2 13.29 -6.72 -30.62
N VAL D 3 12.64 -5.98 -29.72
CA VAL D 3 13.34 -5.28 -28.62
C VAL D 3 12.95 -5.70 -27.19
N LEU D 4 13.97 -6.05 -26.40
CA LEU D 4 13.82 -6.30 -24.96
C LEU D 4 14.28 -5.08 -24.20
N VAL D 5 13.43 -4.55 -23.33
CA VAL D 5 13.86 -3.49 -22.40
C VAL D 5 13.89 -4.09 -21.01
N THR D 6 14.99 -3.94 -20.32
CA THR D 6 15.07 -4.25 -18.92
C THR D 6 15.25 -2.96 -18.16
N GLY D 7 14.68 -2.88 -16.96
CA GLY D 7 14.67 -1.65 -16.20
C GLY D 7 13.58 -0.75 -16.70
N ALA D 8 12.58 -1.34 -17.32
CA ALA D 8 11.68 -0.59 -18.16
C ALA D 8 10.57 0.19 -17.46
N LEU D 9 10.39 0.03 -16.16
CA LEU D 9 9.30 0.72 -15.43
C LEU D 9 9.68 2.09 -14.85
N GLY D 10 10.92 2.53 -15.00
CA GLY D 10 11.41 3.79 -14.37
C GLY D 10 11.27 4.99 -15.28
N GLN D 11 12.01 6.06 -14.98
CA GLN D 11 11.80 7.29 -15.72
C GLN D 11 11.95 7.08 -17.23
N ILE D 12 13.07 6.50 -17.63
CA ILE D 12 13.38 6.39 -19.04
C ILE D 12 12.58 5.30 -19.73
N GLY D 13 12.54 4.13 -19.11
CA GLY D 13 11.87 2.97 -19.67
C GLY D 13 10.43 3.21 -20.00
N THR D 14 9.74 3.83 -19.07
CA THR D 14 8.36 4.10 -19.24
C THR D 14 8.06 4.74 -20.57
N ASP D 15 8.83 5.75 -20.97
CA ASP D 15 8.54 6.47 -22.20
C ASP D 15 9.14 5.76 -23.41
N LEU D 16 10.28 5.15 -23.21
CA LEU D 16 10.93 4.44 -24.32
C LEU D 16 10.05 3.23 -24.71
N SER D 17 9.64 2.46 -23.70
CA SER D 17 8.78 1.26 -23.93
C SER D 17 7.57 1.61 -24.76
N LEU D 18 6.98 2.75 -24.45
CA LEU D 18 5.83 3.23 -25.18
C LEU D 18 6.14 3.59 -26.57
N ALA D 19 7.16 4.44 -26.75
CA ALA D 19 7.57 4.89 -28.07
C ALA D 19 8.01 3.76 -28.99
N LEU D 20 8.59 2.68 -28.41
CA LEU D 20 9.08 1.52 -29.17
C LEU D 20 7.89 0.64 -29.63
N ARG D 21 6.90 0.45 -28.75
CA ARG D 21 5.65 -0.20 -29.16
C ARG D 21 4.94 0.54 -30.32
N ASP D 22 4.87 1.86 -30.27
CA ASP D 22 4.32 2.66 -31.39
C ASP D 22 4.91 2.38 -32.76
N LYS D 23 6.25 2.36 -32.88
CA LYS D 23 6.84 2.29 -34.24
C LYS D 23 7.24 0.89 -34.64
N PHE D 24 7.30 -0.05 -33.70
CA PHE D 24 7.60 -1.46 -34.06
C PHE D 24 6.49 -2.47 -33.79
N GLY D 25 5.49 -2.06 -33.01
CA GLY D 25 4.32 -2.87 -32.75
C GLY D 25 4.45 -3.51 -31.41
N ALA D 26 3.37 -3.56 -30.65
CA ALA D 26 3.44 -4.16 -29.31
C ALA D 26 3.97 -5.59 -29.43
N ASP D 27 3.69 -6.22 -30.58
CA ASP D 27 4.25 -7.53 -30.90
C ASP D 27 5.77 -7.65 -30.81
N SER D 28 6.49 -6.61 -31.22
CA SER D 28 7.94 -6.70 -31.35
C SER D 28 8.67 -6.21 -30.10
N VAL D 29 7.93 -5.93 -29.02
CA VAL D 29 8.56 -5.44 -27.80
C VAL D 29 8.23 -6.26 -26.55
N LEU D 30 9.26 -6.58 -25.76
CA LEU D 30 9.07 -7.16 -24.46
C LEU D 30 9.82 -6.39 -23.36
N VAL D 31 9.10 -5.75 -22.44
CA VAL D 31 9.71 -4.98 -21.36
C VAL D 31 9.70 -5.79 -20.09
N SER D 32 10.66 -5.57 -19.21
CA SER D 32 10.65 -6.20 -17.91
C SER D 32 11.26 -5.36 -16.82
N ASP D 33 10.91 -5.72 -15.57
CA ASP D 33 11.41 -5.04 -14.37
C ASP D 33 11.28 -5.94 -13.11
N VAL D 34 12.14 -5.72 -12.10
CA VAL D 34 12.12 -6.49 -10.84
C VAL D 34 10.85 -6.29 -10.02
N VAL D 35 10.10 -5.23 -10.30
CA VAL D 35 8.80 -5.01 -9.69
C VAL D 35 7.76 -4.93 -10.80
N GLU D 36 6.50 -5.12 -10.44
CA GLU D 36 5.41 -5.03 -11.41
C GLU D 36 4.80 -3.64 -11.31
N PRO D 37 4.08 -3.24 -12.35
CA PRO D 37 3.54 -1.87 -12.33
C PRO D 37 2.38 -1.71 -11.35
N GLY D 38 2.08 -0.46 -10.99
CA GLY D 38 0.81 -0.09 -10.33
C GLY D 38 -0.19 0.33 -11.38
N ALA D 39 -1.42 0.61 -10.98
CA ALA D 39 -2.52 0.97 -11.90
C ALA D 39 -2.53 2.43 -12.45
N LYS D 40 -1.88 3.36 -11.77
CA LYS D 40 -1.56 4.61 -12.41
C LYS D 40 -0.53 4.37 -13.52
N HIS D 41 0.43 3.48 -13.30
CA HIS D 41 1.58 3.35 -14.22
C HIS D 41 1.11 3.20 -15.66
N PRO D 42 1.66 3.98 -16.57
CA PRO D 42 1.24 3.87 -18.01
C PRO D 42 1.59 2.55 -18.74
N LEU D 43 2.30 1.65 -18.05
CA LEU D 43 2.50 0.28 -18.53
C LEU D 43 1.63 -0.82 -17.85
N ALA D 44 0.80 -0.44 -16.88
CA ALA D 44 -0.18 -1.41 -16.36
C ALA D 44 -1.27 -1.65 -17.41
N GLY D 45 -1.91 -2.83 -17.35
CA GLY D 45 -2.98 -3.15 -18.27
C GLY D 45 -2.47 -3.54 -19.65
N LEU D 46 -1.15 -3.58 -19.78
CA LEU D 46 -0.49 -3.89 -21.04
C LEU D 46 0.16 -5.27 -20.91
N LYS D 47 0.22 -5.99 -22.03
CA LYS D 47 0.97 -7.26 -22.09
C LYS D 47 2.35 -7.04 -22.70
N GLY D 48 3.21 -8.04 -22.59
CA GLY D 48 4.60 -7.86 -22.95
C GLY D 48 5.35 -7.09 -21.88
N VAL D 49 4.98 -7.30 -20.63
CA VAL D 49 5.49 -6.55 -19.50
C VAL D 49 5.69 -7.56 -18.39
N GLU D 50 6.93 -7.96 -18.15
CA GLU D 50 7.19 -9.06 -17.27
C GLU D 50 7.92 -8.60 -16.05
N LYS D 51 7.90 -9.47 -15.06
CA LYS D 51 8.69 -9.36 -13.86
C LYS D 51 9.97 -10.14 -14.14
N LEU D 52 11.10 -9.64 -13.69
CA LEU D 52 12.37 -10.34 -13.83
C LEU D 52 13.44 -9.58 -13.09
N ASP D 53 14.17 -10.29 -12.23
CA ASP D 53 15.35 -9.74 -11.61
C ASP D 53 16.53 -10.04 -12.51
N CYS D 54 17.23 -9.00 -13.01
CA CYS D 54 18.39 -9.22 -13.88
C CYS D 54 19.56 -9.83 -13.14
N LEU D 55 19.63 -9.65 -11.82
CA LEU D 55 20.50 -10.43 -10.96
C LEU D 55 20.17 -11.96 -10.96
N ASP D 56 19.01 -12.39 -11.47
CA ASP D 56 18.79 -13.81 -11.64
C ASP D 56 19.24 -14.22 -13.05
N SER D 57 20.53 -14.52 -13.09
CA SER D 57 21.22 -15.14 -14.19
C SER D 57 20.38 -16.12 -15.02
N ASN D 58 19.66 -17.04 -14.38
CA ASN D 58 18.92 -18.06 -15.13
C ASN D 58 17.71 -17.53 -15.83
N GLY D 59 16.90 -16.77 -15.08
CA GLY D 59 15.69 -16.18 -15.60
C GLY D 59 15.94 -15.20 -16.72
N PHE D 60 17.08 -14.48 -16.66
CA PHE D 60 17.38 -13.47 -17.68
C PHE D 60 17.48 -14.20 -19.04
N GLU D 61 18.23 -15.30 -19.02
CA GLU D 61 18.51 -16.11 -20.20
C GLU D 61 17.24 -16.81 -20.67
N LYS D 62 16.48 -17.32 -19.71
CA LYS D 62 15.23 -17.98 -20.01
C LYS D 62 14.37 -17.00 -20.80
N LEU D 63 14.23 -15.79 -20.30
CA LEU D 63 13.43 -14.81 -20.99
C LEU D 63 14.05 -14.47 -22.36
N VAL D 64 15.38 -14.26 -22.42
CA VAL D 64 16.05 -13.91 -23.69
C VAL D 64 15.94 -15.05 -24.73
N LYS D 65 16.04 -16.29 -24.27
CA LYS D 65 15.93 -17.43 -25.15
C LYS D 65 14.60 -17.48 -25.86
N GLU D 66 13.54 -17.20 -25.11
CA GLU D 66 12.20 -17.40 -25.57
C GLU D 66 11.65 -16.21 -26.33
N PHE D 67 12.07 -15.00 -25.98
CA PHE D 67 11.72 -13.82 -26.81
C PHE D 67 12.56 -13.69 -28.07
N LYS D 68 13.79 -14.19 -28.03
CA LYS D 68 14.75 -14.11 -29.18
C LYS D 68 14.89 -12.66 -29.71
N PRO D 69 15.33 -11.76 -28.85
CA PRO D 69 15.44 -10.36 -29.23
C PRO D 69 16.51 -10.15 -30.27
N THR D 70 16.42 -9.05 -31.01
CA THR D 70 17.57 -8.59 -31.79
C THR D 70 18.21 -7.33 -31.20
N TRP D 71 17.43 -6.52 -30.46
CA TRP D 71 17.94 -5.36 -29.71
C TRP D 71 17.64 -5.50 -28.22
N MET D 72 18.46 -4.81 -27.40
CA MET D 72 18.26 -4.78 -25.95
C MET D 72 18.71 -3.44 -25.39
N TYR D 73 17.80 -2.71 -24.73
CA TYR D 73 18.15 -1.58 -23.87
C TYR D 73 18.18 -2.18 -22.48
N HIS D 74 19.37 -2.32 -21.91
CA HIS D 74 19.52 -2.69 -20.52
C HIS D 74 19.68 -1.46 -19.66
N LEU D 75 18.60 -1.14 -18.95
CA LEU D 75 18.46 0.12 -18.21
C LEU D 75 18.63 0.09 -16.68
N PRO D 76 18.56 -1.09 -16.02
CA PRO D 76 18.52 -0.91 -14.56
C PRO D 76 19.81 -0.38 -14.02
N ALA D 77 19.75 0.63 -13.18
CA ALA D 77 20.88 0.90 -12.36
C ALA D 77 20.46 1.70 -11.15
N ILE D 78 21.34 1.72 -10.16
CA ILE D 78 21.23 2.58 -8.98
C ILE D 78 22.11 3.81 -9.24
N MET D 79 21.52 4.99 -9.06
CA MET D 79 22.06 6.26 -9.56
C MET D 79 22.77 7.04 -8.44
N SER D 80 23.12 8.31 -8.69
CA SER D 80 24.28 8.86 -8.00
C SER D 80 23.98 8.97 -6.53
N VAL D 81 22.91 9.70 -6.16
CA VAL D 81 22.55 9.96 -4.74
C VAL D 81 22.15 8.71 -3.95
N ARG D 82 21.27 7.89 -4.51
CA ARG D 82 20.98 6.64 -3.89
C ARG D 82 22.26 5.76 -3.77
N GLY D 83 23.20 5.86 -4.71
CA GLY D 83 24.36 4.97 -4.72
C GLY D 83 25.40 5.29 -3.65
N GLU D 84 25.51 6.57 -3.30
CA GLU D 84 26.40 6.94 -2.22
C GLU D 84 25.89 6.35 -0.88
N ALA D 85 24.57 6.23 -0.72
CA ALA D 85 24.05 5.70 0.54
C ALA D 85 23.75 4.18 0.52
N GLU D 86 23.77 3.57 -0.66
CA GLU D 86 23.62 2.14 -0.79
C GLU D 86 24.59 1.61 -1.84
N PRO D 87 25.89 1.70 -1.55
CA PRO D 87 26.88 1.37 -2.56
C PRO D 87 26.96 -0.13 -2.85
N ASP D 88 26.51 -0.94 -1.90
CA ASP D 88 26.50 -2.40 -2.11
C ASP D 88 25.46 -2.78 -3.14
N LEU D 89 24.30 -2.15 -3.09
CA LEU D 89 23.26 -2.38 -4.08
C LEU D 89 23.67 -1.78 -5.43
N ALA D 90 24.36 -0.64 -5.40
CA ALA D 90 24.87 -0.08 -6.65
C ALA D 90 25.92 -1.02 -7.26
N MET D 91 26.93 -1.39 -6.51
CA MET D 91 27.91 -2.33 -7.01
C MET D 91 27.28 -3.64 -7.49
N ASP D 92 26.21 -4.08 -6.84
CA ASP D 92 25.48 -5.30 -7.25
C ASP D 92 24.77 -5.18 -8.58
N ILE D 93 23.92 -4.16 -8.70
CA ILE D 93 23.01 -4.04 -9.82
C ILE D 93 23.79 -3.49 -10.98
N ASN D 94 24.56 -2.44 -10.73
CA ASN D 94 25.29 -1.78 -11.84
C ASN D 94 26.38 -2.64 -12.48
N VAL D 95 26.98 -3.54 -11.73
CA VAL D 95 28.03 -4.42 -12.31
C VAL D 95 27.48 -5.75 -12.81
N ASN D 96 26.80 -6.51 -11.95
CA ASN D 96 26.44 -7.88 -12.27
C ASN D 96 25.29 -8.07 -13.33
N THR D 97 24.19 -7.31 -13.21
CA THR D 97 23.19 -7.20 -14.30
C THR D 97 23.80 -6.77 -15.65
N THR D 98 24.78 -5.86 -15.60
CA THR D 98 25.45 -5.36 -16.83
C THR D 98 26.25 -6.47 -17.48
N ARG D 99 27.06 -7.14 -16.65
CA ARG D 99 27.78 -8.38 -17.01
C ARG D 99 26.86 -9.49 -17.55
N TYR D 100 25.74 -9.75 -16.91
CA TYR D 100 24.82 -10.78 -17.45
C TYR D 100 24.22 -10.36 -18.77
N ALA D 101 23.92 -9.06 -18.92
CA ALA D 101 23.36 -8.54 -20.17
C ALA D 101 24.31 -8.76 -21.37
N LEU D 102 25.59 -8.60 -21.11
CA LEU D 102 26.56 -8.62 -22.21
C LEU D 102 26.82 -10.06 -22.65
N GLU D 103 27.01 -10.95 -21.66
CA GLU D 103 27.21 -12.38 -21.93
C GLU D 103 26.00 -12.98 -22.69
N LEU D 104 24.80 -12.47 -22.44
CA LEU D 104 23.61 -12.88 -23.18
C LEU D 104 23.56 -12.27 -24.58
N ALA D 105 24.03 -11.04 -24.70
CA ALA D 105 24.07 -10.36 -25.98
C ALA D 105 25.07 -11.07 -26.87
N ARG D 106 26.16 -11.55 -26.29
CA ARG D 106 27.09 -12.42 -27.01
C ARG D 106 26.42 -13.76 -27.41
N LYS D 107 25.99 -14.52 -26.42
CA LYS D 107 25.44 -15.84 -26.67
C LYS D 107 24.30 -15.90 -27.68
N TYR D 108 23.40 -14.91 -27.69
CA TYR D 108 22.18 -14.92 -28.49
C TYR D 108 22.16 -13.85 -29.60
N ASN D 109 23.28 -13.14 -29.79
CA ASN D 109 23.48 -12.22 -30.92
C ASN D 109 22.56 -11.02 -30.94
N ILE D 110 22.66 -10.25 -29.86
CA ILE D 110 21.84 -9.08 -29.66
C ILE D 110 22.70 -7.84 -29.89
N ARG D 111 22.16 -6.88 -30.65
CA ARG D 111 22.58 -5.50 -30.53
C ARG D 111 22.21 -4.92 -29.16
N ILE D 112 23.18 -4.68 -28.28
CA ILE D 112 22.90 -4.24 -26.90
C ILE D 112 23.25 -2.77 -26.65
N PHE D 113 22.24 -2.00 -26.22
CA PHE D 113 22.43 -0.67 -25.72
C PHE D 113 22.45 -0.65 -24.19
N ILE D 114 23.50 -0.06 -23.60
CA ILE D 114 23.54 0.19 -22.15
C ILE D 114 23.97 1.62 -21.89
N PRO D 115 23.06 2.47 -21.38
CA PRO D 115 23.36 3.91 -21.28
C PRO D 115 24.44 4.20 -20.30
N SER D 116 25.30 5.17 -20.59
CA SER D 116 26.26 5.62 -19.60
C SER D 116 25.70 6.93 -19.11
N THR D 117 26.50 7.82 -18.56
CA THR D 117 26.00 9.05 -17.99
C THR D 117 27.07 10.11 -17.88
N ILE D 118 26.73 11.37 -17.80
CA ILE D 118 27.69 12.38 -17.41
C ILE D 118 28.33 12.10 -16.07
N ALA D 119 27.68 11.34 -15.20
CA ALA D 119 28.24 11.06 -13.89
C ALA D 119 29.53 10.31 -14.08
N ALA D 120 29.76 9.72 -15.24
CA ALA D 120 30.98 8.93 -15.44
C ALA D 120 32.25 9.80 -15.46
N PHE D 121 32.05 11.10 -15.63
CA PHE D 121 33.13 12.09 -15.50
C PHE D 121 33.31 12.59 -14.07
N GLY D 122 34.50 13.12 -13.77
CA GLY D 122 34.78 13.86 -12.53
C GLY D 122 35.52 15.17 -12.78
N ASP D 123 36.06 15.76 -11.71
CA ASP D 123 36.58 17.14 -11.83
C ASP D 123 37.73 17.32 -12.83
N LYS D 124 38.45 16.23 -13.13
CA LYS D 124 39.52 16.23 -14.14
C LYS D 124 39.08 16.00 -15.62
N CYS D 125 37.81 15.96 -15.91
CA CYS D 125 37.35 15.68 -17.26
C CYS D 125 37.53 16.80 -18.30
N GLY D 126 37.83 18.01 -17.84
CA GLY D 126 37.59 19.18 -18.67
C GLY D 126 36.09 19.54 -18.70
N LYS D 127 35.65 20.44 -17.82
CA LYS D 127 34.20 20.68 -17.61
C LYS D 127 33.39 21.34 -18.75
N THR D 128 34.05 22.18 -19.56
CA THR D 128 33.46 22.93 -20.70
C THR D 128 33.59 22.16 -22.02
N MET D 129 32.44 21.92 -22.66
CA MET D 129 32.42 21.13 -23.90
C MET D 129 33.28 19.87 -23.75
N THR D 130 32.88 19.07 -22.77
CA THR D 130 33.65 17.92 -22.41
C THR D 130 33.64 17.00 -23.61
N LYS D 131 34.81 16.40 -23.86
CA LYS D 131 35.01 15.58 -25.02
C LYS D 131 34.72 14.11 -24.75
N ASP D 132 34.61 13.37 -25.84
CA ASP D 132 34.27 11.96 -25.80
C ASP D 132 35.40 11.17 -25.14
N ASP D 133 36.65 11.43 -25.54
CA ASP D 133 37.84 10.78 -24.93
C ASP D 133 38.60 11.71 -24.03
N THR D 134 38.64 11.37 -22.75
CA THR D 134 39.28 12.21 -21.74
C THR D 134 39.54 11.42 -20.44
N ILE D 135 40.05 12.11 -19.42
CA ILE D 135 40.34 11.48 -18.15
C ILE D 135 38.99 11.23 -17.48
N MET D 136 38.80 10.03 -16.95
CA MET D 136 37.58 9.63 -16.24
C MET D 136 37.91 9.45 -14.76
N ASN D 137 37.45 10.36 -13.90
CA ASN D 137 37.67 10.26 -12.46
C ASN D 137 36.39 10.51 -11.67
N PRO D 138 35.33 9.67 -11.90
CA PRO D 138 34.06 9.83 -11.20
C PRO D 138 34.19 9.88 -9.68
N SER D 139 33.49 10.81 -9.05
CA SER D 139 33.53 10.89 -7.60
C SER D 139 32.37 10.19 -6.97
N THR D 140 31.52 9.50 -7.73
CA THR D 140 30.50 8.66 -7.15
C THR D 140 30.68 7.22 -7.56
N VAL D 141 30.30 6.32 -6.65
CA VAL D 141 30.35 4.89 -6.96
C VAL D 141 29.48 4.54 -8.17
N TYR D 142 28.33 5.18 -8.32
CA TYR D 142 27.52 5.05 -9.55
C TYR D 142 28.36 5.33 -10.78
N GLY D 143 29.10 6.43 -10.74
CA GLY D 143 29.94 6.82 -11.88
C GLY D 143 31.11 5.90 -12.10
N VAL D 144 31.71 5.48 -11.01
CA VAL D 144 32.64 4.39 -11.08
C VAL D 144 32.05 3.15 -11.77
N THR D 145 30.79 2.79 -11.51
CA THR D 145 30.30 1.59 -12.17
C THR D 145 29.97 1.81 -13.64
N LYS D 146 29.86 3.08 -14.02
CA LYS D 146 29.46 3.42 -15.36
C LYS D 146 30.65 3.43 -16.27
N VAL D 147 31.78 3.90 -15.78
CA VAL D 147 33.06 3.71 -16.46
C VAL D 147 33.39 2.25 -16.73
N TYR D 148 33.17 1.40 -15.72
CA TYR D 148 33.31 -0.05 -15.85
C TYR D 148 32.36 -0.62 -16.91
N THR D 149 31.10 -0.19 -16.88
CA THR D 149 30.10 -0.61 -17.89
C THR D 149 30.53 -0.23 -19.33
N GLU D 150 31.04 1.00 -19.51
CA GLU D 150 31.57 1.47 -20.80
C GLU D 150 32.73 0.63 -21.33
N LEU D 151 33.74 0.49 -20.50
CA LEU D 151 34.92 -0.28 -20.83
C LEU D 151 34.62 -1.79 -20.94
N LEU D 152 33.65 -2.32 -20.22
CA LEU D 152 33.40 -3.77 -20.31
C LEU D 152 32.74 -4.11 -21.67
N GLY D 153 31.74 -3.31 -22.05
CA GLY D 153 30.95 -3.54 -23.24
C GLY D 153 31.75 -3.25 -24.50
N THR D 154 32.65 -2.28 -24.40
CA THR D 154 33.61 -2.03 -25.46
C THR D 154 34.53 -3.23 -25.65
N TRP D 155 35.03 -3.80 -24.57
CA TRP D 155 35.81 -5.04 -24.64
C TRP D 155 34.94 -6.15 -25.23
N TYR D 156 33.66 -6.23 -24.90
CA TYR D 156 32.87 -7.34 -25.52
C TYR D 156 32.78 -7.13 -27.03
N ARG D 157 32.75 -5.88 -27.47
CA ARG D 157 32.70 -5.58 -28.92
C ARG D 157 33.95 -6.09 -29.67
N GLN D 158 35.11 -5.97 -29.05
CA GLN D 158 36.37 -6.26 -29.71
C GLN D 158 36.74 -7.72 -29.65
N LYS D 159 36.66 -8.28 -28.47
CA LYS D 159 36.97 -9.69 -28.26
C LYS D 159 35.93 -10.59 -28.93
N TYR D 160 34.65 -10.27 -28.79
CA TYR D 160 33.58 -11.20 -29.23
C TYR D 160 32.74 -10.68 -30.36
N GLY D 161 33.01 -9.45 -30.82
CA GLY D 161 32.23 -8.90 -31.94
C GLY D 161 30.86 -8.46 -31.54
N VAL D 162 30.65 -8.18 -30.26
CA VAL D 162 29.30 -7.82 -29.78
C VAL D 162 28.91 -6.43 -30.21
N ASP D 163 27.80 -6.30 -30.88
CA ASP D 163 27.38 -4.96 -31.25
C ASP D 163 26.90 -4.17 -29.99
N PHE D 164 27.85 -3.58 -29.26
CA PHE D 164 27.54 -2.81 -28.04
C PHE D 164 27.57 -1.30 -28.31
N ARG D 165 26.48 -0.63 -27.94
CA ARG D 165 26.29 0.79 -28.22
C ARG D 165 25.86 1.52 -26.98
N SER D 166 26.33 2.75 -26.83
CA SER D 166 26.09 3.51 -25.61
C SER D 166 26.16 5.01 -25.85
N VAL D 167 25.29 5.75 -25.17
CA VAL D 167 25.47 7.16 -25.08
C VAL D 167 25.64 7.58 -23.63
N ARG D 168 26.56 8.53 -23.37
CA ARG D 168 26.59 9.14 -22.05
C ARG D 168 25.46 10.15 -21.99
N LEU D 169 24.38 9.79 -21.30
CA LEU D 169 23.19 10.63 -21.16
C LEU D 169 23.40 11.78 -20.19
N PRO D 170 22.82 12.92 -20.53
CA PRO D 170 22.76 14.06 -19.63
C PRO D 170 21.55 13.95 -18.68
N GLY D 171 21.31 14.98 -17.88
CA GLY D 171 20.10 15.07 -17.08
C GLY D 171 18.89 14.93 -17.99
N ILE D 172 18.03 13.96 -17.70
CA ILE D 172 16.83 13.76 -18.54
C ILE D 172 15.57 14.35 -17.87
N ILE D 173 14.84 15.16 -18.60
CA ILE D 173 13.57 15.72 -18.09
C ILE D 173 12.38 15.00 -18.77
N SER D 174 11.42 14.52 -17.99
CA SER D 174 10.17 13.92 -18.50
C SER D 174 9.00 14.23 -17.56
N ALA D 175 7.77 14.16 -18.06
CA ALA D 175 6.62 14.49 -17.21
C ALA D 175 6.06 13.23 -16.56
N ALA D 176 6.16 12.12 -17.29
CA ALA D 176 5.45 10.86 -17.00
C ALA D 176 5.80 10.20 -15.66
N THR D 177 7.07 9.84 -15.46
N THR D 177 7.07 9.96 -15.47
CA THR D 177 7.45 8.97 -14.34
CA THR D 177 7.53 9.53 -14.19
C THR D 177 8.59 9.58 -13.57
C THR D 177 7.68 10.78 -13.37
N LEU D 178 8.37 9.79 -12.27
N LEU D 178 7.07 10.75 -12.20
CA LEU D 178 9.31 10.46 -11.40
CA LEU D 178 7.21 11.83 -11.28
C LEU D 178 10.71 9.80 -11.41
C LEU D 178 8.68 12.19 -11.23
N PRO D 179 11.77 10.60 -11.29
N PRO D 179 9.17 12.56 -10.04
CA PRO D 179 13.12 10.05 -11.36
CA PRO D 179 10.55 12.73 -9.63
C PRO D 179 13.54 9.25 -10.12
C PRO D 179 10.86 11.81 -8.44
N GLY D 180 14.51 8.36 -10.31
N GLY D 180 12.09 11.77 -7.93
CA GLY D 180 15.02 7.51 -9.24
CA GLY D 180 12.46 10.74 -6.95
C GLY D 180 16.29 8.11 -8.67
C GLY D 180 13.59 10.96 -5.96
N GLY D 181 16.31 8.25 -7.35
N GLY D 181 14.20 12.13 -5.94
CA GLY D 181 17.29 9.04 -6.60
CA GLY D 181 15.23 12.43 -4.94
C GLY D 181 18.65 9.34 -7.21
C GLY D 181 16.64 12.23 -5.47
N GLY D 182 18.72 10.44 -7.96
N GLY D 182 16.75 11.86 -6.73
CA GLY D 182 19.98 11.05 -8.40
CA GLY D 182 18.04 11.81 -7.41
C GLY D 182 19.95 12.55 -8.13
C GLY D 182 18.61 13.21 -7.60
N ALA D 183 20.79 13.32 -8.83
N ALA D 183 19.63 13.34 -8.43
CA ALA D 183 20.86 14.78 -8.64
CA ALA D 183 20.43 14.57 -8.52
C ALA D 183 19.89 15.63 -9.49
C ALA D 183 19.83 15.62 -9.48
N THR D 184 19.70 15.25 -10.75
CA THR D 184 19.05 16.11 -11.74
C THR D 184 17.54 16.13 -11.62
N ASP D 185 17.05 15.27 -10.73
CA ASP D 185 15.67 15.22 -10.28
C ASP D 185 15.12 16.54 -9.77
N TYR D 186 15.95 17.39 -9.18
CA TYR D 186 15.45 18.66 -8.64
C TYR D 186 14.65 19.37 -9.69
N ALA D 187 15.02 19.21 -10.96
CA ALA D 187 14.39 20.02 -12.00
C ALA D 187 12.98 19.59 -12.23
N ILE D 188 12.73 18.28 -12.10
CA ILE D 188 11.36 17.77 -12.24
C ILE D 188 10.55 18.24 -11.04
N HIS D 189 11.11 18.17 -9.82
CA HIS D 189 10.43 18.66 -8.61
C HIS D 189 10.09 20.14 -8.68
N MET D 190 10.88 20.95 -9.41
CA MET D 190 10.62 22.41 -9.52
C MET D 190 9.40 22.74 -10.36
N TYR D 191 9.24 22.06 -11.49
CA TYR D 191 7.97 22.11 -12.22
C TYR D 191 6.78 21.75 -11.33
N HIS D 192 6.90 20.64 -10.58
CA HIS D 192 5.80 20.25 -9.71
C HIS D 192 5.52 21.42 -8.74
N SER D 193 6.55 21.85 -8.02
CA SER D 193 6.38 22.94 -7.05
C SER D 193 5.60 24.08 -7.67
N ALA D 194 5.94 24.45 -8.90
CA ALA D 194 5.37 25.63 -9.58
C ALA D 194 3.86 25.50 -9.81
N LEU D 195 3.45 24.31 -10.22
CA LEU D 195 2.07 24.06 -10.56
C LEU D 195 1.17 24.16 -9.32
N LEU D 196 1.64 23.58 -8.22
CA LEU D 196 0.91 23.54 -6.96
C LEU D 196 1.24 24.72 -6.04
N GLN D 197 2.08 25.62 -6.52
CA GLN D 197 2.52 26.78 -5.74
C GLN D 197 3.05 26.42 -4.33
N LYS D 198 4.04 25.55 -4.26
CA LYS D 198 4.71 25.28 -3.01
C LYS D 198 6.14 25.79 -3.05
N LYS D 199 6.81 25.75 -1.90
CA LYS D 199 8.23 26.07 -1.86
C LYS D 199 9.00 24.85 -2.31
N CYS D 200 9.84 25.07 -3.31
CA CYS D 200 10.78 24.07 -3.79
C CYS D 200 12.04 24.23 -2.97
N VAL D 201 12.45 23.19 -2.26
CA VAL D 201 13.77 23.18 -1.66
C VAL D 201 14.69 22.46 -2.65
N CYS D 202 15.67 23.17 -3.18
CA CYS D 202 16.56 22.62 -4.20
C CYS D 202 17.90 22.40 -3.58
N PRO D 203 18.47 21.21 -3.78
CA PRO D 203 19.72 20.86 -3.13
C PRO D 203 20.96 21.19 -3.96
N VAL D 204 20.72 21.45 -5.23
CA VAL D 204 21.73 21.91 -6.17
C VAL D 204 21.81 23.46 -6.12
N LEU D 205 23.02 23.95 -5.97
CA LEU D 205 23.30 25.35 -5.86
C LEU D 205 22.90 26.00 -7.17
N PRO D 206 22.44 27.24 -7.10
CA PRO D 206 21.69 27.95 -8.13
C PRO D 206 22.34 28.15 -9.52
N TYR D 207 23.68 28.23 -9.57
CA TYR D 207 24.43 28.52 -10.81
C TYR D 207 25.28 27.32 -11.22
N GLU D 208 24.99 26.17 -10.61
CA GLU D 208 25.53 24.91 -11.06
C GLU D 208 24.86 24.51 -12.38
N SER D 209 25.62 24.65 -13.47
CA SER D 209 25.17 24.32 -14.81
C SER D 209 25.47 22.87 -15.13
N LEU D 210 24.52 22.19 -15.79
CA LEU D 210 24.71 20.81 -16.17
C LEU D 210 24.12 20.54 -17.53
N PRO D 211 24.72 19.63 -18.29
CA PRO D 211 24.01 19.25 -19.51
C PRO D 211 22.70 18.51 -19.19
N MET D 212 21.62 18.95 -19.83
CA MET D 212 20.30 18.36 -19.65
C MET D 212 19.72 18.03 -21.03
N MET D 213 18.58 17.36 -21.08
CA MET D 213 17.92 17.01 -22.35
C MET D 213 16.47 16.58 -22.08
N TYR D 214 15.53 16.99 -22.94
CA TYR D 214 14.13 16.66 -22.72
C TYR D 214 13.82 15.34 -23.41
N MET D 215 12.95 14.57 -22.77
CA MET D 215 12.65 13.20 -23.18
C MET D 215 12.43 12.98 -24.68
N PRO D 216 11.62 13.79 -25.35
CA PRO D 216 11.36 13.44 -26.77
C PRO D 216 12.62 13.45 -27.64
N ASP D 217 13.55 14.33 -27.32
CA ASP D 217 14.83 14.31 -27.98
C ASP D 217 15.61 13.05 -27.60
N THR D 218 15.52 12.68 -26.34
CA THR D 218 16.16 11.50 -25.79
C THR D 218 15.63 10.26 -26.50
N LEU D 219 14.31 10.13 -26.62
CA LEU D 219 13.71 9.05 -27.39
C LEU D 219 14.17 9.00 -28.84
N ASN D 220 14.25 10.15 -29.49
CA ASN D 220 14.75 10.21 -30.85
C ASN D 220 16.16 9.63 -30.96
N SER D 221 17.08 10.16 -30.16
CA SER D 221 18.48 9.70 -30.18
C SER D 221 18.70 8.23 -29.78
N LEU D 222 17.82 7.72 -28.93
CA LEU D 222 17.92 6.34 -28.46
C LEU D 222 17.57 5.33 -29.52
N VAL D 223 16.58 5.66 -30.34
CA VAL D 223 16.11 4.81 -31.43
C VAL D 223 17.14 4.98 -32.55
N LYS D 224 17.54 6.23 -32.79
CA LYS D 224 18.36 6.54 -33.94
C LYS D 224 19.72 5.82 -33.89
N ILE D 225 20.38 5.80 -32.72
CA ILE D 225 21.67 5.15 -32.57
C ILE D 225 21.56 3.62 -32.70
N MET D 226 20.45 3.08 -32.26
CA MET D 226 20.20 1.64 -32.42
C MET D 226 19.84 1.25 -33.87
N GLU D 227 19.35 2.21 -34.65
CA GLU D 227 19.13 2.04 -36.09
C GLU D 227 20.37 2.22 -36.96
N ALA D 228 21.39 2.91 -36.47
CA ALA D 228 22.51 3.20 -37.35
C ALA D 228 23.10 1.88 -37.84
N PRO D 229 23.58 1.85 -39.09
CA PRO D 229 24.33 0.68 -39.49
C PRO D 229 25.69 0.74 -38.85
N LEU D 230 26.25 -0.43 -38.59
CA LEU D 230 27.39 -0.61 -37.72
C LEU D 230 28.61 0.08 -38.25
N GLU D 231 28.74 0.06 -39.57
CA GLU D 231 29.84 0.71 -40.25
C GLU D 231 29.82 2.25 -40.12
N LYS D 232 28.70 2.84 -39.79
CA LYS D 232 28.72 4.26 -39.58
C LYS D 232 29.32 4.70 -38.22
N LEU D 233 29.30 3.83 -37.24
CA LEU D 233 29.77 4.16 -35.90
C LEU D 233 31.28 4.07 -35.65
N THR D 234 31.89 5.20 -35.37
CA THR D 234 33.32 5.25 -35.17
C THR D 234 33.72 4.93 -33.74
N ARG D 235 32.75 4.95 -32.85
CA ARG D 235 33.00 4.55 -31.47
C ARG D 235 31.85 3.68 -30.90
N THR D 236 32.10 3.13 -29.72
CA THR D 236 31.06 2.42 -28.95
C THR D 236 30.29 3.30 -27.95
N VAL D 237 30.88 4.39 -27.45
CA VAL D 237 30.25 5.28 -26.46
C VAL D 237 30.29 6.74 -26.93
N TYR D 238 29.13 7.39 -27.04
CA TYR D 238 29.05 8.79 -27.49
C TYR D 238 28.51 9.65 -26.41
N ASN D 239 29.07 10.85 -26.22
CA ASN D 239 28.38 11.92 -25.51
C ASN D 239 27.22 12.39 -26.35
N ILE D 240 26.11 12.72 -25.69
CA ILE D 240 25.01 13.42 -26.31
C ILE D 240 24.47 14.39 -25.29
N THR D 241 24.02 15.56 -25.77
CA THR D 241 23.38 16.54 -24.94
C THR D 241 22.25 17.28 -25.67
N GLY D 242 21.39 17.94 -24.89
CA GLY D 242 20.32 18.82 -25.42
C GLY D 242 20.74 20.28 -25.24
N PHE D 243 20.81 20.73 -24.00
CA PHE D 243 21.31 22.06 -23.66
C PHE D 243 21.69 22.10 -22.20
N SER D 244 22.58 23.00 -21.80
CA SER D 244 22.94 23.17 -20.38
C SER D 244 22.04 24.23 -19.73
N PHE D 245 21.61 23.98 -18.49
CA PHE D 245 21.03 25.04 -17.68
C PHE D 245 21.36 24.80 -16.21
N SER D 246 21.09 25.81 -15.38
CA SER D 246 21.29 25.77 -13.94
C SER D 246 19.93 26.01 -13.26
N PRO D 247 19.82 25.71 -11.94
CA PRO D 247 18.54 25.94 -11.24
C PRO D 247 17.97 27.34 -11.42
N SER D 248 18.85 28.34 -11.40
CA SER D 248 18.47 29.74 -11.52
C SER D 248 17.83 29.98 -12.89
N GLU D 249 18.45 29.49 -13.96
CA GLU D 249 17.84 29.51 -15.30
C GLU D 249 16.56 28.73 -15.37
N LEU D 250 16.53 27.56 -14.76
CA LEU D 250 15.38 26.72 -14.91
C LEU D 250 14.24 27.46 -14.33
N ARG D 251 14.53 28.22 -13.30
CA ARG D 251 13.58 29.03 -12.58
C ARG D 251 12.99 30.17 -13.43
N PHE D 252 13.81 30.96 -14.12
CA PHE D 252 13.27 32.06 -14.97
C PHE D 252 12.40 31.50 -16.09
N SER D 253 12.82 30.40 -16.73
CA SER D 253 12.03 29.77 -17.81
C SER D 253 10.62 29.41 -17.31
N ILE D 254 10.56 28.75 -16.15
CA ILE D 254 9.29 28.42 -15.48
C ILE D 254 8.42 29.66 -15.16
N GLU D 255 9.04 30.66 -14.54
CA GLU D 255 8.38 31.92 -14.18
C GLU D 255 7.95 32.71 -15.43
N ARG D 256 8.71 32.60 -16.51
CA ARG D 256 8.28 33.16 -17.80
C ARG D 256 6.98 32.49 -18.22
N CYS D 257 6.98 31.16 -18.24
CA CYS D 257 5.81 30.42 -18.68
C CYS D 257 4.50 30.67 -17.89
N THR D 258 4.60 31.04 -16.61
CA THR D 258 3.41 31.16 -15.75
C THR D 258 3.08 32.58 -15.28
N ASP D 259 3.88 33.56 -15.69
CA ASP D 259 3.88 34.91 -15.09
C ASP D 259 3.55 34.92 -13.57
N ARG D 260 4.21 34.03 -12.83
CA ARG D 260 4.15 34.04 -11.37
C ARG D 260 5.53 33.83 -10.77
N THR D 261 5.82 34.55 -9.69
CA THR D 261 7.03 34.36 -8.91
C THR D 261 6.90 33.07 -8.09
N ILE D 262 7.84 32.13 -8.31
CA ILE D 262 7.89 30.88 -7.51
C ILE D 262 9.04 30.89 -6.50
N GLU D 263 8.75 30.42 -5.28
CA GLU D 263 9.68 30.51 -4.15
C GLU D 263 10.60 29.29 -4.12
N VAL D 264 11.90 29.57 -4.27
CA VAL D 264 12.90 28.56 -4.24
C VAL D 264 13.84 28.84 -3.07
N GLU D 265 13.97 27.85 -2.19
CA GLU D 265 15.00 27.85 -1.15
C GLU D 265 16.11 26.84 -1.55
N TYR D 266 17.35 27.31 -1.61
CA TYR D 266 18.54 26.50 -1.91
C TYR D 266 19.25 26.10 -0.61
N VAL D 267 19.25 24.83 -0.27
CA VAL D 267 20.10 24.36 0.83
C VAL D 267 20.92 23.19 0.30
N GLU D 268 22.17 23.16 0.69
CA GLU D 268 23.11 22.14 0.27
C GLU D 268 22.62 20.76 0.69
N GLY D 269 22.78 19.79 -0.22
CA GLY D 269 22.53 18.38 0.03
C GLY D 269 23.64 17.51 -0.54
N PRO D 270 23.49 16.18 -0.49
CA PRO D 270 24.45 15.37 -1.25
C PRO D 270 24.49 15.73 -2.77
N ALA D 271 23.36 16.10 -3.38
CA ALA D 271 23.35 16.45 -4.82
C ALA D 271 24.39 17.47 -5.24
N GLN D 272 24.77 18.40 -4.36
CA GLN D 272 25.60 19.53 -4.81
C GLN D 272 27.02 19.15 -5.12
N LYS D 273 27.73 18.57 -4.17
CA LYS D 273 29.07 18.12 -4.39
C LYS D 273 29.11 17.22 -5.60
N ILE D 274 28.09 16.41 -5.78
CA ILE D 274 27.99 15.52 -6.93
C ILE D 274 27.86 16.29 -8.24
N ALA D 275 26.84 17.15 -8.31
CA ALA D 275 26.62 17.96 -9.48
C ALA D 275 27.85 18.78 -9.78
N ASN D 276 28.48 19.33 -8.75
CA ASN D 276 29.65 20.15 -8.92
C ASN D 276 30.79 19.37 -9.51
N SER D 277 30.86 18.06 -9.25
CA SER D 277 31.94 17.26 -9.88
C SER D 277 31.64 16.99 -11.37
N TRP D 278 30.42 17.29 -11.83
CA TRP D 278 30.12 17.00 -13.21
C TRP D 278 30.42 18.12 -14.23
N PRO D 279 30.50 17.77 -15.53
CA PRO D 279 30.70 18.78 -16.57
C PRO D 279 29.59 19.84 -16.58
N ASP D 280 29.92 20.99 -17.17
CA ASP D 280 28.96 22.05 -17.38
C ASP D 280 28.28 21.86 -18.74
N SER D 281 29.06 21.45 -19.74
CA SER D 281 28.54 21.18 -21.07
C SER D 281 29.39 20.12 -21.77
N LEU D 282 28.76 19.48 -22.77
CA LEU D 282 29.31 18.33 -23.46
C LEU D 282 29.49 18.64 -24.93
N ASP D 283 30.54 18.09 -25.51
CA ASP D 283 30.71 18.13 -26.93
C ASP D 283 30.22 16.78 -27.48
N ASP D 284 29.21 16.81 -28.34
CA ASP D 284 28.57 15.60 -28.89
C ASP D 284 28.68 15.56 -30.41
N SER D 285 29.67 16.29 -30.93
CA SER D 285 29.91 16.39 -32.34
C SER D 285 30.13 15.03 -32.99
N ASN D 286 30.77 14.09 -32.30
CA ASN D 286 30.92 12.77 -32.88
C ASN D 286 29.55 12.14 -33.09
N ALA D 287 28.60 12.38 -32.16
CA ALA D 287 27.23 11.81 -32.28
C ALA D 287 26.49 12.42 -33.46
N ARG D 288 26.62 13.74 -33.56
CA ARG D 288 26.00 14.50 -34.63
C ARG D 288 26.46 14.00 -35.98
N ASN D 289 27.77 13.74 -36.12
CA ASN D 289 28.37 13.30 -37.38
C ASN D 289 28.13 11.85 -37.74
N ASP D 290 28.16 10.95 -36.77
CA ASP D 290 28.24 9.50 -37.07
C ASP D 290 26.88 8.93 -37.35
N TRP D 291 25.90 9.39 -36.61
CA TRP D 291 24.55 8.83 -36.73
C TRP D 291 23.45 9.86 -36.64
N GLY D 292 23.78 11.14 -36.62
CA GLY D 292 22.78 12.17 -36.77
C GLY D 292 21.99 12.57 -35.52
N HIS D 293 22.59 12.49 -34.34
CA HIS D 293 21.98 13.09 -33.14
C HIS D 293 21.50 14.53 -33.34
N GLN D 294 20.27 14.82 -32.96
CA GLN D 294 19.73 16.17 -33.09
C GLN D 294 18.70 16.48 -32.02
N VAL D 295 18.62 17.76 -31.70
CA VAL D 295 17.78 18.26 -30.63
C VAL D 295 16.80 19.28 -31.17
N LYS D 296 15.53 19.16 -30.81
CA LYS D 296 14.52 20.10 -31.27
C LYS D 296 14.04 21.08 -30.18
N TYR D 297 14.21 20.71 -28.91
CA TYR D 297 13.73 21.53 -27.78
C TYR D 297 14.82 22.38 -27.19
N ASP D 298 14.43 23.58 -26.76
CA ASP D 298 15.19 24.41 -25.84
C ASP D 298 14.44 24.52 -24.51
N ILE D 299 15.04 25.24 -23.57
CA ILE D 299 14.53 25.31 -22.22
C ILE D 299 13.11 25.86 -22.13
N ASP D 300 12.75 26.86 -22.94
CA ASP D 300 11.37 27.39 -22.85
C ASP D 300 10.41 26.46 -23.55
N MET D 301 10.83 25.85 -24.65
CA MET D 301 9.97 24.84 -25.26
C MET D 301 9.68 23.69 -24.27
N MET D 302 10.68 23.31 -23.50
CA MET D 302 10.55 22.24 -22.54
C MET D 302 9.61 22.64 -21.40
N SER D 303 9.87 23.80 -20.81
CA SER D 303 9.13 24.22 -19.65
C SER D 303 7.65 24.34 -19.99
N GLU D 304 7.36 24.92 -21.15
CA GLU D 304 5.99 25.10 -21.59
C GLU D 304 5.27 23.74 -21.70
N ASP D 305 5.94 22.80 -22.33
CA ASP D 305 5.37 21.50 -22.55
C ASP D 305 5.25 20.72 -21.24
N MET D 306 6.16 20.97 -20.31
CA MET D 306 6.15 20.30 -19.01
C MET D 306 5.04 20.88 -18.14
N LEU D 307 4.75 22.17 -18.30
CA LEU D 307 3.66 22.78 -17.53
C LEU D 307 2.25 22.43 -18.07
N ARG D 308 2.17 21.87 -19.26
CA ARG D 308 0.90 21.36 -19.77
C ARG D 308 0.68 19.89 -19.39
N GLN D 309 1.75 19.10 -19.52
CA GLN D 309 1.64 17.65 -19.48
C GLN D 309 1.47 17.04 -18.09
N ILE D 310 2.07 17.65 -17.07
CA ILE D 310 1.99 17.13 -15.70
C ILE D 310 0.56 17.20 -15.18
N PRO D 311 -0.10 18.36 -15.29
CA PRO D 311 -1.52 18.41 -14.91
C PRO D 311 -2.34 17.31 -15.59
N ILE D 312 -2.23 17.23 -16.90
CA ILE D 312 -2.82 16.15 -17.69
C ILE D 312 -2.42 14.78 -17.11
N LEU D 313 -1.13 14.50 -17.09
CA LEU D 313 -0.71 13.17 -16.69
C LEU D 313 -0.93 12.91 -15.20
N HIS D 314 -0.86 13.93 -14.36
CA HIS D 314 -0.93 13.68 -12.91
C HIS D 314 -1.98 14.48 -12.19
N GLY D 315 -3.04 14.92 -12.90
CA GLY D 315 -4.08 15.77 -12.30
C GLY D 315 -3.57 16.76 -11.26
N LEU D 316 -2.53 17.53 -11.59
CA LEU D 316 -2.17 18.70 -10.78
C LEU D 316 -2.95 19.93 -11.28
N PRO D 317 -2.96 21.02 -10.48
CA PRO D 317 -3.42 22.36 -10.86
C PRO D 317 -2.77 22.86 -12.15
N SER D 318 -3.57 23.29 -13.12
CA SER D 318 -3.07 23.58 -14.47
C SER D 318 -2.63 25.04 -14.67
N LEU D 319 -2.08 25.30 -15.86
CA LEU D 319 -1.58 26.61 -16.33
C LEU D 319 -0.64 27.37 -15.36
N PRO E 1 -16.95 -7.80 -8.74
CA PRO E 1 -17.31 -8.52 -9.96
C PRO E 1 -16.07 -8.91 -10.75
N ARG E 2 -15.87 -10.21 -10.98
CA ARG E 2 -14.79 -10.72 -11.86
C ARG E 2 -15.44 -11.19 -13.13
N VAL E 3 -15.12 -10.53 -14.24
CA VAL E 3 -15.89 -10.67 -15.48
C VAL E 3 -15.10 -11.22 -16.68
N LEU E 4 -15.76 -12.11 -17.42
CA LEU E 4 -15.22 -12.78 -18.56
C LEU E 4 -16.11 -12.45 -19.72
N VAL E 5 -15.50 -12.17 -20.84
CA VAL E 5 -16.22 -11.87 -22.02
C VAL E 5 -15.68 -12.83 -23.03
N THR E 6 -16.61 -13.46 -23.74
CA THR E 6 -16.28 -14.32 -24.86
C THR E 6 -16.73 -13.65 -26.12
N GLY E 7 -16.07 -13.92 -27.22
CA GLY E 7 -16.34 -13.20 -28.48
C GLY E 7 -15.98 -11.72 -28.40
N ALA E 8 -15.00 -11.40 -27.55
CA ALA E 8 -14.73 -10.01 -27.17
C ALA E 8 -14.25 -9.10 -28.30
N LEU E 9 -13.57 -9.65 -29.30
CA LEU E 9 -12.94 -8.77 -30.30
C LEU E 9 -13.91 -8.19 -31.31
N GLY E 10 -15.21 -8.41 -31.15
CA GLY E 10 -16.18 -7.94 -32.13
C GLY E 10 -16.74 -6.58 -31.81
N GLN E 11 -17.64 -6.12 -32.64
CA GLN E 11 -18.28 -4.80 -32.44
C GLN E 11 -18.70 -4.51 -30.98
N ILE E 12 -19.52 -5.41 -30.45
CA ILE E 12 -20.02 -5.25 -29.08
C ILE E 12 -18.89 -5.42 -28.07
N GLY E 13 -18.20 -6.54 -28.17
CA GLY E 13 -17.20 -6.89 -27.19
C GLY E 13 -16.16 -5.80 -27.00
N THR E 14 -15.71 -5.24 -28.12
CA THR E 14 -14.61 -4.25 -28.12
C THR E 14 -14.90 -3.15 -27.14
N ASP E 15 -16.01 -2.46 -27.36
CA ASP E 15 -16.44 -1.36 -26.46
C ASP E 15 -16.89 -1.83 -25.10
N LEU E 16 -17.51 -3.01 -25.04
CA LEU E 16 -17.82 -3.66 -23.77
C LEU E 16 -16.60 -3.95 -22.92
N SER E 17 -15.57 -4.50 -23.54
CA SER E 17 -14.36 -4.92 -22.83
C SER E 17 -13.63 -3.72 -22.25
N LEU E 18 -13.62 -2.66 -23.03
CA LEU E 18 -12.96 -1.44 -22.58
C LEU E 18 -13.75 -0.81 -21.44
N ALA E 19 -15.07 -0.82 -21.55
CA ALA E 19 -15.88 -0.18 -20.54
C ALA E 19 -15.84 -0.97 -19.26
N LEU E 20 -15.79 -2.29 -19.37
CA LEU E 20 -15.63 -3.10 -18.17
C LEU E 20 -14.24 -2.94 -17.55
N ARG E 21 -13.19 -2.87 -18.36
CA ARG E 21 -11.84 -2.70 -17.78
C ARG E 21 -11.80 -1.37 -17.05
N ASP E 22 -12.47 -0.37 -17.61
CA ASP E 22 -12.39 0.99 -17.14
C ASP E 22 -13.19 1.06 -15.87
N LYS E 23 -14.42 0.57 -15.92
CA LYS E 23 -15.28 0.65 -14.76
C LYS E 23 -14.82 -0.23 -13.60
N PHE E 24 -14.33 -1.43 -13.87
CA PHE E 24 -14.05 -2.39 -12.81
C PHE E 24 -12.58 -2.68 -12.52
N GLY E 25 -11.68 -2.24 -13.41
CA GLY E 25 -10.25 -2.47 -13.23
C GLY E 25 -9.78 -3.56 -14.16
N ALA E 26 -8.87 -3.19 -15.05
CA ALA E 26 -8.30 -4.11 -16.05
C ALA E 26 -7.93 -5.50 -15.48
N ASP E 27 -7.66 -5.55 -14.18
CA ASP E 27 -7.44 -6.82 -13.45
C ASP E 27 -8.68 -7.69 -13.27
N SER E 28 -9.83 -7.08 -13.03
CA SER E 28 -11.06 -7.82 -12.76
C SER E 28 -11.78 -8.33 -14.00
N VAL E 29 -11.31 -7.89 -15.18
CA VAL E 29 -11.83 -8.32 -16.45
C VAL E 29 -10.85 -9.23 -17.23
N LEU E 30 -11.27 -10.46 -17.57
CA LEU E 30 -10.55 -11.29 -18.55
C LEU E 30 -11.36 -11.39 -19.83
N VAL E 31 -10.70 -11.37 -20.96
CA VAL E 31 -11.46 -11.35 -22.21
C VAL E 31 -10.80 -12.23 -23.25
N SER E 32 -11.58 -12.66 -24.24
CA SER E 32 -11.12 -13.73 -25.09
C SER E 32 -11.88 -13.84 -26.36
N ASP E 33 -11.25 -14.39 -27.39
CA ASP E 33 -11.87 -14.53 -28.69
C ASP E 33 -11.13 -15.63 -29.48
N VAL E 34 -11.78 -16.14 -30.54
CA VAL E 34 -11.15 -17.24 -31.32
C VAL E 34 -9.88 -16.77 -32.03
N VAL E 35 -9.91 -15.57 -32.57
CA VAL E 35 -8.72 -14.98 -33.16
C VAL E 35 -7.91 -14.16 -32.14
N GLU E 36 -6.72 -13.77 -32.57
CA GLU E 36 -5.86 -12.84 -31.83
C GLU E 36 -6.12 -11.48 -32.44
N PRO E 37 -6.11 -10.43 -31.62
CA PRO E 37 -6.33 -9.11 -32.19
C PRO E 37 -5.17 -8.74 -33.12
N GLY E 38 -5.48 -8.03 -34.18
CA GLY E 38 -4.45 -7.52 -35.07
C GLY E 38 -3.77 -6.26 -34.55
N ALA E 39 -2.80 -5.80 -35.33
CA ALA E 39 -1.97 -4.63 -35.01
C ALA E 39 -2.75 -3.36 -34.54
N LYS E 40 -3.82 -2.98 -35.26
CA LYS E 40 -4.55 -1.74 -34.93
C LYS E 40 -5.81 -1.87 -34.02
N HIS E 41 -6.16 -3.09 -33.59
CA HIS E 41 -7.39 -3.30 -32.81
C HIS E 41 -7.28 -2.74 -31.39
N PRO E 42 -8.35 -2.05 -30.89
CA PRO E 42 -8.28 -1.36 -29.61
C PRO E 42 -7.82 -2.19 -28.39
N LEU E 43 -8.08 -3.48 -28.40
CA LEU E 43 -7.58 -4.34 -27.31
C LEU E 43 -6.23 -4.99 -27.59
N ALA E 44 -5.60 -4.65 -28.72
CA ALA E 44 -4.28 -5.21 -29.05
C ALA E 44 -3.26 -4.70 -28.05
N GLY E 45 -2.42 -5.58 -27.49
CA GLY E 45 -1.31 -5.19 -26.61
C GLY E 45 -1.69 -5.09 -25.16
N LEU E 46 -2.98 -5.35 -24.91
CA LEU E 46 -3.54 -5.27 -23.59
C LEU E 46 -3.49 -6.61 -22.92
N LYS E 47 -3.12 -6.59 -21.64
CA LYS E 47 -3.04 -7.78 -20.82
C LYS E 47 -4.44 -8.33 -20.56
N GLY E 48 -4.53 -9.62 -20.30
CA GLY E 48 -5.81 -10.28 -20.06
C GLY E 48 -6.72 -10.38 -21.26
N VAL E 49 -6.16 -10.77 -22.42
CA VAL E 49 -6.94 -10.86 -23.66
C VAL E 49 -6.53 -12.11 -24.35
N GLU E 50 -7.21 -13.22 -24.07
CA GLU E 50 -6.71 -14.53 -24.51
C GLU E 50 -7.28 -14.95 -25.88
N LYS E 51 -6.66 -15.99 -26.46
CA LYS E 51 -7.16 -16.72 -27.65
C LYS E 51 -7.87 -18.02 -27.21
N LEU E 52 -9.13 -18.19 -27.58
CA LEU E 52 -10.00 -19.26 -27.04
C LEU E 52 -11.13 -19.55 -27.99
N ASP E 53 -11.20 -20.79 -28.45
CA ASP E 53 -12.29 -21.22 -29.27
C ASP E 53 -13.33 -21.79 -28.32
N CYS E 54 -14.50 -21.15 -28.28
CA CYS E 54 -15.60 -21.60 -27.44
C CYS E 54 -16.13 -23.03 -27.82
N LEU E 55 -15.81 -23.51 -29.03
CA LEU E 55 -16.13 -24.90 -29.42
C LEU E 55 -15.19 -25.97 -28.80
N ASP E 56 -14.00 -25.55 -28.42
CA ASP E 56 -13.09 -26.34 -27.60
C ASP E 56 -13.58 -26.28 -26.12
N SER E 57 -14.46 -27.23 -25.75
CA SER E 57 -15.16 -27.14 -24.45
C SER E 57 -14.20 -27.26 -23.27
N ASN E 58 -13.16 -28.11 -23.42
CA ASN E 58 -12.07 -28.23 -22.42
C ASN E 58 -11.28 -26.94 -22.20
N GLY E 59 -10.86 -26.31 -23.29
CA GLY E 59 -10.27 -24.96 -23.22
C GLY E 59 -11.17 -23.93 -22.53
N PHE E 60 -12.39 -23.79 -23.01
CA PHE E 60 -13.42 -22.99 -22.32
C PHE E 60 -13.52 -23.29 -20.78
N GLU E 61 -13.74 -24.54 -20.39
CA GLU E 61 -13.78 -24.89 -18.94
C GLU E 61 -12.51 -24.53 -18.16
N LYS E 62 -11.35 -24.66 -18.82
CA LYS E 62 -10.04 -24.40 -18.19
C LYS E 62 -9.77 -22.91 -17.98
N LEU E 63 -10.22 -22.11 -18.93
CA LEU E 63 -10.06 -20.68 -18.77
C LEU E 63 -10.93 -20.25 -17.58
N VAL E 64 -12.19 -20.67 -17.62
CA VAL E 64 -13.17 -20.33 -16.58
C VAL E 64 -12.74 -20.84 -15.22
N LYS E 65 -12.36 -22.11 -15.16
CA LYS E 65 -11.91 -22.71 -13.91
C LYS E 65 -10.71 -21.95 -13.29
N GLU E 66 -9.80 -21.48 -14.12
CA GLU E 66 -8.64 -20.70 -13.65
C GLU E 66 -9.04 -19.28 -13.24
N PHE E 67 -9.82 -18.59 -14.07
CA PHE E 67 -10.15 -17.18 -13.82
C PHE E 67 -11.24 -16.97 -12.76
N LYS E 68 -12.03 -18.01 -12.50
CA LYS E 68 -13.17 -17.92 -11.57
C LYS E 68 -14.04 -16.68 -11.80
N PRO E 69 -14.58 -16.51 -13.03
CA PRO E 69 -15.45 -15.36 -13.23
C PRO E 69 -16.69 -15.42 -12.32
N THR E 70 -17.28 -14.28 -12.01
CA THR E 70 -18.60 -14.26 -11.36
C THR E 70 -19.66 -13.79 -12.34
N TRP E 71 -19.28 -12.91 -13.27
CA TRP E 71 -20.10 -12.60 -14.48
C TRP E 71 -19.43 -13.12 -15.76
N MET E 72 -20.24 -13.36 -16.78
CA MET E 72 -19.76 -13.77 -18.08
C MET E 72 -20.65 -13.13 -19.12
N TYR E 73 -20.10 -12.38 -20.07
CA TYR E 73 -20.88 -11.99 -21.24
C TYR E 73 -20.48 -12.91 -22.41
N HIS E 74 -21.38 -13.80 -22.81
CA HIS E 74 -21.14 -14.73 -23.91
C HIS E 74 -21.60 -14.23 -25.26
N LEU E 75 -20.72 -13.61 -26.02
CA LEU E 75 -21.12 -12.88 -27.25
C LEU E 75 -20.95 -13.56 -28.61
N PRO E 76 -20.24 -14.71 -28.72
CA PRO E 76 -20.07 -15.18 -30.11
C PRO E 76 -21.33 -15.78 -30.74
N ALA E 77 -21.61 -15.39 -31.96
CA ALA E 77 -22.64 -15.97 -32.77
C ALA E 77 -22.23 -15.68 -34.22
N ILE E 78 -22.88 -16.29 -35.18
CA ILE E 78 -22.76 -15.86 -36.57
C ILE E 78 -24.08 -15.15 -36.86
N MET E 79 -24.00 -13.91 -37.41
CA MET E 79 -25.19 -13.07 -37.49
C MET E 79 -25.95 -13.29 -38.80
N SER E 80 -26.90 -12.42 -39.10
CA SER E 80 -28.02 -12.86 -39.92
C SER E 80 -27.57 -13.21 -41.32
N VAL E 81 -26.93 -12.24 -41.97
CA VAL E 81 -26.69 -12.36 -43.38
C VAL E 81 -25.73 -13.44 -43.68
N ARG E 82 -24.64 -13.46 -42.92
CA ARG E 82 -23.61 -14.47 -43.03
C ARG E 82 -24.07 -15.87 -42.61
N GLY E 83 -24.99 -15.94 -41.65
CA GLY E 83 -25.57 -17.21 -41.27
C GLY E 83 -26.32 -17.83 -42.41
N GLU E 84 -27.04 -17.04 -43.19
CA GLU E 84 -27.72 -17.59 -44.36
C GLU E 84 -26.74 -18.09 -45.45
N ALA E 85 -25.47 -17.70 -45.42
CA ALA E 85 -24.50 -18.16 -46.39
C ALA E 85 -23.60 -19.24 -45.79
N GLU E 86 -23.50 -19.26 -44.47
CA GLU E 86 -22.67 -20.26 -43.78
C GLU E 86 -23.53 -20.82 -42.61
N PRO E 87 -24.60 -21.54 -42.96
CA PRO E 87 -25.52 -21.94 -41.90
C PRO E 87 -24.94 -23.04 -41.00
N ASP E 88 -24.00 -23.85 -41.49
CA ASP E 88 -23.45 -24.95 -40.67
C ASP E 88 -22.61 -24.41 -39.56
N LEU E 89 -21.83 -23.38 -39.89
CA LEU E 89 -21.06 -22.69 -38.90
C LEU E 89 -21.96 -21.96 -37.88
N ALA E 90 -23.14 -21.51 -38.29
CA ALA E 90 -24.03 -20.77 -37.39
C ALA E 90 -24.75 -21.71 -36.45
N MET E 91 -25.23 -22.83 -36.96
CA MET E 91 -25.70 -23.89 -36.09
C MET E 91 -24.60 -24.31 -35.10
N ASP E 92 -23.37 -24.58 -35.56
CA ASP E 92 -22.29 -24.91 -34.63
C ASP E 92 -22.09 -23.89 -33.55
N ILE E 93 -21.68 -22.68 -33.94
CA ILE E 93 -21.26 -21.67 -32.99
C ILE E 93 -22.44 -21.29 -32.07
N ASN E 94 -23.62 -21.00 -32.65
CA ASN E 94 -24.75 -20.40 -31.88
C ASN E 94 -25.50 -21.40 -30.98
N VAL E 95 -25.41 -22.69 -31.29
CA VAL E 95 -25.98 -23.70 -30.44
C VAL E 95 -24.95 -24.30 -29.50
N ASN E 96 -23.79 -24.73 -30.04
CA ASN E 96 -22.86 -25.52 -29.24
C ASN E 96 -22.13 -24.63 -28.25
N THR E 97 -21.66 -23.42 -28.68
CA THR E 97 -20.95 -22.52 -27.74
C THR E 97 -21.89 -22.07 -26.64
N THR E 98 -23.12 -21.75 -27.01
CA THR E 98 -24.20 -21.38 -26.08
C THR E 98 -24.41 -22.46 -24.98
N ARG E 99 -24.43 -23.71 -25.43
CA ARG E 99 -24.63 -24.88 -24.55
C ARG E 99 -23.48 -25.03 -23.56
N TYR E 100 -22.25 -24.91 -24.05
CA TYR E 100 -21.06 -24.99 -23.19
C TYR E 100 -20.98 -23.85 -22.20
N ALA E 101 -21.50 -22.68 -22.57
CA ALA E 101 -21.49 -21.55 -21.67
C ALA E 101 -22.54 -21.74 -20.57
N LEU E 102 -23.77 -22.07 -20.93
CA LEU E 102 -24.78 -22.40 -19.90
C LEU E 102 -24.29 -23.47 -18.92
N GLU E 103 -23.56 -24.48 -19.41
CA GLU E 103 -23.10 -25.55 -18.53
C GLU E 103 -21.99 -25.06 -17.59
N LEU E 104 -21.10 -24.17 -18.09
CA LEU E 104 -20.02 -23.64 -17.25
C LEU E 104 -20.55 -22.68 -16.15
N ALA E 105 -21.46 -21.79 -16.52
CA ALA E 105 -22.29 -21.00 -15.57
C ALA E 105 -22.96 -21.80 -14.46
N ARG E 106 -23.55 -22.91 -14.84
CA ARG E 106 -24.13 -23.81 -13.86
C ARG E 106 -23.02 -24.39 -12.97
N LYS E 107 -22.03 -25.02 -13.61
CA LYS E 107 -20.98 -25.76 -12.87
C LYS E 107 -20.24 -24.85 -11.93
N TYR E 108 -19.97 -23.60 -12.38
CA TYR E 108 -19.10 -22.66 -11.68
C TYR E 108 -19.78 -21.42 -11.10
N ASN E 109 -21.11 -21.42 -11.01
CA ASN E 109 -21.89 -20.34 -10.38
C ASN E 109 -21.70 -18.97 -11.00
N ILE E 110 -21.98 -18.84 -12.28
CA ILE E 110 -21.75 -17.59 -12.97
C ILE E 110 -23.06 -16.96 -13.36
N ARG E 111 -23.21 -15.67 -13.09
CA ARG E 111 -24.29 -14.91 -13.70
C ARG E 111 -23.92 -14.74 -15.15
N ILE E 112 -24.80 -15.20 -16.04
CA ILE E 112 -24.42 -15.27 -17.43
C ILE E 112 -25.35 -14.45 -18.31
N PHE E 113 -24.70 -13.61 -19.11
CA PHE E 113 -25.37 -12.81 -20.10
C PHE E 113 -25.18 -13.37 -21.53
N ILE E 114 -26.31 -13.65 -22.21
CA ILE E 114 -26.31 -13.99 -23.65
C ILE E 114 -27.26 -13.10 -24.42
N PRO E 115 -26.71 -12.26 -25.31
CA PRO E 115 -27.60 -11.46 -26.06
C PRO E 115 -28.48 -12.28 -27.03
N SER E 116 -29.76 -11.97 -27.02
CA SER E 116 -30.62 -12.30 -28.12
C SER E 116 -30.70 -11.09 -29.04
N THR E 117 -31.74 -11.03 -29.85
CA THR E 117 -31.83 -10.07 -30.93
C THR E 117 -33.27 -9.96 -31.48
N ILE E 118 -33.55 -8.84 -32.14
CA ILE E 118 -34.76 -8.62 -32.91
C ILE E 118 -34.85 -9.56 -34.10
N ALA E 119 -33.71 -10.22 -34.42
CA ALA E 119 -33.67 -11.32 -35.39
C ALA E 119 -34.41 -12.55 -34.90
N ALA E 120 -34.62 -12.70 -33.59
CA ALA E 120 -35.46 -13.80 -33.05
C ALA E 120 -36.90 -13.70 -33.50
N PHE E 121 -37.34 -12.47 -33.81
CA PHE E 121 -38.67 -12.24 -34.31
C PHE E 121 -38.76 -12.54 -35.80
N GLY E 122 -39.99 -12.67 -36.29
CA GLY E 122 -40.28 -12.84 -37.71
C GLY E 122 -41.67 -12.26 -37.97
N ASP E 123 -42.26 -12.60 -39.11
CA ASP E 123 -43.33 -11.78 -39.64
C ASP E 123 -44.66 -11.88 -38.93
N LYS E 124 -44.81 -12.82 -38.01
CA LYS E 124 -46.04 -12.90 -37.23
C LYS E 124 -45.89 -12.28 -35.84
N CYS E 125 -44.77 -11.63 -35.56
CA CYS E 125 -44.51 -11.12 -34.23
C CYS E 125 -45.37 -9.92 -33.75
N GLY E 126 -45.99 -9.17 -34.66
CA GLY E 126 -46.55 -7.87 -34.27
C GLY E 126 -45.45 -6.81 -34.39
N LYS E 127 -45.32 -6.25 -35.58
CA LYS E 127 -44.10 -5.52 -35.94
C LYS E 127 -44.03 -4.12 -35.38
N THR E 128 -45.18 -3.60 -34.95
CA THR E 128 -45.29 -2.29 -34.33
C THR E 128 -45.36 -2.45 -32.81
N MET E 129 -44.33 -1.95 -32.14
CA MET E 129 -44.25 -2.02 -30.68
C MET E 129 -44.35 -3.47 -30.19
N THR E 130 -43.49 -4.30 -30.77
CA THR E 130 -43.49 -5.70 -30.45
C THR E 130 -43.27 -5.94 -28.98
N LYS E 131 -44.13 -6.82 -28.46
CA LYS E 131 -44.15 -7.15 -27.06
C LYS E 131 -43.02 -8.11 -26.78
N ASP E 132 -42.73 -8.29 -25.49
CA ASP E 132 -41.72 -9.22 -25.06
C ASP E 132 -42.22 -10.62 -25.27
N ASP E 133 -43.54 -10.79 -25.23
CA ASP E 133 -44.15 -12.10 -25.26
C ASP E 133 -45.06 -12.17 -26.48
N THR E 134 -44.61 -12.92 -27.49
CA THR E 134 -45.36 -13.05 -28.72
C THR E 134 -44.92 -14.23 -29.59
N ILE E 135 -45.62 -14.43 -30.69
CA ILE E 135 -45.24 -15.42 -31.67
C ILE E 135 -43.82 -15.16 -32.19
N MET E 136 -43.03 -16.23 -32.19
CA MET E 136 -41.63 -16.21 -32.64
C MET E 136 -41.53 -17.09 -33.89
N ASN E 137 -41.22 -16.47 -35.04
CA ASN E 137 -41.16 -17.18 -36.30
C ASN E 137 -40.05 -16.65 -37.18
N PRO E 138 -38.82 -16.62 -36.65
CA PRO E 138 -37.75 -15.99 -37.41
C PRO E 138 -37.54 -16.70 -38.72
N SER E 139 -37.04 -15.97 -39.68
CA SER E 139 -36.88 -16.47 -41.03
C SER E 139 -35.43 -16.48 -41.41
N THR E 140 -34.54 -16.41 -40.43
CA THR E 140 -33.13 -16.65 -40.65
C THR E 140 -32.69 -17.71 -39.68
N VAL E 141 -31.64 -18.43 -40.02
CA VAL E 141 -31.17 -19.50 -39.20
C VAL E 141 -30.64 -18.88 -37.91
N TYR E 142 -30.07 -17.68 -38.05
CA TYR E 142 -29.59 -16.90 -36.92
C TYR E 142 -30.65 -16.77 -35.88
N GLY E 143 -31.78 -16.16 -36.24
CA GLY E 143 -32.90 -15.97 -35.32
C GLY E 143 -33.42 -17.28 -34.73
N VAL E 144 -33.60 -18.27 -35.60
CA VAL E 144 -33.86 -19.61 -35.15
C VAL E 144 -32.96 -20.00 -33.99
N THR E 145 -31.64 -19.89 -34.16
CA THR E 145 -30.76 -20.36 -33.11
C THR E 145 -30.81 -19.52 -31.84
N LYS E 146 -31.37 -18.31 -31.98
CA LYS E 146 -31.35 -17.37 -30.90
C LYS E 146 -32.63 -17.58 -30.11
N VAL E 147 -33.70 -18.00 -30.79
CA VAL E 147 -34.91 -18.48 -30.05
C VAL E 147 -34.59 -19.66 -29.11
N TYR E 148 -33.86 -20.65 -29.63
CA TYR E 148 -33.20 -21.69 -28.84
C TYR E 148 -32.37 -21.20 -27.68
N THR E 149 -31.51 -20.22 -27.97
CA THR E 149 -30.70 -19.57 -26.94
C THR E 149 -31.61 -19.06 -25.80
N GLU E 150 -32.67 -18.32 -26.13
CA GLU E 150 -33.61 -17.74 -25.14
C GLU E 150 -34.31 -18.80 -24.30
N LEU E 151 -34.85 -19.81 -24.98
CA LEU E 151 -35.53 -20.88 -24.29
C LEU E 151 -34.59 -21.76 -23.50
N LEU E 152 -33.38 -21.98 -24.00
CA LEU E 152 -32.44 -22.88 -23.36
C LEU E 152 -31.89 -22.20 -22.11
N GLY E 153 -31.58 -20.91 -22.22
CA GLY E 153 -31.18 -20.18 -21.02
C GLY E 153 -32.30 -20.20 -19.97
N THR E 154 -33.52 -19.94 -20.39
CA THR E 154 -34.60 -19.82 -19.42
C THR E 154 -34.85 -21.16 -18.72
N TRP E 155 -34.75 -22.24 -19.47
CA TRP E 155 -34.80 -23.54 -18.86
C TRP E 155 -33.68 -23.75 -17.83
N TYR E 156 -32.45 -23.27 -18.10
CA TYR E 156 -31.35 -23.43 -17.13
C TYR E 156 -31.60 -22.62 -15.85
N ARG E 157 -32.28 -21.51 -15.99
CA ARG E 157 -32.75 -20.71 -14.89
C ARG E 157 -33.77 -21.45 -14.08
N GLN E 158 -34.74 -22.06 -14.72
CA GLN E 158 -35.76 -22.75 -14.04
C GLN E 158 -35.27 -24.08 -13.41
N LYS E 159 -34.56 -24.85 -14.17
CA LYS E 159 -34.07 -26.13 -13.81
C LYS E 159 -32.95 -26.09 -12.81
N TYR E 160 -31.95 -25.27 -13.04
CA TYR E 160 -30.81 -25.25 -12.08
C TYR E 160 -30.62 -23.96 -11.29
N GLY E 161 -31.44 -22.94 -11.53
CA GLY E 161 -31.28 -21.68 -10.77
C GLY E 161 -30.12 -20.86 -11.33
N VAL E 162 -29.72 -21.17 -12.57
CA VAL E 162 -28.64 -20.43 -13.24
C VAL E 162 -29.10 -19.01 -13.56
N ASP E 163 -28.37 -18.02 -13.10
CA ASP E 163 -28.84 -16.65 -13.25
C ASP E 163 -28.49 -16.22 -14.66
N PHE E 164 -29.41 -16.53 -15.55
CA PHE E 164 -29.33 -16.24 -16.96
C PHE E 164 -30.07 -14.95 -17.26
N ARG E 165 -29.41 -14.04 -18.00
CA ARG E 165 -30.06 -12.76 -18.35
C ARG E 165 -29.76 -12.40 -19.79
N SER E 166 -30.73 -11.80 -20.42
CA SER E 166 -30.58 -11.50 -21.84
C SER E 166 -31.43 -10.37 -22.27
N VAL E 167 -30.96 -9.73 -23.33
CA VAL E 167 -31.73 -8.72 -23.99
C VAL E 167 -31.69 -8.92 -25.48
N ARG E 168 -32.81 -8.54 -26.09
CA ARG E 168 -32.92 -8.67 -27.51
C ARG E 168 -32.37 -7.38 -28.01
N LEU E 169 -31.09 -7.39 -28.37
CA LEU E 169 -30.48 -6.17 -28.88
C LEU E 169 -31.02 -5.87 -30.27
N PRO E 170 -31.24 -4.60 -30.55
CA PRO E 170 -31.54 -4.15 -31.87
C PRO E 170 -30.25 -3.84 -32.63
N GLY E 171 -30.40 -3.33 -33.84
CA GLY E 171 -29.25 -2.76 -34.55
C GLY E 171 -28.47 -1.90 -33.57
N ILE E 172 -27.19 -2.24 -33.38
CA ILE E 172 -26.26 -1.46 -32.56
C ILE E 172 -25.20 -0.72 -33.39
N ILE E 173 -25.15 0.60 -33.25
CA ILE E 173 -24.24 1.46 -34.03
C ILE E 173 -23.03 1.86 -33.20
N SER E 174 -21.85 1.70 -33.80
CA SER E 174 -20.59 2.10 -33.23
C SER E 174 -19.56 2.46 -34.32
N ALA E 175 -18.51 3.16 -33.93
CA ALA E 175 -17.44 3.56 -34.85
C ALA E 175 -16.20 2.66 -34.76
N ALA E 176 -15.82 2.24 -33.55
CA ALA E 176 -14.54 1.55 -33.36
C ALA E 176 -14.34 0.39 -34.32
N THR E 177 -15.13 -0.67 -34.16
CA THR E 177 -14.97 -1.91 -34.93
C THR E 177 -16.13 -2.05 -35.97
N LEU E 178 -15.75 -2.29 -37.24
CA LEU E 178 -16.72 -2.52 -38.31
C LEU E 178 -17.47 -3.84 -38.02
N PRO E 179 -18.78 -3.89 -38.34
CA PRO E 179 -19.64 -5.00 -37.88
C PRO E 179 -19.34 -6.34 -38.57
N GLY E 180 -19.95 -7.42 -38.07
CA GLY E 180 -19.61 -8.79 -38.46
C GLY E 180 -20.56 -9.60 -39.33
N GLY E 181 -21.12 -9.00 -40.38
CA GLY E 181 -21.98 -9.73 -41.33
C GLY E 181 -23.40 -9.90 -40.83
N GLY E 182 -24.02 -8.76 -40.49
CA GLY E 182 -25.46 -8.66 -40.28
C GLY E 182 -26.08 -7.66 -41.25
N ALA E 183 -27.39 -7.47 -41.14
CA ALA E 183 -28.11 -6.50 -41.98
C ALA E 183 -27.96 -5.01 -41.57
N THR E 184 -27.68 -4.72 -40.30
CA THR E 184 -27.66 -3.33 -39.87
C THR E 184 -26.34 -2.65 -40.18
N ASP E 185 -25.44 -3.38 -40.86
CA ASP E 185 -24.08 -2.91 -41.15
C ASP E 185 -24.07 -1.69 -42.06
N TYR E 186 -25.11 -1.58 -42.88
CA TYR E 186 -25.28 -0.50 -43.84
C TYR E 186 -25.11 0.87 -43.20
N ALA E 187 -25.64 1.02 -41.99
CA ALA E 187 -25.70 2.33 -41.35
C ALA E 187 -24.30 2.86 -41.18
N ILE E 188 -23.44 2.00 -40.64
CA ILE E 188 -22.04 2.35 -40.34
C ILE E 188 -21.19 2.56 -41.60
N HIS E 189 -21.53 1.89 -42.70
CA HIS E 189 -20.82 2.07 -43.95
C HIS E 189 -21.23 3.39 -44.61
N MET E 190 -22.47 3.82 -44.35
CA MET E 190 -22.95 5.10 -44.84
C MET E 190 -22.12 6.19 -44.18
N TYR E 191 -22.03 6.16 -42.86
CA TYR E 191 -21.17 7.10 -42.12
C TYR E 191 -19.74 7.24 -42.69
N HIS E 192 -19.10 6.10 -43.00
CA HIS E 192 -17.81 6.08 -43.71
C HIS E 192 -17.90 6.66 -45.14
N SER E 193 -18.86 6.16 -45.93
CA SER E 193 -19.05 6.60 -47.32
C SER E 193 -19.56 8.03 -47.43
N ALA E 194 -19.84 8.66 -46.28
CA ALA E 194 -20.06 10.08 -46.26
C ALA E 194 -18.70 10.74 -46.09
N LEU E 195 -17.88 10.22 -45.18
CA LEU E 195 -16.56 10.78 -44.91
C LEU E 195 -15.66 10.77 -46.15
N LEU E 196 -15.40 9.57 -46.68
CA LEU E 196 -14.62 9.44 -47.92
C LEU E 196 -15.38 10.00 -49.13
N GLN E 197 -16.66 10.34 -48.93
CA GLN E 197 -17.51 10.99 -49.95
C GLN E 197 -17.81 10.12 -51.16
N LYS E 198 -17.38 8.86 -51.14
CA LYS E 198 -17.61 7.94 -52.25
C LYS E 198 -19.03 7.39 -52.26
N LYS E 199 -19.52 7.01 -53.44
CA LYS E 199 -20.90 6.51 -53.52
C LYS E 199 -21.15 5.37 -52.51
N CYS E 200 -21.92 5.67 -51.47
CA CYS E 200 -22.48 4.63 -50.60
C CYS E 200 -23.49 3.81 -51.39
N VAL E 201 -23.25 2.51 -51.55
CA VAL E 201 -24.27 1.61 -52.10
C VAL E 201 -24.91 0.95 -50.91
N CYS E 202 -26.21 1.20 -50.71
CA CYS E 202 -26.94 0.73 -49.52
C CYS E 202 -27.85 -0.45 -49.86
N PRO E 203 -27.54 -1.63 -49.29
CA PRO E 203 -28.30 -2.84 -49.58
C PRO E 203 -29.73 -2.80 -49.07
N VAL E 204 -29.95 -2.05 -47.99
CA VAL E 204 -31.29 -1.98 -47.36
C VAL E 204 -32.11 -0.86 -47.99
N LEU E 205 -33.37 -1.18 -48.31
CA LEU E 205 -34.30 -0.26 -48.95
C LEU E 205 -34.68 0.94 -48.04
N PRO E 206 -34.90 2.14 -48.65
CA PRO E 206 -34.83 3.47 -48.01
C PRO E 206 -35.80 3.80 -46.87
N TYR E 207 -36.99 3.17 -46.84
CA TYR E 207 -37.98 3.40 -45.78
C TYR E 207 -38.23 2.17 -44.87
N GLU E 208 -37.26 1.29 -44.82
CA GLU E 208 -37.34 0.09 -43.99
C GLU E 208 -36.81 0.47 -42.63
N SER E 209 -37.74 0.69 -41.70
CA SER E 209 -37.48 1.14 -40.35
C SER E 209 -37.16 -0.07 -39.53
N LEU E 210 -36.14 0.03 -38.68
CA LEU E 210 -35.73 -1.02 -37.77
C LEU E 210 -35.41 -0.39 -36.41
N PRO E 211 -35.54 -1.16 -35.31
CA PRO E 211 -35.06 -0.65 -34.03
C PRO E 211 -33.57 -0.67 -33.99
N MET E 212 -33.02 0.41 -33.44
CA MET E 212 -31.61 0.69 -33.51
C MET E 212 -31.22 1.33 -32.19
N MET E 213 -29.93 1.61 -31.99
CA MET E 213 -29.39 2.06 -30.68
C MET E 213 -27.93 2.35 -30.80
N TYR E 214 -27.45 3.41 -30.13
CA TYR E 214 -26.06 3.78 -30.17
C TYR E 214 -25.29 3.19 -29.01
N MET E 215 -24.05 2.80 -29.29
CA MET E 215 -23.24 2.00 -28.40
C MET E 215 -23.11 2.44 -26.94
N PRO E 216 -22.95 3.74 -26.67
CA PRO E 216 -22.87 4.07 -25.23
C PRO E 216 -24.15 3.76 -24.45
N ASP E 217 -25.32 4.01 -25.05
CA ASP E 217 -26.57 3.54 -24.42
C ASP E 217 -26.58 1.99 -24.26
N THR E 218 -26.05 1.31 -25.27
CA THR E 218 -25.98 -0.13 -25.26
C THR E 218 -25.05 -0.61 -24.14
N LEU E 219 -23.90 0.03 -24.03
CA LEU E 219 -22.99 -0.27 -22.92
C LEU E 219 -23.59 -0.02 -21.56
N ASN E 220 -24.30 1.09 -21.42
CA ASN E 220 -24.97 1.37 -20.15
C ASN E 220 -25.97 0.27 -19.74
N SER E 221 -26.78 -0.21 -20.67
CA SER E 221 -27.77 -1.26 -20.38
C SER E 221 -27.15 -2.64 -20.07
N LEU E 222 -26.15 -3.03 -20.86
CA LEU E 222 -25.44 -4.30 -20.62
C LEU E 222 -24.95 -4.40 -19.21
N VAL E 223 -24.45 -3.30 -18.67
CA VAL E 223 -23.97 -3.37 -17.31
C VAL E 223 -25.12 -3.34 -16.30
N LYS E 224 -26.07 -2.45 -16.58
CA LYS E 224 -27.16 -2.17 -15.69
C LYS E 224 -28.05 -3.39 -15.46
N ILE E 225 -28.40 -4.11 -16.54
CA ILE E 225 -29.11 -5.38 -16.40
C ILE E 225 -28.32 -6.41 -15.59
N MET E 226 -26.98 -6.40 -15.74
CA MET E 226 -26.15 -7.31 -14.98
C MET E 226 -25.85 -6.84 -13.54
N GLU E 227 -25.99 -5.55 -13.28
CA GLU E 227 -25.90 -5.10 -11.88
C GLU E 227 -27.15 -5.45 -11.05
N ALA E 228 -28.31 -5.69 -11.69
CA ALA E 228 -29.61 -5.69 -11.00
C ALA E 228 -29.86 -6.85 -10.04
N PRO E 229 -30.47 -6.54 -8.87
CA PRO E 229 -30.71 -7.67 -7.99
C PRO E 229 -31.70 -8.55 -8.67
N LEU E 230 -31.43 -9.85 -8.62
CA LEU E 230 -32.21 -10.82 -9.34
C LEU E 230 -33.69 -10.65 -9.05
N GLU E 231 -34.02 -10.20 -7.83
CA GLU E 231 -35.44 -10.08 -7.40
C GLU E 231 -36.24 -9.10 -8.21
N LYS E 232 -35.56 -8.10 -8.77
CA LYS E 232 -36.18 -7.09 -9.63
C LYS E 232 -36.46 -7.56 -11.07
N LEU E 233 -35.93 -8.70 -11.43
CA LEU E 233 -36.15 -9.21 -12.76
C LEU E 233 -37.35 -10.13 -12.90
N THR E 234 -38.38 -9.61 -13.54
CA THR E 234 -39.61 -10.34 -13.72
C THR E 234 -39.48 -11.46 -14.79
N ARG E 235 -38.40 -11.44 -15.57
CA ARG E 235 -38.23 -12.39 -16.68
C ARG E 235 -36.73 -12.50 -17.01
N THR E 236 -36.36 -13.36 -17.95
CA THR E 236 -34.97 -13.64 -18.28
C THR E 236 -34.48 -12.93 -19.53
N VAL E 237 -35.41 -12.72 -20.44
CA VAL E 237 -35.18 -12.03 -21.72
C VAL E 237 -36.04 -10.77 -21.87
N TYR E 238 -35.44 -9.65 -22.28
CA TYR E 238 -36.12 -8.35 -22.43
C TYR E 238 -35.82 -7.67 -23.77
N ASN E 239 -36.85 -7.13 -24.42
CA ASN E 239 -36.66 -6.14 -25.49
C ASN E 239 -36.05 -4.85 -24.92
N ILE E 240 -35.00 -4.35 -25.53
CA ILE E 240 -34.58 -2.96 -25.31
C ILE E 240 -34.46 -2.33 -26.67
N THR E 241 -34.74 -1.02 -26.74
CA THR E 241 -34.54 -0.25 -27.95
C THR E 241 -34.00 1.19 -27.66
N GLY E 242 -33.26 1.77 -28.62
CA GLY E 242 -32.86 3.20 -28.62
C GLY E 242 -33.90 4.06 -29.36
N PHE E 243 -34.02 3.85 -30.67
CA PHE E 243 -35.10 4.42 -31.48
C PHE E 243 -35.03 3.76 -32.83
N SER E 244 -36.08 3.92 -33.63
CA SER E 244 -36.15 3.31 -34.94
C SER E 244 -35.75 4.27 -36.07
N PHE E 245 -35.06 3.79 -37.10
CA PHE E 245 -34.95 4.61 -38.31
C PHE E 245 -34.93 3.83 -39.58
N SER E 246 -35.12 4.54 -40.69
CA SER E 246 -34.94 3.99 -42.01
C SER E 246 -33.66 4.53 -42.62
N PRO E 247 -33.17 3.88 -43.70
CA PRO E 247 -31.92 4.37 -44.28
C PRO E 247 -32.00 5.80 -44.88
N SER E 248 -33.17 6.18 -45.40
CA SER E 248 -33.43 7.57 -45.84
C SER E 248 -33.32 8.54 -44.66
N GLU E 249 -33.69 8.11 -43.45
CA GLU E 249 -33.56 8.96 -42.26
C GLU E 249 -32.11 9.09 -41.78
N LEU E 250 -31.31 8.02 -41.85
CA LEU E 250 -29.88 8.16 -41.51
C LEU E 250 -29.23 9.11 -42.51
N ARG E 251 -29.49 8.86 -43.79
CA ARG E 251 -29.07 9.71 -44.89
C ARG E 251 -29.33 11.17 -44.57
N PHE E 252 -30.57 11.51 -44.22
CA PHE E 252 -30.93 12.88 -43.82
C PHE E 252 -30.12 13.37 -42.62
N SER E 253 -29.97 12.55 -41.57
CA SER E 253 -29.31 13.01 -40.35
C SER E 253 -27.86 13.37 -40.63
N ILE E 254 -27.16 12.47 -41.31
CA ILE E 254 -25.81 12.73 -41.79
C ILE E 254 -25.79 13.90 -42.80
N GLU E 255 -26.89 14.10 -43.49
CA GLU E 255 -26.97 15.17 -44.45
C GLU E 255 -27.09 16.53 -43.77
N ARG E 256 -27.75 16.60 -42.63
CA ARG E 256 -27.70 17.76 -41.81
C ARG E 256 -26.31 17.95 -41.31
N CYS E 257 -25.90 17.07 -40.42
CA CYS E 257 -24.66 17.16 -39.70
C CYS E 257 -23.46 17.60 -40.53
N THR E 258 -23.41 17.24 -41.81
CA THR E 258 -22.23 17.54 -42.62
C THR E 258 -22.32 18.75 -43.53
N ASP E 259 -23.53 19.14 -43.88
CA ASP E 259 -23.81 20.15 -44.88
C ASP E 259 -23.47 19.66 -46.25
N ARG E 260 -23.85 18.44 -46.53
CA ARG E 260 -23.59 17.89 -47.82
C ARG E 260 -24.73 17.07 -48.36
N THR E 261 -24.75 16.96 -49.68
CA THR E 261 -25.77 16.28 -50.41
C THR E 261 -25.19 14.99 -50.94
N ILE E 262 -25.08 14.05 -50.02
CA ILE E 262 -24.36 12.75 -50.15
C ILE E 262 -25.17 11.73 -50.97
N GLU E 263 -24.46 10.80 -51.59
CA GLU E 263 -25.07 9.91 -52.57
C GLU E 263 -25.32 8.54 -51.97
N VAL E 264 -26.54 8.03 -52.16
CA VAL E 264 -26.88 6.67 -51.77
C VAL E 264 -27.57 6.04 -52.97
N GLU E 265 -27.01 4.94 -53.46
CA GLU E 265 -27.61 4.17 -54.53
C GLU E 265 -28.22 2.92 -53.88
N TYR E 266 -29.56 2.85 -53.79
CA TYR E 266 -30.27 1.75 -53.12
C TYR E 266 -30.40 0.48 -53.96
N VAL E 267 -29.25 -0.20 -54.11
CA VAL E 267 -29.16 -1.47 -54.84
C VAL E 267 -29.51 -2.59 -53.88
N GLU E 268 -30.75 -3.07 -53.95
CA GLU E 268 -31.24 -4.01 -52.93
C GLU E 268 -30.28 -5.18 -52.74
N GLY E 269 -30.19 -5.66 -51.49
CA GLY E 269 -29.32 -6.79 -51.13
C GLY E 269 -30.00 -7.92 -50.34
N PRO E 270 -29.22 -8.95 -49.98
CA PRO E 270 -29.83 -10.04 -49.21
C PRO E 270 -30.41 -9.52 -47.89
N ALA E 271 -29.72 -8.54 -47.31
CA ALA E 271 -30.15 -7.88 -46.07
C ALA E 271 -31.61 -7.41 -46.11
N GLN E 272 -32.12 -7.07 -47.28
CA GLN E 272 -33.43 -6.48 -47.39
C GLN E 272 -34.58 -7.37 -46.94
N LYS E 273 -34.66 -8.60 -47.45
CA LYS E 273 -35.76 -9.53 -47.03
C LYS E 273 -35.59 -9.92 -45.56
N ILE E 274 -34.36 -10.01 -45.12
CA ILE E 274 -34.09 -10.19 -43.70
C ILE E 274 -34.71 -9.05 -42.87
N ALA E 275 -34.39 -7.79 -43.22
CA ALA E 275 -34.85 -6.62 -42.42
C ALA E 275 -36.37 -6.47 -42.38
N ASN E 276 -36.98 -6.77 -43.50
CA ASN E 276 -38.38 -6.69 -43.70
C ASN E 276 -39.14 -7.71 -42.89
N SER E 277 -38.48 -8.78 -42.48
CA SER E 277 -39.16 -9.77 -41.63
C SER E 277 -38.97 -9.43 -40.17
N TRP E 278 -38.33 -8.29 -39.92
CA TRP E 278 -38.09 -7.80 -38.57
C TRP E 278 -39.10 -6.74 -38.11
N PRO E 279 -39.24 -6.56 -36.80
CA PRO E 279 -40.13 -5.50 -36.34
C PRO E 279 -39.66 -4.06 -36.74
N ASP E 280 -40.60 -3.12 -36.89
CA ASP E 280 -40.27 -1.69 -37.07
C ASP E 280 -39.98 -1.00 -35.76
N SER E 281 -40.53 -1.55 -34.67
CA SER E 281 -40.25 -1.04 -33.32
C SER E 281 -40.66 -2.04 -32.24
N LEU E 282 -40.01 -1.93 -31.08
CA LEU E 282 -40.21 -2.77 -29.89
C LEU E 282 -40.88 -2.04 -28.75
N ASP E 283 -41.67 -2.76 -27.97
CA ASP E 283 -42.03 -2.31 -26.64
C ASP E 283 -41.02 -2.77 -25.58
N ASP E 284 -40.34 -1.84 -24.92
CA ASP E 284 -39.33 -2.17 -23.93
C ASP E 284 -39.72 -1.67 -22.57
N SER E 285 -41.03 -1.53 -22.39
CA SER E 285 -41.57 -1.10 -21.13
C SER E 285 -41.11 -1.97 -19.94
N ASN E 286 -41.12 -3.31 -20.09
CA ASN E 286 -40.75 -4.20 -18.98
C ASN E 286 -39.30 -4.02 -18.54
N ALA E 287 -38.41 -3.67 -19.45
CA ALA E 287 -37.01 -3.38 -19.06
C ALA E 287 -36.91 -2.04 -18.38
N ARG E 288 -37.59 -1.03 -18.92
CA ARG E 288 -37.63 0.29 -18.27
C ARG E 288 -38.11 0.09 -16.82
N ASN E 289 -39.14 -0.73 -16.66
CA ASN E 289 -39.77 -0.86 -15.37
C ASN E 289 -39.00 -1.71 -14.37
N ASP E 290 -38.48 -2.84 -14.82
CA ASP E 290 -37.80 -3.77 -13.94
C ASP E 290 -36.44 -3.34 -13.48
N TRP E 291 -35.65 -2.82 -14.42
CA TRP E 291 -34.28 -2.49 -14.10
C TRP E 291 -33.75 -1.18 -14.73
N GLY E 292 -34.62 -0.32 -15.24
CA GLY E 292 -34.27 1.09 -15.51
C GLY E 292 -33.46 1.39 -16.76
N HIS E 293 -33.78 0.66 -17.83
CA HIS E 293 -33.18 0.83 -19.12
C HIS E 293 -33.50 2.24 -19.54
N GLN E 294 -32.51 2.93 -20.10
CA GLN E 294 -32.64 4.33 -20.49
C GLN E 294 -31.73 4.66 -21.68
N VAL E 295 -32.24 5.51 -22.58
CA VAL E 295 -31.51 6.03 -23.72
C VAL E 295 -31.24 7.53 -23.56
N LYS E 296 -30.06 8.00 -23.95
CA LYS E 296 -29.78 9.45 -24.07
C LYS E 296 -29.69 9.92 -25.53
N TYR E 297 -29.11 9.09 -26.39
CA TYR E 297 -28.84 9.49 -27.77
C TYR E 297 -30.08 9.42 -28.64
N ASP E 298 -30.32 10.45 -29.43
CA ASP E 298 -31.27 10.35 -30.54
C ASP E 298 -30.45 10.23 -31.82
N ILE E 299 -31.12 10.15 -32.98
CA ILE E 299 -30.42 9.89 -34.21
C ILE E 299 -29.46 11.03 -34.58
N ASP E 300 -29.81 12.25 -34.23
CA ASP E 300 -28.95 13.39 -34.59
C ASP E 300 -27.70 13.47 -33.74
N MET E 301 -27.85 13.23 -32.44
CA MET E 301 -26.69 13.08 -31.56
C MET E 301 -25.75 11.98 -31.99
N MET E 302 -26.32 10.86 -32.40
CA MET E 302 -25.52 9.74 -32.88
C MET E 302 -24.62 10.16 -34.08
N SER E 303 -25.21 10.81 -35.09
CA SER E 303 -24.43 11.24 -36.25
C SER E 303 -23.31 12.22 -35.87
N GLU E 304 -23.64 13.23 -35.07
CA GLU E 304 -22.64 14.15 -34.51
C GLU E 304 -21.42 13.39 -34.02
N ASP E 305 -21.64 12.45 -33.11
CA ASP E 305 -20.55 11.72 -32.52
C ASP E 305 -19.87 10.89 -33.61
N MET E 306 -20.66 10.25 -34.45
CA MET E 306 -20.11 9.25 -35.34
C MET E 306 -19.19 9.87 -36.37
N LEU E 307 -19.65 10.91 -37.04
CA LEU E 307 -18.79 11.59 -38.01
C LEU E 307 -17.58 12.21 -37.31
N ARG E 308 -17.74 12.59 -36.06
CA ARG E 308 -16.65 13.14 -35.26
C ARG E 308 -15.61 12.09 -34.84
N GLN E 309 -16.02 10.83 -34.73
CA GLN E 309 -15.20 9.76 -34.11
C GLN E 309 -14.45 8.85 -35.09
N ILE E 310 -15.08 8.51 -36.21
CA ILE E 310 -14.44 7.67 -37.22
C ILE E 310 -13.12 8.27 -37.69
N PRO E 311 -13.10 9.60 -37.95
CA PRO E 311 -11.83 10.22 -38.30
C PRO E 311 -10.78 10.07 -37.22
N ILE E 312 -11.12 10.42 -35.97
CA ILE E 312 -10.16 10.22 -34.90
C ILE E 312 -9.65 8.79 -35.01
N LEU E 313 -10.50 7.82 -34.66
CA LEU E 313 -10.11 6.41 -34.50
C LEU E 313 -9.62 5.71 -35.79
N HIS E 314 -10.19 6.05 -36.95
CA HIS E 314 -9.82 5.37 -38.21
C HIS E 314 -8.95 6.22 -39.17
N GLY E 315 -9.11 7.53 -39.18
CA GLY E 315 -8.21 8.39 -39.98
C GLY E 315 -8.74 8.69 -41.37
N LEU E 316 -10.06 8.88 -41.45
CA LEU E 316 -10.71 9.35 -42.65
C LEU E 316 -10.76 10.88 -42.58
N PRO E 317 -11.11 11.57 -43.68
CA PRO E 317 -11.21 13.04 -43.63
C PRO E 317 -11.96 13.57 -42.40
N SER E 318 -11.50 14.67 -41.87
CA SER E 318 -12.07 15.15 -40.65
C SER E 318 -13.16 16.12 -41.00
N LEU E 319 -13.34 17.10 -40.14
CA LEU E 319 -14.23 18.24 -40.29
C LEU E 319 -15.05 18.30 -41.56
N PRO F 1 -51.07 30.44 26.61
CA PRO F 1 -51.63 30.54 25.24
C PRO F 1 -52.03 29.16 24.69
N ARG F 2 -53.33 28.91 24.52
CA ARG F 2 -53.85 27.56 24.21
C ARG F 2 -54.30 27.45 22.76
N VAL F 3 -54.11 26.27 22.16
CA VAL F 3 -54.04 26.21 20.70
C VAL F 3 -54.65 24.96 20.11
N LEU F 4 -55.67 25.13 19.27
CA LEU F 4 -56.17 24.02 18.45
C LEU F 4 -55.67 24.11 17.00
N VAL F 5 -55.15 23.00 16.48
CA VAL F 5 -54.87 22.87 15.04
C VAL F 5 -55.79 21.85 14.44
N THR F 6 -56.43 22.21 13.33
CA THR F 6 -57.21 21.24 12.58
C THR F 6 -56.51 20.93 11.25
N GLY F 7 -56.71 19.72 10.76
CA GLY F 7 -55.97 19.24 9.57
C GLY F 7 -54.46 19.22 9.84
N ALA F 8 -54.17 18.87 11.08
CA ALA F 8 -52.88 19.04 11.67
C ALA F 8 -51.80 18.08 11.15
N LEU F 9 -52.14 17.12 10.29
CA LEU F 9 -51.19 16.05 9.97
C LEU F 9 -50.61 16.13 8.57
N GLY F 10 -51.01 17.13 7.81
CA GLY F 10 -50.42 17.32 6.51
C GLY F 10 -49.14 18.11 6.55
N GLN F 11 -48.83 18.67 5.40
CA GLN F 11 -47.61 19.38 5.21
C GLN F 11 -47.33 20.52 6.16
N ILE F 12 -48.27 21.48 6.23
CA ILE F 12 -48.08 22.63 7.09
C ILE F 12 -48.35 22.20 8.53
N GLY F 13 -49.38 21.41 8.74
CA GLY F 13 -49.86 21.04 10.07
C GLY F 13 -48.91 20.16 10.88
N THR F 14 -48.01 19.46 10.18
CA THR F 14 -46.98 18.66 10.84
C THR F 14 -45.88 19.53 11.44
N ASP F 15 -45.33 20.45 10.65
CA ASP F 15 -44.26 21.32 11.11
C ASP F 15 -44.80 22.53 11.88
N LEU F 16 -46.11 22.80 11.82
CA LEU F 16 -46.69 23.85 12.67
C LEU F 16 -46.92 23.28 14.06
N SER F 17 -47.47 22.07 14.13
CA SER F 17 -47.83 21.46 15.38
C SER F 17 -46.61 21.14 16.22
N LEU F 18 -45.49 20.78 15.58
CA LEU F 18 -44.25 20.54 16.31
C LEU F 18 -43.62 21.86 16.78
N ALA F 19 -43.73 22.91 15.96
CA ALA F 19 -43.22 24.21 16.37
C ALA F 19 -43.97 24.74 17.59
N LEU F 20 -45.28 24.50 17.62
CA LEU F 20 -46.12 25.09 18.66
C LEU F 20 -45.99 24.36 20.00
N ARG F 21 -45.81 23.05 19.94
CA ARG F 21 -45.61 22.22 21.12
C ARG F 21 -44.34 22.67 21.81
N ASP F 22 -43.30 22.82 21.00
CA ASP F 22 -42.05 23.36 21.47
C ASP F 22 -42.28 24.75 22.10
N LYS F 23 -42.65 25.75 21.31
CA LYS F 23 -42.66 27.13 21.81
C LYS F 23 -43.56 27.35 23.03
N PHE F 24 -44.75 26.74 23.02
CA PHE F 24 -45.80 27.05 24.03
C PHE F 24 -46.09 25.91 24.99
N GLY F 25 -45.27 24.86 24.94
CA GLY F 25 -45.44 23.72 25.85
C GLY F 25 -46.45 22.79 25.25
N ALA F 26 -46.16 21.50 25.31
CA ALA F 26 -47.05 20.47 24.76
C ALA F 26 -48.45 20.40 25.38
N ASP F 27 -48.61 20.92 26.60
CA ASP F 27 -49.90 20.88 27.27
C ASP F 27 -50.85 21.97 26.80
N SER F 28 -50.30 22.98 26.14
CA SER F 28 -51.09 24.05 25.54
C SER F 28 -51.68 23.71 24.16
N VAL F 29 -51.20 22.64 23.52
CA VAL F 29 -51.45 22.37 22.11
C VAL F 29 -52.31 21.13 21.91
N LEU F 30 -53.39 21.26 21.16
CA LEU F 30 -54.15 20.11 20.69
C LEU F 30 -54.16 20.09 19.19
N VAL F 31 -53.73 18.97 18.59
CA VAL F 31 -53.77 18.79 17.14
C VAL F 31 -54.80 17.74 16.76
N SER F 32 -55.51 17.98 15.65
CA SER F 32 -56.49 17.04 15.16
C SER F 32 -56.42 16.87 13.64
N ASP F 33 -57.04 15.81 13.16
CA ASP F 33 -57.06 15.54 11.73
C ASP F 33 -58.10 14.49 11.53
N VAL F 34 -58.49 14.29 10.30
CA VAL F 34 -59.48 13.28 9.96
C VAL F 34 -58.82 11.91 9.98
N VAL F 35 -57.52 11.87 9.65
CA VAL F 35 -56.72 10.63 9.65
C VAL F 35 -55.84 10.56 10.90
N GLU F 36 -55.55 9.33 11.34
CA GLU F 36 -54.56 9.05 12.39
C GLU F 36 -53.14 9.23 11.87
N PRO F 37 -52.18 9.49 12.77
CA PRO F 37 -50.81 9.58 12.26
C PRO F 37 -50.28 8.21 11.90
N GLY F 38 -49.57 8.12 10.77
CA GLY F 38 -48.82 6.91 10.41
C GLY F 38 -47.74 6.66 11.46
N ALA F 39 -47.36 5.39 11.64
CA ALA F 39 -46.29 5.04 12.59
C ALA F 39 -45.02 5.83 12.27
N LYS F 40 -44.66 5.90 11.00
CA LYS F 40 -43.53 6.74 10.60
C LYS F 40 -43.82 8.26 10.63
N HIS F 41 -45.04 8.67 10.97
CA HIS F 41 -45.40 10.09 11.06
C HIS F 41 -44.77 10.73 12.29
N PRO F 42 -44.08 11.89 12.10
CA PRO F 42 -43.40 12.58 13.21
C PRO F 42 -44.23 12.60 14.49
N LEU F 43 -45.53 12.84 14.37
CA LEU F 43 -46.44 12.97 15.51
C LEU F 43 -46.98 11.65 16.06
N ALA F 44 -46.57 10.52 15.49
CA ALA F 44 -46.97 9.20 16.01
C ALA F 44 -46.77 9.09 17.53
N GLY F 45 -47.69 8.38 18.19
CA GLY F 45 -47.59 8.12 19.62
C GLY F 45 -48.05 9.31 20.43
N LEU F 46 -47.37 10.44 20.23
CA LEU F 46 -47.51 11.63 21.05
C LEU F 46 -48.89 11.95 21.67
N LYS F 47 -48.84 12.34 22.94
CA LYS F 47 -49.90 13.05 23.66
C LYS F 47 -50.37 14.31 22.92
N GLY F 48 -51.67 14.56 22.94
CA GLY F 48 -52.25 15.75 22.34
C GLY F 48 -52.60 15.60 20.88
N VAL F 49 -52.88 14.37 20.42
CA VAL F 49 -53.26 14.14 19.04
C VAL F 49 -54.63 13.47 18.90
N GLU F 50 -55.49 14.14 18.15
CA GLU F 50 -56.87 13.77 18.09
C GLU F 50 -57.32 13.52 16.66
N LYS F 51 -58.42 12.79 16.58
CA LYS F 51 -59.05 12.44 15.34
C LYS F 51 -60.44 13.14 15.23
N LEU F 52 -60.51 14.10 14.31
CA LEU F 52 -61.73 14.86 14.09
C LEU F 52 -62.01 15.00 12.60
N ASP F 53 -63.21 14.63 12.19
CA ASP F 53 -63.76 15.12 10.94
C ASP F 53 -64.48 16.47 11.17
N CYS F 54 -63.85 17.55 10.73
CA CYS F 54 -64.47 18.89 10.81
C CYS F 54 -65.78 19.07 10.03
N LEU F 55 -66.12 18.15 9.16
CA LEU F 55 -67.49 18.17 8.58
C LEU F 55 -68.59 17.90 9.60
N ASP F 56 -68.23 17.41 10.78
CA ASP F 56 -69.21 17.17 11.83
C ASP F 56 -69.08 18.24 12.88
N SER F 57 -69.99 19.20 12.85
CA SER F 57 -69.89 20.38 13.71
C SER F 57 -70.02 20.04 15.17
N ASN F 58 -70.90 19.09 15.47
CA ASN F 58 -71.11 18.57 16.84
C ASN F 58 -69.85 18.03 17.49
N GLY F 59 -69.08 17.18 16.77
CA GLY F 59 -67.76 16.74 17.25
C GLY F 59 -66.68 17.83 17.40
N PHE F 60 -66.68 18.78 16.46
CA PHE F 60 -65.78 19.95 16.46
C PHE F 60 -66.10 20.77 17.73
N GLU F 61 -67.37 21.12 17.88
CA GLU F 61 -67.80 21.81 19.09
C GLU F 61 -67.39 21.05 20.35
N LYS F 62 -67.71 19.76 20.42
CA LYS F 62 -67.33 18.93 21.56
C LYS F 62 -65.84 19.08 21.83
N LEU F 63 -65.01 18.78 20.84
CA LEU F 63 -63.58 18.91 21.04
C LEU F 63 -63.26 20.33 21.49
N VAL F 64 -63.78 21.33 20.79
CA VAL F 64 -63.53 22.72 21.16
C VAL F 64 -63.95 23.01 22.59
N LYS F 65 -65.11 22.47 22.98
CA LYS F 65 -65.65 22.69 24.31
C LYS F 65 -64.80 21.99 25.40
N GLU F 66 -64.59 20.68 25.29
CA GLU F 66 -63.58 19.98 26.14
C GLU F 66 -62.21 20.71 26.32
N PHE F 67 -61.58 21.09 25.23
CA PHE F 67 -60.23 21.64 25.27
C PHE F 67 -60.14 23.12 25.67
N LYS F 68 -61.04 23.96 25.14
CA LYS F 68 -61.05 25.44 25.35
C LYS F 68 -59.85 26.23 24.78
N PRO F 69 -59.72 26.28 23.45
CA PRO F 69 -58.65 27.06 22.83
C PRO F 69 -58.82 28.55 22.94
N THR F 70 -57.74 29.28 23.11
CA THR F 70 -57.74 30.73 22.91
C THR F 70 -57.46 31.06 21.44
N TRP F 71 -56.63 30.20 20.81
CA TRP F 71 -56.25 30.25 19.40
C TRP F 71 -56.71 29.01 18.63
N MET F 72 -56.90 29.14 17.32
CA MET F 72 -57.16 28.02 16.39
C MET F 72 -56.51 28.36 15.04
N TYR F 73 -55.58 27.52 14.56
CA TYR F 73 -55.19 27.46 13.14
C TYR F 73 -56.08 26.42 12.48
N HIS F 74 -56.90 26.79 11.50
CA HIS F 74 -57.77 25.78 10.86
C HIS F 74 -57.23 25.42 9.47
N LEU F 75 -56.56 24.26 9.32
CA LEU F 75 -55.80 24.01 8.11
C LEU F 75 -56.39 23.09 7.01
N PRO F 76 -57.47 22.33 7.28
CA PRO F 76 -57.85 21.38 6.22
C PRO F 76 -58.43 22.03 4.97
N ALA F 77 -58.01 21.54 3.79
CA ALA F 77 -58.48 22.04 2.48
C ALA F 77 -58.01 21.10 1.38
N ILE F 78 -58.75 21.01 0.31
CA ILE F 78 -58.37 20.26 -0.84
C ILE F 78 -57.87 21.33 -1.76
N MET F 79 -56.63 21.17 -2.20
CA MET F 79 -55.97 22.20 -3.00
C MET F 79 -56.22 22.00 -4.49
N SER F 80 -55.40 22.66 -5.32
CA SER F 80 -55.81 23.11 -6.64
C SER F 80 -55.96 22.02 -7.67
N VAL F 81 -54.94 21.17 -7.82
CA VAL F 81 -54.96 20.04 -8.73
C VAL F 81 -56.05 19.06 -8.38
N ARG F 82 -56.07 18.58 -7.14
CA ARG F 82 -57.10 17.59 -6.76
C ARG F 82 -58.52 18.21 -6.79
N GLY F 83 -58.60 19.51 -6.57
CA GLY F 83 -59.91 20.14 -6.53
C GLY F 83 -60.64 20.08 -7.87
N GLU F 84 -59.91 20.18 -8.99
CA GLU F 84 -60.52 20.28 -10.30
C GLU F 84 -61.16 18.96 -10.67
N ALA F 85 -60.61 17.91 -10.10
CA ALA F 85 -61.00 16.57 -10.39
C ALA F 85 -61.99 16.13 -9.35
N GLU F 86 -61.94 16.70 -8.14
CA GLU F 86 -62.94 16.35 -7.12
C GLU F 86 -63.56 17.58 -6.48
N PRO F 87 -64.32 18.36 -7.28
CA PRO F 87 -64.95 19.61 -6.85
C PRO F 87 -66.03 19.48 -5.78
N ASP F 88 -66.73 18.36 -5.75
CA ASP F 88 -67.75 18.15 -4.74
C ASP F 88 -67.07 18.20 -3.38
N LEU F 89 -65.96 17.48 -3.28
CA LEU F 89 -65.17 17.38 -2.06
C LEU F 89 -64.56 18.68 -1.66
N ALA F 90 -64.02 19.40 -2.64
CA ALA F 90 -63.37 20.69 -2.39
C ALA F 90 -64.35 21.71 -1.83
N MET F 91 -65.55 21.73 -2.43
CA MET F 91 -66.64 22.60 -2.00
C MET F 91 -67.14 22.25 -0.58
N ASP F 92 -67.30 20.98 -0.24
CA ASP F 92 -67.73 20.57 1.10
C ASP F 92 -66.70 21.00 2.14
N ILE F 93 -65.45 20.63 1.92
CA ILE F 93 -64.39 20.86 2.89
C ILE F 93 -64.06 22.32 2.94
N ASN F 94 -63.73 22.91 1.79
CA ASN F 94 -63.19 24.26 1.83
C ASN F 94 -64.22 25.26 2.33
N VAL F 95 -65.50 25.01 2.07
CA VAL F 95 -66.58 25.91 2.47
C VAL F 95 -67.14 25.54 3.84
N ASN F 96 -67.48 24.29 4.04
CA ASN F 96 -68.25 23.95 5.21
C ASN F 96 -67.43 23.86 6.48
N THR F 97 -66.24 23.23 6.42
CA THR F 97 -65.36 23.21 7.57
C THR F 97 -65.01 24.64 7.99
N THR F 98 -64.76 25.50 7.02
CA THR F 98 -64.47 26.91 7.28
C THR F 98 -65.61 27.55 8.02
N ARG F 99 -66.81 27.26 7.56
CA ARG F 99 -68.03 27.78 8.18
C ARG F 99 -68.14 27.39 9.65
N TYR F 100 -67.97 26.10 9.94
CA TYR F 100 -68.12 25.63 11.32
C TYR F 100 -67.01 26.13 12.18
N ALA F 101 -65.84 26.35 11.58
CA ALA F 101 -64.72 26.89 12.33
C ALA F 101 -65.01 28.33 12.77
N LEU F 102 -65.54 29.12 11.87
CA LEU F 102 -65.72 30.53 12.22
C LEU F 102 -66.81 30.65 13.25
N GLU F 103 -67.83 29.82 13.13
CA GLU F 103 -68.91 29.83 14.09
C GLU F 103 -68.42 29.49 15.52
N LEU F 104 -67.57 28.48 15.65
CA LEU F 104 -66.99 28.18 16.96
C LEU F 104 -66.02 29.24 17.47
N ALA F 105 -65.36 29.95 16.56
CA ALA F 105 -64.53 31.09 16.94
C ALA F 105 -65.39 32.19 17.52
N ARG F 106 -66.59 32.32 16.94
CA ARG F 106 -67.56 33.30 17.40
C ARG F 106 -68.10 32.93 18.77
N LYS F 107 -68.67 31.74 18.85
CA LYS F 107 -69.36 31.23 20.02
C LYS F 107 -68.43 31.10 21.25
N TYR F 108 -67.22 30.54 21.08
CA TYR F 108 -66.29 30.35 22.20
C TYR F 108 -65.12 31.32 22.18
N ASN F 109 -65.27 32.43 21.47
CA ASN F 109 -64.29 33.53 21.53
C ASN F 109 -62.77 33.15 21.31
N ILE F 110 -62.50 32.51 20.17
CA ILE F 110 -61.20 31.99 19.77
C ILE F 110 -60.55 32.90 18.72
N ARG F 111 -59.26 33.18 18.86
CA ARG F 111 -58.55 33.84 17.78
C ARG F 111 -58.32 32.77 16.71
N ILE F 112 -58.70 33.06 15.46
CA ILE F 112 -58.73 32.06 14.42
C ILE F 112 -57.95 32.48 13.16
N PHE F 113 -56.96 31.63 12.81
CA PHE F 113 -56.17 31.76 11.61
C PHE F 113 -56.64 30.75 10.59
N ILE F 114 -56.98 31.23 9.37
CA ILE F 114 -57.29 30.34 8.22
C ILE F 114 -56.49 30.80 7.01
N PRO F 115 -55.60 29.95 6.52
CA PRO F 115 -54.77 30.48 5.45
C PRO F 115 -55.57 30.54 4.17
N SER F 116 -55.38 31.62 3.43
CA SER F 116 -55.73 31.66 2.03
C SER F 116 -54.50 31.31 1.20
N THR F 117 -54.45 31.74 -0.05
CA THR F 117 -53.42 31.26 -0.98
C THR F 117 -53.29 32.17 -2.20
N ILE F 118 -52.16 32.05 -2.88
CA ILE F 118 -51.96 32.84 -4.08
C ILE F 118 -52.92 32.37 -5.15
N ALA F 119 -53.48 31.18 -4.95
CA ALA F 119 -54.41 30.59 -5.90
C ALA F 119 -55.79 31.25 -5.87
N ALA F 120 -55.99 32.14 -4.91
CA ALA F 120 -57.17 33.01 -4.89
C ALA F 120 -57.11 34.11 -5.94
N PHE F 121 -55.91 34.35 -6.46
CA PHE F 121 -55.72 35.31 -7.54
C PHE F 121 -55.87 34.56 -8.88
N GLY F 122 -56.30 35.30 -9.90
CA GLY F 122 -56.35 34.84 -11.29
C GLY F 122 -55.60 35.79 -12.21
N ASP F 123 -55.84 35.64 -13.51
CA ASP F 123 -55.02 36.25 -14.49
C ASP F 123 -55.18 37.75 -14.51
N LYS F 124 -56.26 38.32 -13.93
CA LYS F 124 -56.45 39.77 -13.79
C LYS F 124 -55.92 40.43 -12.49
N CYS F 125 -55.10 39.73 -11.74
CA CYS F 125 -54.73 40.24 -10.41
C CYS F 125 -53.64 41.29 -10.43
N GLY F 126 -52.88 41.35 -11.53
CA GLY F 126 -51.64 42.16 -11.57
C GLY F 126 -50.52 41.23 -11.12
N LYS F 127 -49.87 40.58 -12.08
CA LYS F 127 -49.05 39.37 -11.85
C LYS F 127 -47.66 39.62 -11.23
N THR F 128 -47.24 40.87 -11.30
CA THR F 128 -45.97 41.31 -10.81
C THR F 128 -46.23 42.05 -9.52
N MET F 129 -45.69 41.51 -8.42
CA MET F 129 -45.70 42.16 -7.12
C MET F 129 -47.14 42.45 -6.80
N THR F 130 -47.93 41.39 -6.84
CA THR F 130 -49.36 41.51 -6.69
C THR F 130 -49.71 42.20 -5.35
N LYS F 131 -50.68 43.11 -5.38
CA LYS F 131 -51.13 43.85 -4.19
C LYS F 131 -52.12 43.08 -3.29
N ASP F 132 -52.35 43.57 -2.08
CA ASP F 132 -53.23 42.85 -1.14
C ASP F 132 -54.67 42.99 -1.63
N ASP F 133 -55.01 44.19 -2.11
CA ASP F 133 -56.34 44.48 -2.69
C ASP F 133 -56.25 44.56 -4.19
N THR F 134 -56.94 43.66 -4.88
CA THR F 134 -56.90 43.68 -6.36
C THR F 134 -58.11 42.90 -6.83
N ILE F 135 -58.26 42.76 -8.15
CA ILE F 135 -59.31 41.96 -8.74
C ILE F 135 -58.93 40.50 -8.46
N MET F 136 -59.91 39.73 -8.04
CA MET F 136 -59.76 38.36 -7.63
C MET F 136 -60.58 37.50 -8.55
N ASN F 137 -59.97 36.96 -9.61
CA ASN F 137 -60.65 36.06 -10.56
C ASN F 137 -60.02 34.65 -10.71
N PRO F 138 -60.16 33.81 -9.68
CA PRO F 138 -59.60 32.46 -9.66
C PRO F 138 -60.06 31.45 -10.74
N SER F 139 -59.06 30.84 -11.40
CA SER F 139 -59.33 29.85 -12.40
C SER F 139 -59.55 28.43 -11.82
N THR F 140 -59.59 28.26 -10.49
CA THR F 140 -59.85 26.96 -9.88
C THR F 140 -60.96 26.99 -8.84
N VAL F 141 -61.64 25.87 -8.70
CA VAL F 141 -62.62 25.80 -7.62
C VAL F 141 -61.95 25.99 -6.24
N TYR F 142 -60.79 25.38 -6.01
CA TYR F 142 -59.97 25.69 -4.83
C TYR F 142 -59.86 27.18 -4.57
N GLY F 143 -59.32 27.88 -5.56
CA GLY F 143 -59.14 29.35 -5.54
C GLY F 143 -60.43 30.09 -5.22
N VAL F 144 -61.53 29.66 -5.85
CA VAL F 144 -62.86 30.23 -5.60
C VAL F 144 -63.29 30.10 -4.15
N THR F 145 -63.02 28.94 -3.53
CA THR F 145 -63.42 28.66 -2.14
C THR F 145 -62.57 29.45 -1.15
N LYS F 146 -61.39 29.84 -1.58
CA LYS F 146 -60.50 30.50 -0.71
C LYS F 146 -60.81 31.99 -0.73
N VAL F 147 -61.31 32.48 -1.84
CA VAL F 147 -61.80 33.84 -1.84
C VAL F 147 -62.95 33.94 -0.87
N TYR F 148 -63.93 33.02 -0.98
CA TYR F 148 -65.08 32.98 -0.08
C TYR F 148 -64.63 32.90 1.37
N THR F 149 -63.58 32.11 1.60
CA THR F 149 -62.96 31.99 2.93
C THR F 149 -62.42 33.31 3.43
N GLU F 150 -61.76 34.08 2.56
CA GLU F 150 -61.28 35.43 2.89
C GLU F 150 -62.40 36.39 3.28
N LEU F 151 -63.49 36.32 2.51
CA LEU F 151 -64.58 37.30 2.67
C LEU F 151 -65.50 36.89 3.82
N LEU F 152 -65.67 35.59 4.03
CA LEU F 152 -66.58 35.19 5.10
C LEU F 152 -65.92 35.43 6.44
N GLY F 153 -64.61 35.25 6.51
CA GLY F 153 -63.84 35.56 7.73
C GLY F 153 -63.68 37.05 7.97
N THR F 154 -63.53 37.83 6.92
CA THR F 154 -63.50 39.27 7.12
C THR F 154 -64.85 39.79 7.63
N TRP F 155 -65.92 39.17 7.14
CA TRP F 155 -67.26 39.55 7.58
C TRP F 155 -67.52 39.12 9.01
N TYR F 156 -66.93 38.00 9.44
CA TYR F 156 -67.10 37.54 10.82
C TYR F 156 -66.46 38.55 11.77
N ARG F 157 -65.32 39.09 11.37
CA ARG F 157 -64.65 40.11 12.16
C ARG F 157 -65.52 41.37 12.33
N GLN F 158 -66.12 41.87 11.25
CA GLN F 158 -66.93 43.10 11.34
C GLN F 158 -68.27 42.92 12.02
N LYS F 159 -68.92 41.80 11.75
CA LYS F 159 -70.26 41.50 12.27
C LYS F 159 -70.24 41.12 13.75
N TYR F 160 -69.40 40.17 14.13
CA TYR F 160 -69.36 39.67 15.50
C TYR F 160 -68.12 40.07 16.28
N GLY F 161 -67.16 40.68 15.62
CA GLY F 161 -65.89 41.05 16.29
C GLY F 161 -64.92 39.89 16.40
N VAL F 162 -65.14 38.80 15.66
CA VAL F 162 -64.18 37.70 15.70
C VAL F 162 -62.79 38.14 15.25
N ASP F 163 -61.78 37.71 15.99
CA ASP F 163 -60.45 38.03 15.63
C ASP F 163 -59.94 37.10 14.54
N PHE F 164 -60.33 37.39 13.31
CA PHE F 164 -59.94 36.57 12.15
C PHE F 164 -58.68 37.06 11.51
N ARG F 165 -57.71 36.18 11.41
CA ARG F 165 -56.43 36.48 10.82
C ARG F 165 -56.12 35.50 9.72
N SER F 166 -55.45 35.99 8.68
CA SER F 166 -55.13 35.19 7.51
C SER F 166 -54.00 35.80 6.68
N VAL F 167 -53.23 34.90 6.07
CA VAL F 167 -52.31 35.28 5.01
C VAL F 167 -52.48 34.46 3.74
N ARG F 168 -52.22 35.11 2.60
CA ARG F 168 -52.13 34.36 1.35
C ARG F 168 -50.78 33.72 1.26
N LEU F 169 -50.75 32.40 1.43
CA LEU F 169 -49.53 31.61 1.33
C LEU F 169 -49.09 31.35 -0.13
N PRO F 170 -47.79 31.60 -0.42
CA PRO F 170 -47.12 31.17 -1.65
C PRO F 170 -46.93 29.68 -1.66
N GLY F 171 -46.36 29.11 -2.73
CA GLY F 171 -45.93 27.70 -2.71
C GLY F 171 -45.00 27.38 -1.51
N ILE F 172 -45.35 26.32 -0.76
CA ILE F 172 -44.62 25.95 0.47
C ILE F 172 -43.80 24.66 0.40
N ILE F 173 -42.46 24.81 0.44
CA ILE F 173 -41.47 23.68 0.44
C ILE F 173 -41.07 23.14 1.82
N SER F 174 -41.08 21.81 1.97
CA SER F 174 -40.59 21.16 3.17
C SER F 174 -40.09 19.74 2.87
N ALA F 175 -39.05 19.32 3.59
CA ALA F 175 -38.48 17.97 3.45
C ALA F 175 -39.36 16.94 4.14
N ALA F 176 -40.06 17.42 5.16
CA ALA F 176 -40.79 16.54 6.05
C ALA F 176 -41.97 15.88 5.38
N THR F 177 -42.23 16.19 4.10
CA THR F 177 -43.33 15.56 3.35
C THR F 177 -42.93 15.16 1.93
N LEU F 178 -43.57 14.11 1.43
CA LEU F 178 -43.17 13.39 0.23
C LEU F 178 -43.60 14.10 -1.05
N PRO F 179 -43.06 13.69 -2.23
CA PRO F 179 -43.43 14.34 -3.49
C PRO F 179 -44.77 13.84 -4.04
N GLY F 180 -45.84 14.45 -3.56
CA GLY F 180 -47.18 14.26 -4.12
C GLY F 180 -47.37 15.10 -5.37
N GLY F 181 -48.23 14.63 -6.27
CA GLY F 181 -48.50 15.30 -7.55
C GLY F 181 -49.27 16.60 -7.44
N GLY F 182 -48.97 17.41 -6.43
CA GLY F 182 -49.57 18.71 -6.29
C GLY F 182 -49.07 19.75 -7.29
N ALA F 183 -49.45 21.00 -7.06
CA ALA F 183 -49.16 22.12 -7.96
C ALA F 183 -47.71 22.62 -7.94
N THR F 184 -47.12 22.68 -6.76
CA THR F 184 -45.77 23.21 -6.56
C THR F 184 -44.81 22.11 -6.09
N ASP F 185 -45.22 20.86 -6.29
CA ASP F 185 -44.52 19.71 -5.76
C ASP F 185 -43.51 19.14 -6.75
N TYR F 186 -43.55 19.65 -7.98
CA TYR F 186 -42.42 19.53 -8.86
C TYR F 186 -41.15 19.92 -8.12
N ALA F 187 -41.20 21.00 -7.35
CA ALA F 187 -39.99 21.51 -6.66
C ALA F 187 -39.44 20.41 -5.78
N ILE F 188 -40.34 19.71 -5.09
CA ILE F 188 -39.99 18.66 -4.13
C ILE F 188 -39.70 17.31 -4.83
N HIS F 189 -40.27 17.11 -6.01
CA HIS F 189 -39.92 15.96 -6.83
C HIS F 189 -38.49 16.14 -7.39
N MET F 190 -38.09 17.38 -7.66
CA MET F 190 -36.78 17.65 -8.26
C MET F 190 -35.63 17.46 -7.25
N TYR F 191 -35.93 17.44 -5.96
CA TYR F 191 -34.90 17.20 -4.95
C TYR F 191 -34.68 15.71 -4.84
N HIS F 192 -35.76 14.97 -4.61
CA HIS F 192 -35.70 13.49 -4.48
C HIS F 192 -35.05 12.87 -5.71
N SER F 193 -35.45 13.37 -6.90
CA SER F 193 -34.86 12.99 -8.20
C SER F 193 -33.38 13.26 -8.24
N ALA F 194 -32.99 14.44 -7.76
CA ALA F 194 -31.60 14.89 -7.76
C ALA F 194 -30.67 14.05 -6.86
N LEU F 195 -31.16 13.67 -5.68
CA LEU F 195 -30.39 12.80 -4.79
C LEU F 195 -30.39 11.38 -5.32
N LEU F 196 -31.51 10.99 -5.93
CA LEU F 196 -31.62 9.67 -6.51
C LEU F 196 -30.88 9.58 -7.84
N GLN F 197 -30.52 10.74 -8.37
CA GLN F 197 -29.91 10.86 -9.70
C GLN F 197 -30.77 10.19 -10.76
N LYS F 198 -32.08 10.32 -10.60
CA LYS F 198 -33.04 9.95 -11.63
C LYS F 198 -33.20 11.19 -12.51
N LYS F 199 -34.12 11.12 -13.47
CA LYS F 199 -34.59 12.33 -14.17
C LYS F 199 -35.83 12.90 -13.46
N CYS F 200 -35.97 14.21 -13.47
CA CYS F 200 -37.19 14.82 -12.98
C CYS F 200 -38.15 15.06 -14.15
N VAL F 201 -39.41 14.66 -13.97
CA VAL F 201 -40.48 14.94 -14.93
C VAL F 201 -41.23 16.16 -14.43
N CYS F 202 -40.90 17.36 -14.94
CA CYS F 202 -41.53 18.60 -14.40
C CYS F 202 -42.75 19.08 -15.22
N PRO F 203 -43.99 18.92 -14.68
CA PRO F 203 -45.21 19.39 -15.31
C PRO F 203 -45.36 20.89 -15.48
N VAL F 204 -44.57 21.67 -14.77
CA VAL F 204 -44.65 23.14 -14.81
C VAL F 204 -43.63 23.68 -15.78
N LEU F 205 -44.02 24.65 -16.57
CA LEU F 205 -43.13 25.18 -17.59
C LEU F 205 -41.85 25.79 -17.03
N PRO F 206 -40.74 25.59 -17.75
CA PRO F 206 -39.43 25.93 -17.23
C PRO F 206 -39.28 27.34 -16.65
N TYR F 207 -39.99 28.33 -17.20
CA TYR F 207 -39.84 29.72 -16.76
C TYR F 207 -41.18 30.29 -16.21
N GLU F 208 -41.95 29.40 -15.61
CA GLU F 208 -43.06 29.83 -14.79
C GLU F 208 -42.58 30.30 -13.38
N SER F 209 -42.46 31.62 -13.16
CA SER F 209 -42.13 32.11 -11.82
C SER F 209 -43.33 31.94 -10.88
N LEU F 210 -43.03 31.64 -9.61
CA LEU F 210 -44.06 31.62 -8.61
C LEU F 210 -43.53 32.10 -7.25
N PRO F 211 -44.37 32.81 -6.47
CA PRO F 211 -44.09 33.08 -5.06
C PRO F 211 -43.88 31.76 -4.33
N MET F 212 -42.76 31.63 -3.64
CA MET F 212 -42.46 30.41 -2.85
C MET F 212 -41.90 30.77 -1.46
N MET F 213 -41.95 29.82 -0.52
CA MET F 213 -41.43 30.08 0.82
C MET F 213 -40.96 28.77 1.41
N TYR F 214 -39.80 28.77 2.07
CA TYR F 214 -39.32 27.55 2.79
C TYR F 214 -39.97 27.49 4.15
N MET F 215 -40.45 26.31 4.51
CA MET F 215 -41.24 26.11 5.70
C MET F 215 -40.76 26.91 6.94
N PRO F 216 -39.46 26.87 7.27
CA PRO F 216 -38.95 27.69 8.38
C PRO F 216 -39.58 29.04 8.47
N ASP F 217 -39.61 29.76 7.36
CA ASP F 217 -40.11 31.12 7.38
C ASP F 217 -41.64 31.17 7.56
N THR F 218 -42.32 30.12 7.13
CA THR F 218 -43.78 30.02 7.25
C THR F 218 -44.24 29.82 8.68
N LEU F 219 -43.50 29.00 9.42
CA LEU F 219 -43.89 28.71 10.79
C LEU F 219 -43.56 29.92 11.61
N ASN F 220 -42.40 30.53 11.38
CA ASN F 220 -42.09 31.81 12.03
C ASN F 220 -43.24 32.79 11.81
N SER F 221 -43.68 32.89 10.55
CA SER F 221 -44.68 33.89 10.17
C SER F 221 -46.07 33.54 10.70
N LEU F 222 -46.49 32.29 10.60
CA LEU F 222 -47.79 31.90 11.07
C LEU F 222 -48.00 32.19 12.57
N VAL F 223 -46.90 32.27 13.31
CA VAL F 223 -46.94 32.57 14.72
C VAL F 223 -46.81 34.07 14.93
N LYS F 224 -45.89 34.70 14.23
CA LYS F 224 -45.71 36.14 14.38
C LYS F 224 -47.06 36.87 14.20
N ILE F 225 -47.85 36.42 13.23
CA ILE F 225 -49.14 37.09 12.91
C ILE F 225 -50.18 36.83 14.01
N MET F 226 -50.23 35.62 14.56
CA MET F 226 -51.14 35.28 15.64
C MET F 226 -50.73 35.81 17.05
N GLU F 227 -49.48 36.22 17.20
CA GLU F 227 -49.01 36.85 18.43
C GLU F 227 -49.29 38.36 18.45
N ALA F 228 -49.36 38.97 17.28
CA ALA F 228 -49.54 40.41 17.11
C ALA F 228 -50.67 41.01 17.93
N PRO F 229 -50.44 42.19 18.52
CA PRO F 229 -51.58 42.97 19.06
C PRO F 229 -52.61 43.39 17.99
N LEU F 230 -53.87 43.11 18.22
CA LEU F 230 -54.91 43.39 17.24
C LEU F 230 -54.81 44.77 16.63
N GLU F 231 -54.52 45.75 17.46
CA GLU F 231 -54.53 47.14 17.02
C GLU F 231 -53.49 47.39 15.94
N LYS F 232 -52.42 46.60 15.91
CA LYS F 232 -51.41 46.66 14.83
C LYS F 232 -51.94 46.14 13.48
N LEU F 233 -52.89 45.22 13.52
CA LEU F 233 -53.44 44.64 12.28
C LEU F 233 -54.39 45.58 11.58
N THR F 234 -53.87 46.12 10.48
CA THR F 234 -54.59 47.06 9.66
C THR F 234 -55.58 46.30 8.78
N ARG F 235 -55.34 45.01 8.54
CA ARG F 235 -56.26 44.20 7.75
C ARG F 235 -56.42 42.74 8.24
N THR F 236 -57.37 42.02 7.67
CA THR F 236 -57.58 40.61 8.05
C THR F 236 -56.80 39.62 7.22
N VAL F 237 -56.47 40.01 5.98
CA VAL F 237 -55.86 39.11 5.01
C VAL F 237 -54.60 39.79 4.43
N TYR F 238 -53.45 39.14 4.62
CA TYR F 238 -52.14 39.59 4.11
C TYR F 238 -51.45 38.64 3.12
N ASN F 239 -50.92 39.21 2.06
CA ASN F 239 -49.91 38.50 1.26
C ASN F 239 -48.68 38.34 2.12
N ILE F 240 -48.15 37.10 2.20
CA ILE F 240 -46.72 36.94 2.46
C ILE F 240 -45.99 36.15 1.36
N THR F 241 -44.74 36.50 1.10
CA THR F 241 -43.92 35.66 0.26
C THR F 241 -42.58 35.47 0.87
N GLY F 242 -41.94 34.35 0.51
CA GLY F 242 -40.50 34.11 0.69
C GLY F 242 -39.72 34.74 -0.46
N PHE F 243 -39.70 34.04 -1.60
CA PHE F 243 -39.00 34.50 -2.79
C PHE F 243 -39.63 33.78 -3.99
N SER F 244 -39.45 34.33 -5.18
CA SER F 244 -39.98 33.71 -6.38
C SER F 244 -38.90 32.95 -7.09
N PHE F 245 -39.19 31.73 -7.46
CA PHE F 245 -38.37 31.07 -8.47
C PHE F 245 -39.21 30.35 -9.51
N SER F 246 -38.56 30.12 -10.65
CA SER F 246 -39.06 29.22 -11.68
C SER F 246 -38.39 27.86 -11.58
N PRO F 247 -38.91 26.89 -12.32
CA PRO F 247 -38.20 25.62 -12.31
C PRO F 247 -36.76 25.69 -12.77
N SER F 248 -36.44 26.55 -13.72
CA SER F 248 -35.05 26.60 -14.19
C SER F 248 -34.17 27.26 -13.13
N GLU F 249 -34.68 28.23 -12.39
CA GLU F 249 -33.88 28.82 -11.31
C GLU F 249 -33.67 27.78 -10.22
N LEU F 250 -34.71 27.07 -9.81
CA LEU F 250 -34.54 25.95 -8.86
C LEU F 250 -33.58 24.87 -9.33
N ARG F 251 -33.39 24.76 -10.65
CA ARG F 251 -32.44 23.80 -11.20
C ARG F 251 -31.02 24.28 -11.00
N PHE F 252 -30.72 25.51 -11.45
CA PHE F 252 -29.43 26.17 -11.18
C PHE F 252 -29.08 26.23 -9.70
N SER F 253 -30.08 26.14 -8.81
CA SER F 253 -29.82 26.22 -7.37
C SER F 253 -29.36 24.86 -6.84
N ILE F 254 -30.07 23.81 -7.23
CA ILE F 254 -29.69 22.47 -6.84
C ILE F 254 -28.29 22.10 -7.33
N GLU F 255 -27.98 22.49 -8.56
CA GLU F 255 -26.75 22.10 -9.23
C GLU F 255 -25.54 22.87 -8.70
N ARG F 256 -25.71 24.15 -8.37
CA ARG F 256 -24.71 24.88 -7.60
C ARG F 256 -24.33 24.10 -6.34
N CYS F 257 -25.31 23.47 -5.71
CA CYS F 257 -25.07 22.73 -4.47
C CYS F 257 -24.47 21.35 -4.67
N THR F 258 -24.96 20.59 -5.63
CA THR F 258 -24.40 19.26 -5.91
C THR F 258 -23.06 19.35 -6.60
N ASP F 259 -22.87 20.37 -7.43
CA ASP F 259 -21.73 20.46 -8.33
C ASP F 259 -21.75 19.29 -9.33
N ARG F 260 -22.97 18.94 -9.73
CA ARG F 260 -23.26 17.99 -10.80
C ARG F 260 -24.29 18.64 -11.73
N THR F 261 -24.50 18.02 -12.88
CA THR F 261 -25.67 18.33 -13.67
C THR F 261 -26.73 17.36 -13.20
N ILE F 262 -27.96 17.83 -13.16
CA ILE F 262 -29.12 16.96 -12.94
C ILE F 262 -30.07 17.37 -14.05
N GLU F 263 -30.69 16.39 -14.69
CA GLU F 263 -31.43 16.66 -15.91
C GLU F 263 -32.92 16.54 -15.63
N VAL F 264 -33.63 17.55 -16.14
CA VAL F 264 -35.06 17.76 -15.93
C VAL F 264 -35.72 17.73 -17.29
N GLU F 265 -36.79 16.96 -17.41
CA GLU F 265 -37.57 16.91 -18.65
C GLU F 265 -38.87 17.67 -18.40
N TYR F 266 -39.10 18.71 -19.18
CA TYR F 266 -40.26 19.55 -18.96
C TYR F 266 -41.39 19.07 -19.86
N VAL F 267 -42.55 18.78 -19.25
CA VAL F 267 -43.77 18.42 -19.98
C VAL F 267 -44.92 19.29 -19.54
N GLU F 268 -46.08 19.01 -20.11
CA GLU F 268 -47.35 19.48 -19.63
C GLU F 268 -47.93 18.48 -18.63
N GLY F 269 -48.15 18.97 -17.41
CA GLY F 269 -49.10 18.35 -16.48
C GLY F 269 -50.23 19.33 -16.18
N PRO F 270 -51.28 18.86 -15.48
CA PRO F 270 -52.40 19.73 -15.09
C PRO F 270 -51.97 20.97 -14.29
N ALA F 271 -50.91 20.84 -13.51
CA ALA F 271 -50.39 21.95 -12.73
C ALA F 271 -50.02 23.19 -13.54
N GLN F 272 -49.64 23.00 -14.81
CA GLN F 272 -49.10 24.07 -15.62
C GLN F 272 -50.07 25.21 -15.88
N LYS F 273 -51.30 24.89 -16.29
CA LYS F 273 -52.32 25.93 -16.58
C LYS F 273 -52.77 26.68 -15.30
N ILE F 274 -52.82 25.94 -14.21
CA ILE F 274 -53.16 26.49 -12.92
C ILE F 274 -52.09 27.48 -12.49
N ALA F 275 -50.84 27.05 -12.50
CA ALA F 275 -49.73 27.90 -12.10
C ALA F 275 -49.49 29.05 -13.07
N ASN F 276 -49.80 28.85 -14.33
CA ASN F 276 -49.76 29.97 -15.25
C ASN F 276 -50.76 31.09 -14.88
N SER F 277 -51.90 30.75 -14.31
CA SER F 277 -52.89 31.79 -14.00
C SER F 277 -52.56 32.51 -12.67
N TRP F 278 -51.55 32.02 -11.95
CA TRP F 278 -51.19 32.59 -10.64
C TRP F 278 -50.14 33.68 -10.87
N PRO F 279 -49.93 34.58 -9.88
CA PRO F 279 -48.95 35.62 -10.05
C PRO F 279 -47.48 35.14 -10.02
N ASP F 280 -46.57 36.00 -10.45
CA ASP F 280 -45.11 35.77 -10.52
C ASP F 280 -44.40 36.14 -9.18
N SER F 281 -44.92 37.16 -8.50
CA SER F 281 -44.41 37.57 -7.20
C SER F 281 -45.50 38.38 -6.46
N LEU F 282 -45.34 38.55 -5.15
CA LEU F 282 -46.32 39.30 -4.32
C LEU F 282 -45.71 40.53 -3.63
N ASP F 283 -46.49 41.58 -3.49
CA ASP F 283 -46.15 42.69 -2.61
C ASP F 283 -46.62 42.29 -1.21
N ASP F 284 -45.68 42.04 -0.28
CA ASP F 284 -46.07 41.72 1.10
C ASP F 284 -45.69 42.82 2.09
N SER F 285 -45.59 44.04 1.59
CA SER F 285 -45.12 45.13 2.43
C SER F 285 -46.09 45.48 3.57
N ASN F 286 -47.39 45.19 3.40
CA ASN F 286 -48.35 45.46 4.49
C ASN F 286 -48.08 44.56 5.65
N ALA F 287 -47.69 43.33 5.33
CA ALA F 287 -47.37 42.31 6.34
C ALA F 287 -46.04 42.59 7.06
N ARG F 288 -45.03 43.05 6.31
CA ARG F 288 -43.78 43.54 6.90
C ARG F 288 -44.08 44.70 7.86
N ASN F 289 -44.76 45.72 7.35
CA ASN F 289 -45.01 46.96 8.08
C ASN F 289 -45.93 46.84 9.33
N ASP F 290 -47.03 46.09 9.25
CA ASP F 290 -47.93 45.90 10.40
C ASP F 290 -47.44 44.94 11.50
N TRP F 291 -46.85 43.82 11.11
CA TRP F 291 -46.45 42.79 12.06
C TRP F 291 -45.11 42.15 11.83
N GLY F 292 -44.26 42.78 11.01
CA GLY F 292 -42.86 42.36 10.93
C GLY F 292 -42.58 41.00 10.29
N HIS F 293 -43.40 40.60 9.30
CA HIS F 293 -43.11 39.41 8.46
C HIS F 293 -41.69 39.49 7.91
N GLN F 294 -40.95 38.41 8.02
CA GLN F 294 -39.53 38.37 7.69
C GLN F 294 -39.13 37.04 7.08
N VAL F 295 -38.07 37.06 6.26
CA VAL F 295 -37.63 35.90 5.51
C VAL F 295 -36.12 35.68 5.67
N LYS F 296 -35.71 34.50 6.09
CA LYS F 296 -34.27 34.20 6.30
C LYS F 296 -33.63 33.36 5.19
N TYR F 297 -34.33 32.34 4.72
CA TYR F 297 -33.82 31.51 3.65
C TYR F 297 -33.97 32.18 2.29
N ASP F 298 -32.89 32.19 1.51
CA ASP F 298 -32.97 32.35 0.05
C ASP F 298 -32.97 30.97 -0.62
N ILE F 299 -32.86 30.96 -1.96
CA ILE F 299 -33.03 29.75 -2.71
C ILE F 299 -31.83 28.84 -2.51
N ASP F 300 -30.62 29.36 -2.48
CA ASP F 300 -29.48 28.46 -2.18
C ASP F 300 -29.53 27.89 -0.75
N MET F 301 -29.73 28.76 0.25
CA MET F 301 -29.97 28.29 1.62
C MET F 301 -30.92 27.09 1.66
N MET F 302 -32.16 27.30 1.19
CA MET F 302 -33.20 26.24 1.18
C MET F 302 -32.75 24.92 0.54
N SER F 303 -32.11 25.02 -0.60
CA SER F 303 -31.68 23.82 -1.31
C SER F 303 -30.68 23.00 -0.49
N GLU F 304 -29.74 23.70 0.13
CA GLU F 304 -28.76 23.10 1.03
C GLU F 304 -29.42 22.36 2.19
N ASP F 305 -30.45 22.97 2.79
CA ASP F 305 -31.19 22.34 3.86
C ASP F 305 -31.90 21.07 3.40
N MET F 306 -32.60 21.15 2.27
CA MET F 306 -33.39 20.04 1.70
C MET F 306 -32.53 18.85 1.22
N LEU F 307 -31.44 19.18 0.55
CA LEU F 307 -30.46 18.15 0.18
C LEU F 307 -30.03 17.29 1.38
N ARG F 308 -29.68 17.93 2.51
CA ARG F 308 -29.38 17.21 3.77
C ARG F 308 -30.54 16.38 4.28
N GLN F 309 -31.66 17.05 4.50
CA GLN F 309 -32.72 16.51 5.33
C GLN F 309 -33.46 15.30 4.75
N ILE F 310 -33.51 15.20 3.43
CA ILE F 310 -34.39 14.21 2.82
C ILE F 310 -33.89 12.78 3.01
N PRO F 311 -32.60 12.50 2.65
CA PRO F 311 -32.04 11.16 2.88
C PRO F 311 -32.25 10.75 4.34
N ILE F 312 -31.89 11.65 5.26
CA ILE F 312 -32.25 11.49 6.67
C ILE F 312 -33.69 10.98 6.86
N LEU F 313 -34.70 11.71 6.37
CA LEU F 313 -36.07 11.39 6.74
C LEU F 313 -36.72 10.26 5.93
N HIS F 314 -36.24 10.01 4.71
CA HIS F 314 -36.92 9.08 3.78
C HIS F 314 -36.07 7.91 3.26
N GLY F 315 -34.85 7.78 3.80
CA GLY F 315 -33.95 6.68 3.45
C GLY F 315 -33.09 6.94 2.23
N LEU F 316 -33.38 8.01 1.49
CA LEU F 316 -32.75 8.22 0.18
C LEU F 316 -31.22 8.33 0.27
N PRO F 317 -30.52 8.08 -0.86
CA PRO F 317 -29.10 8.41 -1.09
C PRO F 317 -28.73 9.84 -0.68
N SER F 318 -27.44 10.16 -0.54
CA SER F 318 -27.07 11.48 0.03
C SER F 318 -25.82 12.17 -0.56
N LEU F 319 -25.25 13.11 0.20
CA LEU F 319 -24.42 14.26 -0.28
C LEU F 319 -24.99 14.99 -1.50
#